data_9FI6
#
_entry.id   9FI6
#
_cell.length_a   197.722
_cell.length_b   89.581
_cell.length_c   146.852
_cell.angle_alpha   90.000
_cell.angle_beta   120.389
_cell.angle_gamma   90.000
#
_symmetry.space_group_name_H-M   'C 1 2 1'
#
loop_
_entity.id
_entity.type
_entity.pdbx_description
1 polymer 'Alginate lyase family protein'
2 branched 'beta-D-mannopyranuronic acid-(1-4)-beta-D-mannopyranuronic acid-(1-4)-beta-D-mannopyranuronic acid-(1-4)-beta-D-mannopyranuronic acid'
3 non-polymer 'SULFATE ION'
4 water water
#
_entity_poly.entity_id   1
_entity_poly.type   'polypeptide(L)'
_entity_poly.pdbx_seq_one_letter_code
;MGSSHHHHHHSSGLVPRGSHMASAPLGPFNATLLEQLKNDYQKGEKEVTRYIELQEKVAEKYIKMTPLSVTAKKKLPPSK
DPRDYMTLSPFWWPDSTKIDGLPYIRKDGERNPEVYEYPERENANRFGDAAYCLGVLYYITGKEVYAKACANHLRTWFTD
PKLGMNPNMTYAQAVPGMKKMRGSGFIDSRRFSRALGVAKLIEGSKSWTPSDKKKLDDWATAFCYWMENSTQGQRESHAA
NNHGLWYEAIHLMVLAYLDRTDRIREVAEQSILPKMGAQIADDGSLPQELKRTLSLHFSTFALEALMEANQITSQIGINL
WSTPASNGKVASQAVDYLYPFYLNPEDWKFKQIKPFDQSRAAILLYEAGTALGNQKYVDTAKRIGLKYSTSDVETIPYLV
LKKK
;
_entity_poly.pdbx_strand_id   A,B,C,D
#
loop_
_chem_comp.id
_chem_comp.type
_chem_comp.name
_chem_comp.formula
BEM D-saccharide, beta linking 'beta-D-mannopyranuronic acid' 'C6 H10 O7'
SO4 non-polymer 'SULFATE ION' 'O4 S -2'
#
# COMPACT_ATOMS: atom_id res chain seq x y z
N SER A 23 49.19 -21.08 31.03
CA SER A 23 48.03 -21.45 30.20
C SER A 23 46.67 -21.01 30.81
N ALA A 24 45.89 -20.22 30.06
CA ALA A 24 44.70 -19.58 30.65
C ALA A 24 43.59 -20.61 30.85
N PRO A 25 42.86 -20.52 31.96
CA PRO A 25 41.65 -21.35 32.11
C PRO A 25 40.66 -21.02 30.99
N LEU A 26 39.84 -22.01 30.68
CA LEU A 26 38.88 -21.89 29.60
C LEU A 26 37.83 -20.83 29.94
N GLY A 27 37.60 -19.88 29.03
CA GLY A 27 36.65 -18.82 29.30
C GLY A 27 36.43 -17.87 28.13
N PRO A 28 35.64 -16.81 28.35
CA PRO A 28 35.14 -16.00 27.23
C PRO A 28 36.00 -14.80 26.91
N PHE A 29 37.18 -15.04 26.34
CA PHE A 29 38.16 -14.01 26.06
C PHE A 29 39.14 -14.57 25.06
N ASN A 30 39.85 -13.69 24.38
CA ASN A 30 40.93 -14.14 23.50
C ASN A 30 42.10 -14.59 24.38
N ALA A 31 42.18 -15.92 24.59
CA ALA A 31 43.16 -16.49 25.51
C ALA A 31 44.59 -16.29 25.01
N THR A 32 44.80 -16.27 23.70
CA THR A 32 46.15 -16.02 23.21
C THR A 32 46.63 -14.63 23.59
N LEU A 33 45.78 -13.61 23.44
CA LEU A 33 46.21 -12.27 23.80
C LEU A 33 46.28 -12.09 25.32
N LEU A 34 45.43 -12.80 26.07
CA LEU A 34 45.49 -12.72 27.52
C LEU A 34 46.76 -13.35 28.07
N GLU A 35 47.18 -14.48 27.49
CA GLU A 35 48.41 -15.12 27.93
C GLU A 35 49.62 -14.26 27.59
N GLN A 36 49.64 -13.71 26.37
CA GLN A 36 50.72 -12.81 25.96
C GLN A 36 50.83 -11.62 26.91
N LEU A 37 49.69 -11.10 27.40
CA LEU A 37 49.71 -9.94 28.29
C LEU A 37 50.25 -10.29 29.66
N LYS A 38 49.78 -11.41 30.24
CA LYS A 38 50.29 -11.81 31.55
C LYS A 38 51.76 -12.19 31.44
N ASN A 39 52.14 -12.82 30.32
CA ASN A 39 53.54 -13.18 30.09
C ASN A 39 54.43 -11.94 30.14
N ASP A 40 54.10 -10.94 29.32
CA ASP A 40 54.94 -9.76 29.20
C ASP A 40 54.86 -8.87 30.43
N TYR A 41 53.75 -8.92 31.18
CA TYR A 41 53.71 -8.18 32.44
C TYR A 41 54.61 -8.85 33.47
N GLN A 42 54.67 -10.17 33.47
CA GLN A 42 55.58 -10.86 34.37
C GLN A 42 57.04 -10.67 33.97
N LYS A 43 57.35 -10.67 32.67
CA LYS A 43 58.72 -10.39 32.27
C LYS A 43 59.15 -8.96 32.55
N GLY A 44 58.25 -8.10 33.03
CA GLY A 44 58.59 -6.72 33.31
C GLY A 44 58.69 -5.81 32.11
N GLU A 45 58.25 -6.27 30.94
CA GLU A 45 58.33 -5.46 29.73
C GLU A 45 57.64 -4.12 29.93
N LYS A 46 58.25 -3.05 29.39
CA LYS A 46 57.83 -1.70 29.73
C LYS A 46 56.52 -1.32 29.07
N GLU A 47 56.28 -1.78 27.84
CA GLU A 47 55.09 -1.39 27.10
C GLU A 47 53.83 -2.01 27.70
N VAL A 48 53.90 -3.29 28.06
CA VAL A 48 52.78 -3.93 28.72
C VAL A 48 52.64 -3.43 30.15
N THR A 49 53.76 -3.32 30.89
CA THR A 49 53.68 -2.84 32.26
C THR A 49 52.98 -1.49 32.33
N ARG A 50 53.25 -0.61 31.36
CA ARG A 50 52.59 0.70 31.33
C ARG A 50 51.11 0.55 30.98
N TYR A 51 50.80 -0.29 30.00
CA TYR A 51 49.42 -0.54 29.63
C TYR A 51 48.63 -1.14 30.80
N ILE A 52 49.19 -2.15 31.46
CA ILE A 52 48.47 -2.71 32.60
C ILE A 52 48.29 -1.69 33.71
N GLU A 53 49.23 -0.75 33.86
CA GLU A 53 49.08 0.27 34.91
C GLU A 53 48.04 1.34 34.54
N LEU A 54 47.88 1.64 33.25
CA LEU A 54 46.66 2.33 32.82
C LEU A 54 45.42 1.54 33.26
N GLN A 55 45.33 0.28 32.84
CA GLN A 55 44.16 -0.54 33.16
C GLN A 55 43.86 -0.57 34.66
N GLU A 56 44.88 -0.55 35.50
CA GLU A 56 44.61 -0.61 36.93
C GLU A 56 43.99 0.69 37.42
N LYS A 57 44.33 1.81 36.78
CA LYS A 57 43.69 3.05 37.20
C LYS A 57 42.25 3.15 36.70
N VAL A 58 41.97 2.63 35.50
CA VAL A 58 40.57 2.49 35.07
C VAL A 58 39.81 1.58 36.03
N ALA A 59 40.46 0.51 36.49
CA ALA A 59 39.77 -0.52 37.26
C ALA A 59 39.52 -0.12 38.71
N GLU A 60 40.04 1.02 39.16
CA GLU A 60 39.85 1.44 40.55
C GLU A 60 38.38 1.66 40.89
N LYS A 61 37.63 2.32 40.03
CA LYS A 61 36.24 2.61 40.34
C LYS A 61 35.43 1.35 40.59
N TYR A 62 35.85 0.19 40.08
CA TYR A 62 35.09 -1.04 40.34
C TYR A 62 35.41 -1.64 41.69
N ILE A 63 36.52 -1.26 42.31
CA ILE A 63 36.84 -1.81 43.63
C ILE A 63 35.89 -1.24 44.68
N LYS A 64 35.57 0.05 44.57
CA LYS A 64 34.66 0.77 45.47
C LYS A 64 33.19 0.53 45.11
N MET A 65 32.91 0.24 43.84
CA MET A 65 31.56 0.17 43.30
C MET A 65 30.72 -0.81 44.11
N THR A 66 29.59 -0.34 44.61
CA THR A 66 28.70 -1.20 45.37
C THR A 66 28.10 -2.25 44.43
N PRO A 67 28.06 -3.51 44.84
CA PRO A 67 27.53 -4.55 43.94
C PRO A 67 26.04 -4.42 43.69
N LEU A 68 25.65 -4.65 42.44
CA LEU A 68 24.29 -4.49 41.95
C LEU A 68 23.56 -5.82 42.04
N SER A 69 22.23 -5.71 42.09
CA SER A 69 21.36 -6.87 42.18
C SER A 69 20.21 -6.67 41.21
N VAL A 70 19.74 -7.79 40.65
CA VAL A 70 18.51 -7.82 39.85
C VAL A 70 17.30 -7.36 40.66
N THR A 71 17.39 -7.41 41.99
CA THR A 71 16.23 -7.13 42.84
C THR A 71 16.00 -5.65 43.11
N ALA A 72 16.91 -4.76 42.70
CA ALA A 72 16.74 -3.33 42.94
C ALA A 72 15.74 -2.74 41.95
N LYS A 73 14.47 -3.14 42.10
CA LYS A 73 13.44 -2.66 41.21
C LYS A 73 12.14 -2.54 42.00
N LYS A 74 11.27 -1.63 41.55
CA LYS A 74 9.95 -1.45 42.15
C LYS A 74 8.87 -2.27 41.46
N LYS A 75 8.68 -2.07 40.16
CA LYS A 75 7.67 -2.82 39.43
C LYS A 75 8.10 -4.28 39.30
N LEU A 76 7.34 -5.17 39.89
CA LEU A 76 7.69 -6.58 39.98
C LEU A 76 7.24 -7.37 38.74
N PRO A 77 7.88 -8.50 38.45
CA PRO A 77 7.46 -9.33 37.31
C PRO A 77 6.18 -10.09 37.64
N PRO A 78 5.52 -10.69 36.66
CA PRO A 78 4.28 -11.44 36.94
C PRO A 78 4.43 -12.54 37.98
N SER A 79 5.64 -13.02 38.26
CA SER A 79 5.86 -13.99 39.33
C SER A 79 5.92 -13.36 40.72
N LYS A 80 5.86 -12.02 40.80
CA LYS A 80 5.97 -11.27 42.05
C LYS A 80 7.33 -11.49 42.72
N ASP A 81 8.33 -11.92 41.97
CA ASP A 81 9.63 -12.20 42.54
C ASP A 81 10.66 -11.20 42.05
N PRO A 82 11.22 -10.36 42.92
CA PRO A 82 12.23 -9.39 42.47
C PRO A 82 13.52 -10.04 41.99
N ARG A 83 13.81 -11.30 42.36
CA ARG A 83 14.96 -12.03 41.85
C ARG A 83 14.81 -12.49 40.39
N ASP A 84 13.65 -12.31 39.77
CA ASP A 84 13.46 -12.66 38.36
C ASP A 84 13.87 -11.49 37.49
N TYR A 85 14.81 -11.73 36.58
CA TYR A 85 15.21 -10.72 35.61
C TYR A 85 14.04 -10.37 34.70
N MET A 86 13.83 -9.06 34.50
CA MET A 86 12.76 -8.58 33.63
C MET A 86 13.22 -7.34 32.90
N THR A 87 13.14 -7.36 31.57
CA THR A 87 13.32 -6.16 30.78
C THR A 87 12.17 -6.04 29.77
N LEU A 88 12.17 -4.92 29.04
CA LEU A 88 11.25 -4.67 27.93
C LEU A 88 11.95 -4.92 26.60
N SER A 89 11.23 -5.51 25.66
CA SER A 89 11.79 -5.75 24.33
C SER A 89 11.97 -4.41 23.63
N PRO A 90 13.18 -4.08 23.18
CA PRO A 90 13.52 -2.66 22.95
C PRO A 90 12.74 -1.99 21.83
N PHE A 91 12.22 -2.73 20.86
CA PHE A 91 11.61 -2.13 19.69
C PHE A 91 10.09 -2.10 19.78
N TRP A 92 9.52 -2.31 20.97
CA TRP A 92 8.09 -2.38 21.14
C TRP A 92 7.59 -1.14 21.88
N TRP A 93 6.53 -0.54 21.35
CA TRP A 93 6.04 0.78 21.72
C TRP A 93 4.57 0.74 22.11
N PRO A 94 4.14 1.61 23.02
CA PRO A 94 2.71 1.71 23.29
C PRO A 94 1.96 2.18 22.05
N ASP A 95 0.75 1.66 21.86
CA ASP A 95 -0.07 2.02 20.71
C ASP A 95 -0.96 3.20 21.08
N SER A 96 -0.69 4.36 20.47
CA SER A 96 -1.45 5.55 20.84
C SER A 96 -2.90 5.49 20.38
N THR A 97 -3.21 4.68 19.37
CA THR A 97 -4.61 4.54 18.96
C THR A 97 -5.41 3.60 19.87
N LYS A 98 -4.80 3.09 20.95
CA LYS A 98 -5.48 2.26 21.94
C LYS A 98 -5.58 3.05 23.23
N ILE A 99 -6.63 2.77 23.99
CA ILE A 99 -6.94 3.60 25.15
C ILE A 99 -5.91 3.42 26.25
N ASP A 100 -5.30 2.25 26.33
CA ASP A 100 -4.29 1.99 27.34
C ASP A 100 -2.93 1.78 26.69
N GLY A 101 -2.81 2.07 25.41
CA GLY A 101 -1.58 1.80 24.71
C GLY A 101 -1.32 0.33 24.41
N LEU A 102 -2.22 -0.58 24.81
CA LEU A 102 -2.10 -2.04 24.72
C LEU A 102 -2.94 -2.58 23.57
N PRO A 103 -2.43 -3.60 22.84
CA PRO A 103 -1.09 -4.19 23.00
C PRO A 103 -0.03 -3.37 22.29
N TYR A 104 1.22 -3.46 22.75
CA TYR A 104 2.31 -2.76 22.11
C TYR A 104 2.51 -3.27 20.69
N ILE A 105 3.00 -2.37 19.84
CA ILE A 105 3.33 -2.64 18.45
C ILE A 105 4.82 -2.47 18.26
N ARG A 106 5.34 -3.08 17.20
CA ARG A 106 6.76 -3.17 16.91
C ARG A 106 7.14 -2.16 15.86
N LYS A 107 8.23 -1.44 16.12
CA LYS A 107 8.86 -0.54 15.16
C LYS A 107 10.33 -0.97 15.07
N ASP A 108 10.65 -1.74 14.03
CA ASP A 108 11.97 -2.32 13.94
C ASP A 108 13.02 -1.22 13.89
N GLY A 109 14.03 -1.31 14.76
CA GLY A 109 15.16 -0.41 14.77
C GLY A 109 15.05 0.77 15.70
N GLU A 110 13.88 0.99 16.32
CA GLU A 110 13.59 2.19 17.09
C GLU A 110 13.48 1.80 18.57
N ARG A 111 14.49 2.17 19.35
CA ARG A 111 14.50 1.82 20.76
C ARG A 111 13.51 2.68 21.53
N ASN A 112 12.60 2.04 22.25
CA ASN A 112 11.61 2.66 23.10
C ASN A 112 12.32 2.99 24.40
N PRO A 113 12.49 4.27 24.74
CA PRO A 113 13.25 4.61 25.96
C PRO A 113 12.58 4.14 27.24
N GLU A 114 11.35 3.60 27.18
CA GLU A 114 10.80 2.89 28.33
C GLU A 114 11.70 1.75 28.80
N VAL A 115 12.60 1.24 27.94
CA VAL A 115 13.52 0.18 28.35
C VAL A 115 14.32 0.57 29.58
N TYR A 116 14.62 1.87 29.76
CA TYR A 116 15.43 2.30 30.89
C TYR A 116 14.64 2.34 32.19
N GLU A 117 13.32 2.12 32.15
CA GLU A 117 12.57 1.98 33.39
C GLU A 117 12.70 0.59 33.99
N TYR A 118 13.47 -0.30 33.36
CA TYR A 118 13.75 -1.62 33.91
C TYR A 118 15.19 -1.62 34.38
N PRO A 119 15.47 -1.59 35.68
CA PRO A 119 16.83 -1.24 36.11
C PRO A 119 17.87 -2.28 35.69
N GLU A 120 17.52 -3.58 35.61
CA GLU A 120 18.47 -4.60 35.18
C GLU A 120 19.05 -4.33 33.79
N ARG A 121 18.31 -3.67 32.91
CA ARG A 121 18.79 -3.52 31.55
C ARG A 121 20.21 -2.97 31.53
N GLU A 122 20.42 -1.86 32.27
CA GLU A 122 21.71 -1.20 32.39
C GLU A 122 22.56 -1.74 33.54
N ASN A 123 21.93 -2.26 34.59
CA ASN A 123 22.72 -2.79 35.71
C ASN A 123 23.41 -4.10 35.37
N ALA A 124 22.86 -4.92 34.50
CA ALA A 124 23.59 -6.11 34.08
C ALA A 124 24.83 -5.73 33.29
N ASN A 125 24.76 -4.62 32.55
CA ASN A 125 25.92 -4.09 31.84
C ASN A 125 26.99 -3.60 32.80
N ARG A 126 26.56 -2.88 33.84
CA ARG A 126 27.50 -2.35 34.83
C ARG A 126 28.14 -3.48 35.63
N PHE A 127 27.33 -4.44 36.07
CA PHE A 127 27.86 -5.64 36.73
C PHE A 127 28.84 -6.38 35.84
N GLY A 128 28.38 -6.82 34.67
CA GLY A 128 29.26 -7.55 33.77
C GLY A 128 30.57 -6.84 33.49
N ASP A 129 30.52 -5.52 33.26
CA ASP A 129 31.76 -4.78 32.99
C ASP A 129 32.71 -4.82 34.19
N ALA A 130 32.18 -4.71 35.41
CA ALA A 130 33.04 -4.66 36.60
C ALA A 130 33.64 -6.02 36.95
N ALA A 131 32.85 -7.09 36.89
CA ALA A 131 33.39 -8.42 37.18
C ALA A 131 34.38 -8.84 36.11
N TYR A 132 34.11 -8.52 34.84
CA TYR A 132 35.01 -8.88 33.76
C TYR A 132 36.32 -8.12 33.86
N CYS A 133 36.25 -6.81 34.09
CA CYS A 133 37.47 -6.02 34.23
C CYS A 133 38.27 -6.46 35.43
N LEU A 134 37.63 -6.63 36.58
CA LEU A 134 38.35 -7.12 37.75
C LEU A 134 38.88 -8.54 37.56
N GLY A 135 38.16 -9.38 36.81
CA GLY A 135 38.60 -10.78 36.68
C GLY A 135 39.81 -10.93 35.76
N VAL A 136 39.82 -10.20 34.65
CA VAL A 136 40.97 -10.16 33.76
C VAL A 136 42.17 -9.52 34.47
N LEU A 137 41.93 -8.46 35.24
CA LEU A 137 43.07 -7.85 35.93
C LEU A 137 43.64 -8.76 37.02
N TYR A 138 42.82 -9.62 37.60
CA TYR A 138 43.38 -10.55 38.58
C TYR A 138 44.25 -11.61 37.90
N TYR A 139 43.78 -12.16 36.78
CA TYR A 139 44.57 -13.09 36.00
C TYR A 139 45.92 -12.51 35.60
N ILE A 140 45.96 -11.22 35.24
CA ILE A 140 47.22 -10.69 34.71
C ILE A 140 48.17 -10.35 35.84
N THR A 141 47.70 -9.63 36.85
CA THR A 141 48.58 -9.07 37.85
C THR A 141 48.75 -9.98 39.06
N GLY A 142 47.79 -10.86 39.32
CA GLY A 142 47.81 -11.69 40.51
C GLY A 142 47.38 -10.99 41.77
N LYS A 143 47.27 -9.66 41.75
CA LYS A 143 46.90 -8.89 42.94
C LYS A 143 45.55 -9.34 43.49
N GLU A 144 45.50 -9.60 44.80
CA GLU A 144 44.33 -10.22 45.42
C GLU A 144 43.18 -9.24 45.52
N VAL A 145 43.47 -7.94 45.56
CA VAL A 145 42.40 -6.98 45.74
C VAL A 145 41.43 -7.05 44.57
N TYR A 146 41.89 -7.52 43.40
CA TYR A 146 41.00 -7.65 42.24
C TYR A 146 40.17 -8.92 42.27
N ALA A 147 40.64 -10.00 42.89
CA ALA A 147 39.75 -11.15 43.03
C ALA A 147 38.69 -10.88 44.07
N LYS A 148 39.09 -10.19 45.16
CA LYS A 148 38.18 -9.89 46.26
C LYS A 148 37.05 -8.99 45.79
N ALA A 149 37.36 -7.98 44.97
CA ALA A 149 36.32 -7.12 44.43
C ALA A 149 35.47 -7.85 43.38
N CYS A 150 36.11 -8.60 42.47
CA CYS A 150 35.34 -9.40 41.53
C CYS A 150 34.39 -10.32 42.29
N ALA A 151 34.91 -11.04 43.29
CA ALA A 151 34.11 -11.95 44.09
C ALA A 151 32.88 -11.27 44.68
N ASN A 152 33.05 -10.03 45.16
CA ASN A 152 31.93 -9.30 45.73
C ASN A 152 30.81 -9.11 44.72
N HIS A 153 31.17 -8.68 43.52
CA HIS A 153 30.17 -8.48 42.47
C HIS A 153 29.49 -9.81 42.10
N LEU A 154 30.28 -10.87 41.95
CA LEU A 154 29.75 -12.18 41.57
C LEU A 154 28.77 -12.72 42.61
N ARG A 155 29.15 -12.67 43.88
CA ARG A 155 28.30 -13.21 44.93
C ARG A 155 26.94 -12.50 44.95
N THR A 156 26.95 -11.19 44.82
CA THR A 156 25.70 -10.46 44.93
C THR A 156 24.82 -10.72 43.71
N TRP A 157 25.40 -10.66 42.51
CA TRP A 157 24.58 -10.81 41.32
C TRP A 157 24.03 -12.23 41.18
N PHE A 158 24.86 -13.24 41.44
CA PHE A 158 24.46 -14.60 41.10
C PHE A 158 23.85 -15.41 42.26
N THR A 159 24.58 -15.60 43.36
CA THR A 159 24.23 -16.66 44.31
C THR A 159 23.61 -16.20 45.62
N ASP A 160 23.64 -14.90 45.94
CA ASP A 160 23.14 -14.47 47.23
C ASP A 160 21.71 -14.96 47.44
N PRO A 161 21.35 -15.46 48.63
CA PRO A 161 20.00 -16.04 48.80
C PRO A 161 18.89 -15.01 48.79
N LYS A 162 19.16 -13.74 49.08
CA LYS A 162 18.14 -12.70 48.93
C LYS A 162 18.37 -11.81 47.71
N LEU A 163 19.65 -11.51 47.36
CA LEU A 163 19.98 -10.57 46.29
C LEU A 163 20.27 -11.22 44.96
N GLY A 164 20.58 -12.50 44.95
CA GLY A 164 20.97 -13.16 43.72
C GLY A 164 19.78 -13.40 42.81
N MET A 165 20.06 -13.36 41.52
CA MET A 165 19.08 -13.50 40.46
C MET A 165 18.70 -14.99 40.23
N ASN A 166 17.41 -15.25 40.06
CA ASN A 166 16.99 -16.63 39.79
C ASN A 166 17.59 -17.13 38.47
N PRO A 167 18.01 -18.40 38.43
CA PRO A 167 18.59 -18.95 37.18
C PRO A 167 17.58 -19.16 36.04
N ASN A 168 17.06 -18.09 35.43
CA ASN A 168 16.12 -18.20 34.31
C ASN A 168 16.02 -16.84 33.62
N MET A 169 15.52 -16.84 32.37
CA MET A 169 15.24 -15.60 31.68
C MET A 169 13.78 -15.54 31.24
N THR A 170 12.89 -16.09 32.08
CA THR A 170 11.46 -16.16 31.77
C THR A 170 10.90 -14.81 31.33
N TYR A 171 11.28 -13.73 32.02
CA TYR A 171 10.69 -12.42 31.80
C TYR A 171 11.60 -11.48 31.05
N ALA A 172 12.65 -11.99 30.41
CA ALA A 172 13.51 -11.12 29.62
C ALA A 172 12.79 -10.67 28.35
N GLN A 173 12.97 -9.39 28.03
CA GLN A 173 12.27 -8.69 26.94
C GLN A 173 10.79 -9.09 26.86
N ALA A 174 10.11 -8.95 27.99
CA ALA A 174 8.65 -9.04 28.00
C ALA A 174 8.04 -7.93 27.11
N VAL A 175 6.80 -8.12 26.74
CA VAL A 175 6.13 -7.13 25.89
C VAL A 175 4.70 -6.91 26.39
N PRO A 176 4.37 -5.71 26.86
CA PRO A 176 3.01 -5.44 27.34
C PRO A 176 1.95 -5.73 26.28
N GLY A 177 0.92 -6.49 26.68
CA GLY A 177 -0.17 -6.87 25.81
C GLY A 177 0.06 -8.13 24.97
N MET A 178 1.29 -8.62 24.88
CA MET A 178 1.56 -9.81 24.06
C MET A 178 1.01 -11.07 24.73
N LYS A 179 0.34 -11.92 23.94
CA LYS A 179 -0.36 -13.08 24.51
C LYS A 179 0.53 -14.31 24.63
N LYS A 180 1.42 -14.51 23.67
CA LYS A 180 2.27 -15.69 23.68
C LYS A 180 3.57 -15.44 24.45
N MET A 181 4.15 -16.54 24.89
CA MET A 181 5.45 -16.55 25.52
C MET A 181 6.54 -16.55 24.45
N ARG A 182 7.60 -15.78 24.69
CA ARG A 182 8.67 -15.66 23.73
C ARG A 182 10.00 -15.92 24.41
N GLY A 183 10.98 -16.29 23.59
CA GLY A 183 12.34 -16.53 24.04
C GLY A 183 13.34 -15.55 23.50
N SER A 184 12.91 -14.49 22.81
CA SER A 184 13.82 -13.51 22.21
C SER A 184 14.69 -12.84 23.25
N GLY A 185 14.18 -12.65 24.46
CA GLY A 185 14.94 -11.93 25.48
C GLY A 185 16.14 -12.67 26.00
N PHE A 186 16.30 -13.95 25.64
CA PHE A 186 17.41 -14.71 26.18
C PHE A 186 18.73 -14.08 25.77
N ILE A 187 18.75 -13.39 24.63
CA ILE A 187 19.93 -12.68 24.19
C ILE A 187 20.43 -11.66 25.21
N ASP A 188 19.58 -11.22 26.16
CA ASP A 188 20.09 -10.33 27.22
C ASP A 188 21.17 -11.01 28.05
N SER A 189 21.22 -12.35 28.04
CA SER A 189 22.07 -13.09 28.96
C SER A 189 23.54 -12.84 28.74
N ARG A 190 23.95 -12.49 27.51
CA ARG A 190 25.34 -12.25 27.20
C ARG A 190 25.96 -11.18 28.08
N ARG A 191 25.15 -10.37 28.79
CA ARG A 191 25.74 -9.33 29.62
C ARG A 191 26.31 -9.89 30.92
N PHE A 192 25.56 -10.74 31.61
CA PHE A 192 26.09 -11.39 32.80
C PHE A 192 26.74 -12.74 32.55
N SER A 193 26.63 -13.33 31.35
CA SER A 193 27.29 -14.62 31.13
C SER A 193 28.78 -14.48 30.82
N ARG A 194 29.23 -13.35 30.26
CA ARG A 194 30.68 -13.12 30.20
C ARG A 194 31.27 -13.02 31.59
N ALA A 195 30.55 -12.41 32.54
CA ALA A 195 31.06 -12.34 33.90
C ALA A 195 31.05 -13.70 34.56
N LEU A 196 30.04 -14.53 34.25
CA LEU A 196 30.08 -15.90 34.77
C LEU A 196 31.35 -16.60 34.34
N GLY A 197 31.73 -16.47 33.07
CA GLY A 197 32.86 -17.21 32.59
C GLY A 197 34.16 -16.79 33.22
N VAL A 198 34.27 -15.49 33.53
CA VAL A 198 35.47 -14.90 34.13
C VAL A 198 35.62 -15.26 35.60
N ALA A 199 34.55 -15.70 36.26
CA ALA A 199 34.67 -16.31 37.57
C ALA A 199 35.68 -17.44 37.57
N LYS A 200 36.02 -17.98 36.41
CA LYS A 200 37.02 -19.04 36.35
C LYS A 200 38.44 -18.50 36.64
N LEU A 201 38.71 -17.22 36.35
CA LEU A 201 40.05 -16.66 36.55
C LEU A 201 40.37 -16.37 38.01
N ILE A 202 39.34 -16.17 38.85
CA ILE A 202 39.56 -15.91 40.26
C ILE A 202 39.54 -17.18 41.10
N GLU A 203 39.31 -18.34 40.48
CA GLU A 203 39.50 -19.60 41.19
C GLU A 203 40.95 -19.70 41.62
N GLY A 204 41.17 -20.05 42.88
CA GLY A 204 42.49 -20.19 43.46
C GLY A 204 42.95 -19.01 44.28
N SER A 205 42.32 -17.85 44.12
CA SER A 205 42.53 -16.73 45.03
C SER A 205 42.05 -17.09 46.43
N LYS A 206 42.52 -16.33 47.43
CA LYS A 206 42.02 -16.58 48.78
C LYS A 206 40.56 -16.15 48.93
N SER A 207 40.06 -15.24 48.09
CA SER A 207 38.72 -14.66 48.27
C SER A 207 37.61 -15.52 47.66
N TRP A 208 37.91 -16.37 46.67
CA TRP A 208 36.92 -17.25 46.07
C TRP A 208 36.99 -18.61 46.78
N THR A 209 36.25 -18.73 47.86
CA THR A 209 36.34 -19.92 48.69
C THR A 209 35.73 -21.11 47.94
N PRO A 210 35.96 -22.33 48.42
CA PRO A 210 35.30 -23.50 47.78
C PRO A 210 33.80 -23.45 47.87
N SER A 211 33.26 -22.83 48.92
CA SER A 211 31.82 -22.70 49.04
C SER A 211 31.25 -21.70 48.01
N ASP A 212 31.93 -20.57 47.81
CA ASP A 212 31.51 -19.64 46.74
C ASP A 212 31.47 -20.33 45.37
N LYS A 213 32.47 -21.15 45.08
CA LYS A 213 32.54 -21.83 43.80
C LYS A 213 31.42 -22.86 43.67
N LYS A 214 31.09 -23.54 44.75
CA LYS A 214 30.03 -24.54 44.68
C LYS A 214 28.71 -23.89 44.30
N LYS A 215 28.30 -22.87 45.06
CA LYS A 215 27.03 -22.21 44.80
C LYS A 215 26.95 -21.70 43.37
N LEU A 216 28.06 -21.19 42.85
CA LEU A 216 28.08 -20.67 41.49
C LEU A 216 27.98 -21.81 40.49
N ASP A 217 28.76 -22.88 40.72
CA ASP A 217 28.63 -24.07 39.92
C ASP A 217 27.19 -24.55 39.94
N ASP A 218 26.55 -24.54 41.10
CA ASP A 218 25.16 -24.95 41.17
C ASP A 218 24.26 -23.97 40.43
N TRP A 219 24.49 -22.67 40.59
CA TRP A 219 23.70 -21.71 39.84
C TRP A 219 23.88 -21.94 38.35
N ALA A 220 25.12 -22.12 37.91
CA ALA A 220 25.36 -22.22 36.48
C ALA A 220 24.75 -23.49 35.91
N THR A 221 24.75 -24.56 36.71
CA THR A 221 24.12 -25.80 36.29
C THR A 221 22.60 -25.63 36.18
N ALA A 222 21.98 -24.93 37.13
CA ALA A 222 20.54 -24.68 37.02
C ALA A 222 20.20 -23.73 35.86
N PHE A 223 21.04 -22.71 35.60
CA PHE A 223 20.81 -21.84 34.45
C PHE A 223 20.96 -22.62 33.15
N CYS A 224 21.97 -23.49 33.11
CA CYS A 224 22.18 -24.31 31.92
C CYS A 224 21.01 -25.25 31.70
N TYR A 225 20.42 -25.77 32.78
CA TYR A 225 19.23 -26.61 32.65
C TYR A 225 18.10 -25.82 32.04
N TRP A 226 17.78 -24.66 32.63
CA TRP A 226 16.69 -23.82 32.14
C TRP A 226 16.84 -23.53 30.63
N MET A 227 18.05 -23.08 30.23
CA MET A 227 18.43 -22.77 28.84
C MET A 227 18.12 -23.87 27.85
N GLU A 228 18.36 -25.12 28.24
CA GLU A 228 18.26 -26.24 27.35
C GLU A 228 16.92 -26.94 27.39
N ASN A 229 16.13 -26.75 28.45
CA ASN A 229 14.91 -27.54 28.67
C ASN A 229 13.63 -26.73 28.80
N SER A 230 13.70 -25.45 29.19
CA SER A 230 12.51 -24.63 29.13
C SER A 230 12.09 -24.51 27.67
N THR A 231 10.79 -24.29 27.46
CA THR A 231 10.28 -24.03 26.13
C THR A 231 10.94 -22.80 25.50
N GLN A 232 11.10 -21.72 26.29
CA GLN A 232 11.77 -20.51 25.80
C GLN A 232 13.20 -20.79 25.38
N GLY A 233 13.94 -21.56 26.18
CA GLY A 233 15.29 -21.91 25.79
C GLY A 233 15.35 -22.80 24.56
N GLN A 234 14.47 -23.81 24.48
CA GLN A 234 14.39 -24.63 23.27
C GLN A 234 14.07 -23.77 22.06
N ARG A 235 13.03 -22.96 22.16
CA ARG A 235 12.61 -22.14 21.03
C ARG A 235 13.75 -21.21 20.58
N GLU A 236 14.46 -20.60 21.53
CA GLU A 236 15.55 -19.70 21.15
C GLU A 236 16.74 -20.45 20.58
N SER A 237 16.97 -21.70 20.99
CA SER A 237 18.06 -22.49 20.45
C SER A 237 17.85 -22.83 18.98
N HIS A 238 16.63 -22.70 18.47
CA HIS A 238 16.33 -23.00 17.07
C HIS A 238 16.09 -21.75 16.24
N ALA A 239 16.25 -20.57 16.83
CA ALA A 239 15.98 -19.33 16.11
C ALA A 239 16.83 -19.28 14.84
N ALA A 240 16.25 -18.74 13.78
CA ALA A 240 16.84 -18.73 12.45
C ALA A 240 17.77 -17.55 12.20
N ASN A 241 17.87 -16.60 13.12
CA ASN A 241 18.67 -15.41 12.84
C ASN A 241 19.82 -15.25 13.82
N ASN A 242 20.26 -14.00 14.05
CA ASN A 242 21.36 -13.83 14.99
C ASN A 242 21.01 -14.29 16.40
N HIS A 243 19.72 -14.44 16.73
CA HIS A 243 19.33 -14.91 18.05
C HIS A 243 19.83 -16.32 18.33
N GLY A 244 19.78 -17.19 17.32
CA GLY A 244 20.24 -18.54 17.52
C GLY A 244 21.74 -18.60 17.68
N LEU A 245 22.48 -17.71 17.00
CA LEU A 245 23.92 -17.71 17.14
C LEU A 245 24.34 -17.15 18.50
N TRP A 246 23.72 -16.05 18.96
CA TRP A 246 24.01 -15.57 20.31
C TRP A 246 23.57 -16.56 21.37
N TYR A 247 22.53 -17.35 21.10
CA TYR A 247 22.15 -18.37 22.08
C TYR A 247 23.29 -19.37 22.27
N GLU A 248 23.93 -19.78 21.18
CA GLU A 248 24.96 -20.78 21.33
C GLU A 248 26.25 -20.18 21.87
N ALA A 249 26.56 -18.91 21.56
CA ALA A 249 27.65 -18.21 22.23
C ALA A 249 27.45 -18.17 23.75
N ILE A 250 26.22 -17.90 24.21
CA ILE A 250 25.91 -17.86 25.64
C ILE A 250 26.00 -19.25 26.24
N HIS A 251 25.43 -20.25 25.54
CA HIS A 251 25.60 -21.66 25.89
C HIS A 251 27.07 -22.03 26.05
N LEU A 252 27.94 -21.63 25.12
CA LEU A 252 29.33 -22.01 25.25
C LEU A 252 30.00 -21.32 26.44
N MET A 253 29.54 -20.13 26.85
CA MET A 253 30.10 -19.52 28.06
C MET A 253 29.70 -20.31 29.29
N VAL A 254 28.42 -20.68 29.40
CA VAL A 254 27.97 -21.44 30.56
C VAL A 254 28.67 -22.79 30.62
N LEU A 255 28.75 -23.49 29.47
CA LEU A 255 29.42 -24.79 29.40
C LEU A 255 30.94 -24.70 29.64
N ALA A 256 31.59 -23.63 29.17
CA ALA A 256 33.03 -23.51 29.46
C ALA A 256 33.26 -23.25 30.93
N TYR A 257 32.39 -22.44 31.57
CA TYR A 257 32.49 -22.21 33.01
C TYR A 257 32.38 -23.53 33.77
N LEU A 258 31.47 -24.41 33.35
CA LEU A 258 31.25 -25.73 33.95
C LEU A 258 32.21 -26.79 33.42
N ASP A 259 33.23 -26.42 32.67
CA ASP A 259 34.26 -27.34 32.17
C ASP A 259 33.70 -28.51 31.34
N ARG A 260 32.50 -28.37 30.80
CA ARG A 260 31.95 -29.38 29.88
C ARG A 260 32.51 -29.11 28.48
N THR A 261 33.75 -29.54 28.25
CA THR A 261 34.36 -29.28 26.94
C THR A 261 33.87 -30.24 25.87
N ASP A 262 33.34 -31.41 26.22
CA ASP A 262 32.78 -32.25 25.18
C ASP A 262 31.45 -31.72 24.70
N ARG A 263 30.68 -31.06 25.58
CA ARG A 263 29.45 -30.41 25.14
C ARG A 263 29.78 -29.26 24.20
N ILE A 264 30.90 -28.59 24.40
CA ILE A 264 31.32 -27.54 23.49
C ILE A 264 31.58 -28.10 22.10
N ARG A 265 32.23 -29.27 22.02
CA ARG A 265 32.44 -29.90 20.72
C ARG A 265 31.11 -30.29 20.08
N GLU A 266 30.17 -30.79 20.90
CA GLU A 266 28.88 -31.20 20.36
C GLU A 266 28.08 -30.01 19.88
N VAL A 267 28.02 -28.94 20.69
CA VAL A 267 27.25 -27.75 20.34
C VAL A 267 27.79 -27.10 19.07
N ALA A 268 29.11 -27.09 18.91
CA ALA A 268 29.72 -26.50 17.71
C ALA A 268 29.37 -27.30 16.46
N GLU A 269 29.39 -28.64 16.55
CA GLU A 269 29.16 -29.48 15.37
C GLU A 269 27.67 -29.64 15.08
N GLN A 270 26.85 -29.74 16.11
CA GLN A 270 25.44 -30.04 15.90
C GLN A 270 24.55 -28.81 15.84
N SER A 271 25.05 -27.63 16.22
CA SER A 271 24.15 -26.50 16.31
C SER A 271 24.72 -25.23 15.68
N ILE A 272 25.96 -24.87 16.02
CA ILE A 272 26.52 -23.64 15.47
C ILE A 272 26.80 -23.80 13.99
N LEU A 273 27.41 -24.94 13.61
CA LEU A 273 27.81 -25.10 12.22
C LEU A 273 26.60 -25.21 11.29
N PRO A 274 25.55 -25.97 11.60
CA PRO A 274 24.32 -25.86 10.79
C PRO A 274 23.73 -24.46 10.77
N LYS A 275 23.70 -23.76 11.91
CA LYS A 275 23.15 -22.40 11.92
C LYS A 275 23.90 -21.50 10.96
N MET A 276 25.21 -21.64 10.92
CA MET A 276 26.01 -20.95 9.91
C MET A 276 25.65 -21.38 8.51
N GLY A 277 25.56 -22.69 8.28
CA GLY A 277 25.34 -23.19 6.93
C GLY A 277 24.06 -22.68 6.30
N ALA A 278 23.04 -22.45 7.13
CA ALA A 278 21.73 -21.99 6.73
C ALA A 278 21.58 -20.47 6.67
N GLN A 279 22.37 -19.71 7.44
CA GLN A 279 22.18 -18.26 7.51
C GLN A 279 23.11 -17.48 6.60
N ILE A 280 24.24 -18.03 6.20
CA ILE A 280 25.09 -17.43 5.17
C ILE A 280 24.55 -17.86 3.81
N ALA A 281 24.31 -16.90 2.93
CA ALA A 281 23.85 -17.21 1.58
C ALA A 281 25.05 -17.47 0.68
N ASP A 282 24.78 -17.90 -0.56
CA ASP A 282 25.86 -18.28 -1.45
C ASP A 282 26.84 -17.12 -1.68
N ASP A 283 26.37 -15.87 -1.64
CA ASP A 283 27.25 -14.74 -1.86
C ASP A 283 27.83 -14.18 -0.56
N GLY A 284 27.53 -14.80 0.58
CA GLY A 284 28.12 -14.40 1.85
C GLY A 284 27.37 -13.36 2.64
N SER A 285 26.20 -12.93 2.18
CA SER A 285 25.34 -12.07 2.97
C SER A 285 24.58 -12.90 4.01
N LEU A 286 24.04 -12.21 5.02
CA LEU A 286 23.19 -12.82 6.04
C LEU A 286 21.76 -12.38 5.81
N PRO A 287 21.00 -13.05 4.93
CA PRO A 287 19.70 -12.50 4.50
C PRO A 287 18.72 -12.23 5.63
N GLN A 288 18.72 -13.02 6.70
CA GLN A 288 17.82 -12.74 7.80
C GLN A 288 18.15 -11.41 8.45
N GLU A 289 19.43 -11.00 8.40
CA GLU A 289 19.81 -9.70 8.91
C GLU A 289 19.62 -8.58 7.89
N LEU A 290 19.52 -8.92 6.60
CA LEU A 290 19.29 -7.91 5.57
C LEU A 290 17.85 -7.39 5.52
N LYS A 291 16.90 -8.02 6.18
CA LYS A 291 15.54 -7.53 6.15
C LYS A 291 15.23 -6.59 7.30
N ARG A 292 16.19 -6.36 8.20
CA ARG A 292 16.05 -5.50 9.37
C ARG A 292 16.31 -4.05 8.99
N THR A 293 15.75 -3.13 9.79
CA THR A 293 15.94 -1.72 9.53
C THR A 293 17.34 -1.27 9.88
N LEU A 294 18.08 -2.08 10.65
CA LEU A 294 19.48 -1.84 11.00
C LEU A 294 20.34 -2.96 10.44
N SER A 295 20.36 -3.08 9.10
CA SER A 295 20.84 -4.31 8.48
C SER A 295 22.35 -4.45 8.59
N LEU A 296 23.09 -3.34 8.64
CA LEU A 296 24.53 -3.49 8.80
C LEU A 296 24.90 -3.73 10.26
N HIS A 297 24.12 -3.18 11.20
CA HIS A 297 24.36 -3.45 12.61
C HIS A 297 24.11 -4.92 12.95
N PHE A 298 23.09 -5.52 12.33
CA PHE A 298 22.67 -6.89 12.67
C PHE A 298 23.44 -7.97 11.91
N SER A 299 23.93 -7.69 10.70
CA SER A 299 24.98 -8.51 10.11
C SER A 299 26.19 -8.59 11.02
N THR A 300 26.62 -7.45 11.55
CA THR A 300 27.77 -7.45 12.46
C THR A 300 27.44 -8.13 13.78
N PHE A 301 26.21 -8.00 14.25
CA PHE A 301 25.85 -8.61 15.52
C PHE A 301 25.88 -10.14 15.41
N ALA A 302 25.38 -10.71 14.31
CA ALA A 302 25.52 -12.14 14.10
C ALA A 302 26.99 -12.56 14.09
N LEU A 303 27.82 -11.87 13.30
CA LEU A 303 29.24 -12.19 13.27
C LEU A 303 29.88 -12.02 14.63
N GLU A 304 29.43 -11.03 15.41
CA GLU A 304 29.95 -10.86 16.76
C GLU A 304 29.60 -12.07 17.62
N ALA A 305 28.45 -12.71 17.36
CA ALA A 305 28.10 -13.94 18.08
C ALA A 305 29.10 -15.06 17.77
N LEU A 306 29.46 -15.23 16.50
CA LEU A 306 30.48 -16.22 16.13
C LEU A 306 31.83 -15.90 16.76
N MET A 307 32.19 -14.61 16.86
CA MET A 307 33.51 -14.28 17.38
C MET A 307 33.65 -14.64 18.86
N GLU A 308 32.62 -14.33 19.66
CA GLU A 308 32.65 -14.71 21.07
C GLU A 308 32.48 -16.22 21.24
N ALA A 309 31.71 -16.85 20.36
CA ALA A 309 31.67 -18.31 20.36
C ALA A 309 33.04 -18.87 20.00
N ASN A 310 33.73 -18.26 19.04
CA ASN A 310 35.00 -18.80 18.57
C ASN A 310 36.13 -18.65 19.57
N GLN A 311 36.08 -17.62 20.42
CA GLN A 311 37.09 -17.49 21.47
C GLN A 311 37.06 -18.72 22.38
N ILE A 312 35.88 -19.26 22.64
CA ILE A 312 35.78 -20.45 23.48
C ILE A 312 36.17 -21.70 22.69
N THR A 313 35.65 -21.90 21.48
CA THR A 313 35.91 -23.15 20.78
C THR A 313 37.37 -23.27 20.38
N SER A 314 38.01 -22.18 19.94
CA SER A 314 39.37 -22.36 19.47
C SER A 314 40.34 -22.61 20.61
N GLN A 315 39.91 -22.45 21.87
CA GLN A 315 40.71 -22.87 23.02
C GLN A 315 40.71 -24.38 23.21
N ILE A 316 39.81 -25.09 22.53
CA ILE A 316 39.86 -26.55 22.48
C ILE A 316 40.03 -27.07 21.06
N GLY A 317 40.58 -26.26 20.16
CA GLY A 317 40.95 -26.72 18.82
C GLY A 317 39.88 -26.68 17.76
N ILE A 318 38.88 -25.82 17.87
CA ILE A 318 37.82 -25.71 16.87
C ILE A 318 37.73 -24.26 16.40
N ASN A 319 38.02 -24.04 15.12
CA ASN A 319 38.08 -22.71 14.54
C ASN A 319 36.78 -22.46 13.79
N LEU A 320 35.90 -21.64 14.37
CA LEU A 320 34.59 -21.47 13.74
C LEU A 320 34.65 -20.56 12.52
N TRP A 321 35.78 -19.92 12.25
CA TRP A 321 35.87 -19.05 11.08
C TRP A 321 36.11 -19.83 9.80
N SER A 322 36.83 -20.94 9.89
CA SER A 322 37.20 -21.73 8.73
C SER A 322 36.61 -23.14 8.72
N THR A 323 35.89 -23.55 9.77
CA THR A 323 35.32 -24.90 9.81
C THR A 323 34.02 -24.94 9.02
N PRO A 324 33.93 -25.71 7.93
CA PRO A 324 32.74 -25.65 7.08
C PRO A 324 31.55 -26.34 7.69
N ALA A 325 30.36 -25.78 7.42
CA ALA A 325 29.13 -26.50 7.66
C ALA A 325 29.04 -27.71 6.73
N SER A 326 28.05 -28.56 6.99
CA SER A 326 27.79 -29.70 6.12
C SER A 326 27.67 -29.32 4.65
N ASN A 327 27.33 -28.08 4.34
CA ASN A 327 27.13 -27.70 2.95
C ASN A 327 28.31 -26.95 2.36
N GLY A 328 29.46 -26.98 3.03
CA GLY A 328 30.65 -26.33 2.50
C GLY A 328 30.81 -24.85 2.82
N LYS A 329 29.77 -24.20 3.38
CA LYS A 329 29.85 -22.78 3.70
C LYS A 329 30.73 -22.56 4.93
N VAL A 330 31.54 -21.51 4.92
CA VAL A 330 32.40 -21.18 6.05
C VAL A 330 32.13 -19.76 6.52
N ALA A 331 32.33 -19.51 7.82
CA ALA A 331 31.99 -18.20 8.38
C ALA A 331 32.81 -17.08 7.75
N SER A 332 34.03 -17.38 7.25
CA SER A 332 34.84 -16.36 6.62
C SER A 332 34.16 -15.74 5.39
N GLN A 333 33.25 -16.47 4.72
CA GLN A 333 32.52 -15.90 3.58
C GLN A 333 31.63 -14.75 4.00
N ALA A 334 31.21 -14.73 5.25
CA ALA A 334 30.37 -13.65 5.72
C ALA A 334 31.20 -12.40 6.00
N VAL A 335 32.42 -12.58 6.52
CA VAL A 335 33.31 -11.45 6.72
C VAL A 335 33.73 -10.88 5.37
N ASP A 336 33.97 -11.75 4.38
CA ASP A 336 34.30 -11.30 3.04
C ASP A 336 33.22 -10.35 2.51
N TYR A 337 31.95 -10.74 2.63
CA TYR A 337 30.86 -9.94 2.07
C TYR A 337 30.81 -8.55 2.67
N LEU A 338 31.09 -8.43 3.97
CA LEU A 338 30.96 -7.17 4.69
C LEU A 338 32.24 -6.34 4.72
N TYR A 339 33.42 -6.96 4.55
CA TYR A 339 34.67 -6.22 4.68
C TYR A 339 34.67 -4.90 3.91
N PRO A 340 34.26 -4.84 2.64
CA PRO A 340 34.22 -3.53 1.95
C PRO A 340 33.44 -2.49 2.70
N PHE A 341 32.30 -2.86 3.27
CA PHE A 341 31.47 -1.91 4.00
C PHE A 341 32.08 -1.53 5.35
N TYR A 342 32.97 -2.35 5.89
CA TYR A 342 33.69 -1.92 7.10
C TYR A 342 34.71 -0.84 6.78
N LEU A 343 35.29 -0.87 5.57
CA LEU A 343 36.14 0.24 5.12
C LEU A 343 35.31 1.48 4.83
N ASN A 344 34.14 1.33 4.22
CA ASN A 344 33.28 2.44 3.85
C ASN A 344 31.82 2.10 4.10
N PRO A 345 31.32 2.37 5.31
CA PRO A 345 29.90 2.05 5.60
C PRO A 345 28.92 2.83 4.75
N GLU A 346 29.30 4.00 4.25
CA GLU A 346 28.42 4.74 3.34
C GLU A 346 28.10 3.93 2.09
N ASP A 347 28.93 2.96 1.72
CA ASP A 347 28.60 2.11 0.58
C ASP A 347 27.42 1.20 0.85
N TRP A 348 27.12 0.91 2.12
CA TRP A 348 26.11 -0.10 2.46
C TRP A 348 24.77 0.22 1.79
N LYS A 349 24.22 -0.78 1.09
CA LYS A 349 23.09 -0.59 0.19
C LYS A 349 21.74 -1.06 0.74
N PHE A 350 21.67 -1.43 2.02
CA PHE A 350 20.43 -1.93 2.60
C PHE A 350 20.01 -1.04 3.75
N LYS A 351 18.77 -1.23 4.19
CA LYS A 351 18.19 -0.35 5.20
C LYS A 351 19.02 -0.32 6.47
N GLN A 352 19.43 0.88 6.89
CA GLN A 352 20.28 1.09 8.06
C GLN A 352 19.94 2.47 8.62
N ILE A 353 18.87 2.52 9.42
CA ILE A 353 18.21 3.80 9.77
C ILE A 353 18.96 4.53 10.87
N LYS A 354 20.12 4.03 11.26
CA LYS A 354 21.00 4.75 12.18
C LYS A 354 22.44 4.54 11.72
N PRO A 355 23.32 5.51 11.98
CA PRO A 355 24.70 5.34 11.53
C PRO A 355 25.36 4.14 12.21
N PHE A 356 26.07 3.35 11.39
CA PHE A 356 26.84 2.20 11.87
C PHE A 356 28.15 2.65 12.53
N ASP A 357 28.48 2.05 13.68
CA ASP A 357 29.73 2.34 14.40
C ASP A 357 30.87 1.51 13.81
N GLN A 358 31.73 2.16 13.01
CA GLN A 358 32.84 1.48 12.36
C GLN A 358 33.80 0.82 13.36
N SER A 359 33.92 1.36 14.58
CA SER A 359 34.91 0.86 15.54
C SER A 359 34.66 -0.59 15.96
N ARG A 360 33.44 -1.09 15.84
CA ARG A 360 33.17 -2.50 16.15
C ARG A 360 33.91 -3.42 15.21
N ALA A 361 34.33 -2.91 14.04
CA ALA A 361 35.07 -3.71 13.07
C ALA A 361 36.50 -3.98 13.51
N ALA A 362 37.03 -3.24 14.48
CA ALA A 362 38.41 -3.46 14.91
C ALA A 362 38.58 -4.82 15.59
N ILE A 363 37.88 -5.06 16.69
CA ILE A 363 37.95 -6.38 17.32
C ILE A 363 37.48 -7.47 16.36
N LEU A 364 36.43 -7.18 15.58
CA LEU A 364 35.84 -8.20 14.71
C LEU A 364 36.82 -8.60 13.62
N LEU A 365 37.26 -7.64 12.81
CA LEU A 365 38.27 -7.92 11.80
C LEU A 365 39.58 -8.42 12.40
N TYR A 366 39.89 -8.07 13.66
CA TYR A 366 41.09 -8.68 14.23
C TYR A 366 40.88 -10.15 14.58
N GLU A 367 39.78 -10.47 15.28
CA GLU A 367 39.52 -11.87 15.64
C GLU A 367 39.43 -12.74 14.40
N ALA A 368 38.67 -12.30 13.40
CA ALA A 368 38.54 -13.08 12.18
C ALA A 368 39.87 -13.15 11.42
N GLY A 369 40.64 -12.07 11.43
CA GLY A 369 41.84 -12.03 10.61
C GLY A 369 42.96 -12.90 11.14
N THR A 370 43.12 -12.99 12.45
CA THR A 370 44.16 -13.87 12.97
C THR A 370 43.76 -15.33 12.80
N ALA A 371 42.51 -15.66 13.10
CA ALA A 371 42.04 -17.03 12.98
C ALA A 371 42.19 -17.58 11.56
N LEU A 372 42.16 -16.70 10.56
CA LEU A 372 42.21 -17.08 9.15
C LEU A 372 43.53 -16.75 8.47
N GLY A 373 44.48 -16.18 9.19
CA GLY A 373 45.70 -15.71 8.55
C GLY A 373 45.49 -14.66 7.48
N ASN A 374 44.36 -13.94 7.50
CA ASN A 374 44.12 -12.88 6.52
C ASN A 374 44.80 -11.60 7.00
N GLN A 375 45.90 -11.23 6.36
CA GLN A 375 46.68 -10.06 6.76
C GLN A 375 45.98 -8.76 6.39
N LYS A 376 45.07 -8.81 5.42
CA LYS A 376 44.34 -7.61 5.03
C LYS A 376 43.31 -7.23 6.09
N TYR A 377 42.88 -8.23 6.88
CA TYR A 377 41.94 -8.00 7.98
C TYR A 377 42.68 -7.44 9.19
N VAL A 378 43.77 -8.08 9.58
CA VAL A 378 44.56 -7.63 10.73
C VAL A 378 45.08 -6.21 10.50
N ASP A 379 45.63 -5.93 9.31
CA ASP A 379 46.09 -4.57 9.02
C ASP A 379 44.97 -3.56 9.15
N THR A 380 43.79 -3.87 8.59
CA THR A 380 42.65 -2.95 8.68
C THR A 380 42.16 -2.78 10.12
N ALA A 381 42.24 -3.83 10.92
CA ALA A 381 41.84 -3.72 12.32
C ALA A 381 42.64 -2.64 13.04
N LYS A 382 43.96 -2.64 12.84
CA LYS A 382 44.82 -1.68 13.54
C LYS A 382 44.72 -0.30 12.92
N ARG A 383 44.46 -0.22 11.62
CA ARG A 383 44.24 1.08 10.98
C ARG A 383 42.96 1.73 11.52
N ILE A 384 41.94 0.94 11.83
CA ILE A 384 40.77 1.47 12.52
C ILE A 384 41.09 1.70 14.00
N GLY A 385 41.57 0.66 14.69
CA GLY A 385 42.13 0.82 16.02
C GLY A 385 41.09 1.00 17.13
N LEU A 386 41.60 0.92 18.35
CA LEU A 386 40.90 1.35 19.54
C LEU A 386 41.75 2.38 20.27
N LYS A 387 41.11 3.30 20.98
CA LYS A 387 41.84 4.33 21.67
C LYS A 387 42.64 3.74 22.83
N TYR A 388 43.90 4.18 22.93
CA TYR A 388 44.85 3.56 23.87
C TYR A 388 44.35 3.60 25.31
N SER A 389 43.68 4.69 25.69
CA SER A 389 43.26 4.85 27.07
C SER A 389 41.78 4.63 27.29
N THR A 390 41.05 4.12 26.30
CA THR A 390 39.61 3.92 26.48
C THR A 390 39.36 2.98 27.65
N SER A 391 38.25 3.20 28.33
CA SER A 391 37.88 2.37 29.47
C SER A 391 36.82 1.33 29.11
N ASP A 392 36.47 1.19 27.83
CA ASP A 392 35.57 0.11 27.45
C ASP A 392 36.20 -1.21 27.83
N VAL A 393 35.58 -1.93 28.76
CA VAL A 393 36.24 -3.08 29.34
C VAL A 393 36.44 -4.22 28.35
N GLU A 394 35.64 -4.31 27.29
CA GLU A 394 35.88 -5.45 26.40
C GLU A 394 37.18 -5.31 25.61
N THR A 395 37.71 -4.09 25.45
CA THR A 395 38.96 -3.87 24.73
C THR A 395 40.21 -4.07 25.59
N ILE A 396 40.08 -4.59 26.81
CA ILE A 396 41.27 -4.82 27.64
C ILE A 396 42.27 -5.74 26.97
N PRO A 397 41.89 -6.89 26.40
CA PRO A 397 42.91 -7.74 25.76
C PRO A 397 43.57 -7.12 24.54
N TYR A 398 43.06 -6.03 23.97
CA TYR A 398 43.49 -5.65 22.62
C TYR A 398 44.48 -4.49 22.63
N LEU A 399 45.52 -4.61 23.47
CA LEU A 399 46.68 -3.73 23.34
C LEU A 399 47.20 -3.74 21.92
N VAL A 400 47.20 -4.92 21.29
CA VAL A 400 47.67 -5.09 19.91
C VAL A 400 47.00 -4.10 18.98
N LEU A 401 45.75 -3.71 19.29
CA LEU A 401 45.01 -2.71 18.52
C LEU A 401 45.19 -1.29 19.01
N LYS A 402 45.86 -1.10 20.13
CA LYS A 402 46.04 0.22 20.70
C LYS A 402 47.51 0.65 20.62
N SER B 23 -15.33 33.55 22.40
CA SER B 23 -13.95 33.88 22.04
C SER B 23 -13.07 33.35 23.17
N ALA B 24 -12.05 32.56 22.81
CA ALA B 24 -11.31 31.84 23.82
C ALA B 24 -10.37 32.77 24.57
N PRO B 25 -10.09 32.47 25.85
CA PRO B 25 -9.02 33.20 26.55
C PRO B 25 -7.73 33.13 25.75
N LEU B 26 -6.94 34.19 25.84
CA LEU B 26 -5.62 34.19 25.22
C LEU B 26 -4.77 33.06 25.76
N GLY B 27 -4.21 32.25 24.85
CA GLY B 27 -3.53 31.04 25.25
C GLY B 27 -2.85 30.30 24.11
N PRO B 28 -2.15 29.21 24.46
CA PRO B 28 -1.20 28.54 23.54
C PRO B 28 -1.81 27.39 22.75
N PHE B 29 -2.68 27.76 21.82
CA PHE B 29 -3.47 26.81 21.05
C PHE B 29 -4.02 27.53 19.84
N ASN B 30 -4.36 26.77 18.83
CA ASN B 30 -5.12 27.30 17.70
C ASN B 30 -6.49 27.68 18.24
N ALA B 31 -6.69 28.98 18.50
CA ALA B 31 -7.92 29.41 19.15
C ALA B 31 -9.14 29.26 18.25
N THR B 32 -8.96 29.38 16.93
CA THR B 32 -10.08 29.21 16.00
C THR B 32 -10.64 27.80 16.09
N LEU B 33 -9.76 26.78 16.12
CA LEU B 33 -10.24 25.41 16.17
C LEU B 33 -10.84 25.09 17.54
N LEU B 34 -10.29 25.63 18.62
CA LEU B 34 -10.86 25.36 19.95
C LEU B 34 -12.27 25.91 20.07
N GLU B 35 -12.47 27.19 19.70
CA GLU B 35 -13.81 27.79 19.77
C GLU B 35 -14.80 27.04 18.88
N GLN B 36 -14.35 26.68 17.68
CA GLN B 36 -15.16 25.89 16.78
C GLN B 36 -15.57 24.57 17.42
N LEU B 37 -14.63 23.91 18.11
CA LEU B 37 -14.97 22.69 18.82
C LEU B 37 -15.97 22.94 19.96
N LYS B 38 -15.76 23.99 20.77
CA LYS B 38 -16.67 24.26 21.88
C LYS B 38 -18.07 24.62 21.38
N ASN B 39 -18.12 25.44 20.34
CA ASN B 39 -19.39 25.85 19.75
C ASN B 39 -20.19 24.64 19.27
N ASP B 40 -19.59 23.83 18.40
CA ASP B 40 -20.29 22.65 17.89
C ASP B 40 -20.67 21.69 19.01
N TYR B 41 -19.84 21.60 20.05
CA TYR B 41 -20.16 20.68 21.13
C TYR B 41 -21.37 21.16 21.90
N GLN B 42 -21.47 22.48 22.11
CA GLN B 42 -22.65 23.02 22.80
C GLN B 42 -23.92 22.87 21.96
N LYS B 43 -23.81 23.04 20.65
CA LYS B 43 -24.99 22.88 19.82
C LYS B 43 -25.39 21.41 19.63
N GLY B 44 -24.57 20.46 20.09
CA GLY B 44 -24.91 19.05 19.97
C GLY B 44 -24.64 18.43 18.63
N GLU B 45 -23.85 19.07 17.78
CA GLU B 45 -23.44 18.46 16.53
C GLU B 45 -22.78 17.10 16.80
N LYS B 46 -23.20 16.07 16.03
CA LYS B 46 -22.90 14.70 16.41
C LYS B 46 -21.42 14.35 16.24
N GLU B 47 -20.80 14.79 15.15
CA GLU B 47 -19.43 14.36 14.92
C GLU B 47 -18.45 15.02 15.90
N VAL B 48 -18.72 16.25 16.35
CA VAL B 48 -17.88 16.85 17.38
C VAL B 48 -18.17 16.21 18.73
N THR B 49 -19.45 16.01 19.05
CA THR B 49 -19.82 15.36 20.31
C THR B 49 -19.24 13.94 20.43
N ARG B 50 -19.13 13.19 19.32
CA ARG B 50 -18.51 11.87 19.39
C ARG B 50 -17.00 11.99 19.63
N TYR B 51 -16.36 12.95 18.96
CA TYR B 51 -14.92 13.13 19.13
C TYR B 51 -14.57 13.59 20.54
N ILE B 52 -15.36 14.49 21.12
CA ILE B 52 -15.08 14.92 22.48
C ILE B 52 -15.32 13.78 23.47
N GLU B 53 -16.31 12.92 23.23
CA GLU B 53 -16.52 11.76 24.09
C GLU B 53 -15.38 10.76 23.95
N LEU B 54 -14.74 10.66 22.78
CA LEU B 54 -13.46 9.97 22.71
C LEU B 54 -12.43 10.64 23.62
N GLN B 55 -12.19 11.94 23.40
CA GLN B 55 -11.16 12.65 24.17
C GLN B 55 -11.41 12.54 25.67
N GLU B 56 -12.66 12.43 26.10
CA GLU B 56 -12.92 12.25 27.53
C GLU B 56 -12.48 10.85 27.99
N LYS B 57 -12.65 9.83 27.15
CA LYS B 57 -12.14 8.50 27.46
C LYS B 57 -10.62 8.52 27.56
N VAL B 58 -9.97 9.15 26.59
CA VAL B 58 -8.54 9.35 26.62
C VAL B 58 -8.12 10.13 27.88
N ALA B 59 -8.89 11.16 28.25
CA ALA B 59 -8.47 12.02 29.36
C ALA B 59 -8.62 11.37 30.73
N GLU B 60 -9.17 10.16 30.83
CA GLU B 60 -9.49 9.63 32.16
C GLU B 60 -8.24 9.29 32.96
N LYS B 61 -7.15 8.88 32.30
CA LYS B 61 -5.95 8.56 33.06
C LYS B 61 -5.35 9.80 33.71
N TYR B 62 -5.67 11.00 33.24
CA TYR B 62 -5.11 12.16 33.93
C TYR B 62 -5.88 12.52 35.18
N ILE B 63 -7.11 12.05 35.32
CA ILE B 63 -7.86 12.25 36.55
C ILE B 63 -7.39 11.32 37.65
N LYS B 64 -7.09 10.07 37.32
CA LYS B 64 -6.51 9.15 38.30
C LYS B 64 -5.04 9.48 38.58
N MET B 65 -4.32 10.05 37.59
CA MET B 65 -2.88 10.20 37.64
C MET B 65 -2.45 11.13 38.76
N THR B 66 -1.56 10.63 39.62
CA THR B 66 -1.07 11.40 40.76
C THR B 66 -0.21 12.59 40.29
N PRO B 67 -0.48 13.82 40.76
CA PRO B 67 0.31 14.98 40.35
C PRO B 67 1.80 14.83 40.60
N LEU B 68 2.61 15.29 39.63
CA LEU B 68 4.06 15.13 39.68
C LEU B 68 4.74 16.38 40.21
N SER B 69 5.95 16.20 40.73
CA SER B 69 6.73 17.30 41.27
C SER B 69 8.16 17.20 40.79
N VAL B 70 8.75 18.37 40.54
CA VAL B 70 10.16 18.47 40.14
C VAL B 70 11.07 17.88 41.23
N THR B 71 10.60 17.83 42.48
CA THR B 71 11.42 17.41 43.62
C THR B 71 11.50 15.89 43.79
N ALA B 72 10.91 15.12 42.87
CA ALA B 72 11.01 13.66 42.90
C ALA B 72 12.31 13.26 42.19
N LYS B 73 13.41 13.47 42.88
CA LYS B 73 14.72 13.16 42.32
C LYS B 73 15.64 12.81 43.48
N LYS B 74 16.62 11.96 43.22
CA LYS B 74 17.62 11.58 44.22
C LYS B 74 18.86 12.47 44.17
N LYS B 75 19.55 12.51 43.02
CA LYS B 75 20.72 13.37 42.83
C LYS B 75 20.28 14.83 42.70
N LEU B 76 20.66 15.67 43.69
CA LEU B 76 20.28 17.08 43.75
C LEU B 76 21.16 17.94 42.84
N PRO B 77 20.72 19.17 42.53
CA PRO B 77 21.57 20.11 41.76
C PRO B 77 22.55 20.84 42.67
N PRO B 78 23.53 21.55 42.09
CA PRO B 78 24.52 22.26 42.92
C PRO B 78 23.96 23.19 43.98
N SER B 79 22.70 23.62 43.84
CA SER B 79 22.04 24.43 44.87
C SER B 79 21.65 23.64 46.10
N LYS B 80 21.76 22.32 46.05
CA LYS B 80 21.21 21.45 47.08
C LYS B 80 19.69 21.54 47.17
N ASP B 81 19.02 22.07 46.14
CA ASP B 81 17.58 22.34 46.23
C ASP B 81 16.80 21.43 45.28
N PRO B 82 15.93 20.57 45.83
CA PRO B 82 15.16 19.68 44.95
C PRO B 82 14.11 20.40 44.09
N ARG B 83 13.61 21.54 44.53
CA ARG B 83 12.67 22.34 43.72
C ARG B 83 13.35 23.01 42.53
N ASP B 84 14.67 22.90 42.39
CA ASP B 84 15.36 23.39 41.20
C ASP B 84 15.27 22.34 40.11
N TYR B 85 14.83 22.75 38.92
CA TYR B 85 14.77 21.85 37.78
C TYR B 85 16.19 21.54 37.27
N MET B 86 16.47 20.28 36.99
CA MET B 86 17.78 19.90 36.48
C MET B 86 17.66 18.72 35.52
N THR B 87 18.20 18.88 34.31
CA THR B 87 18.34 17.80 33.34
C THR B 87 19.73 17.88 32.72
N LEU B 88 20.05 16.83 31.96
CA LEU B 88 21.30 16.68 31.24
C LEU B 88 21.10 17.05 29.78
N SER B 89 22.05 17.78 29.22
CA SER B 89 21.98 18.14 27.83
C SER B 89 22.09 16.86 27.00
N PRO B 90 21.14 16.59 26.10
CA PRO B 90 20.95 15.20 25.64
C PRO B 90 22.08 14.66 24.79
N PHE B 91 22.85 15.50 24.10
CA PHE B 91 23.88 15.04 23.18
C PHE B 91 25.29 15.00 23.81
N TRP B 92 25.40 15.05 25.12
CA TRP B 92 26.69 15.04 25.82
C TRP B 92 26.89 13.70 26.52
N TRP B 93 28.03 13.06 26.26
CA TRP B 93 28.40 11.70 26.68
C TRP B 93 29.71 11.67 27.49
N PRO B 94 29.89 10.66 28.35
CA PRO B 94 31.20 10.47 29.00
C PRO B 94 32.31 10.27 27.97
N ASP B 95 33.50 10.77 28.30
CA ASP B 95 34.70 10.59 27.48
C ASP B 95 35.43 9.35 28.00
N SER B 96 35.37 8.24 27.23
CA SER B 96 35.93 6.99 27.73
C SER B 96 37.45 7.05 27.88
N THR B 97 38.12 7.95 27.15
CA THR B 97 39.55 8.10 27.27
C THR B 97 39.98 8.86 28.52
N LYS B 98 39.04 9.32 29.34
CA LYS B 98 39.34 9.99 30.60
C LYS B 98 38.96 9.07 31.75
N ILE B 99 39.62 9.27 32.90
CA ILE B 99 39.46 8.33 34.02
C ILE B 99 38.09 8.44 34.63
N ASP B 100 37.55 9.65 34.68
CA ASP B 100 36.25 9.91 35.25
C ASP B 100 35.20 10.09 34.18
N GLY B 101 35.59 10.04 32.91
CA GLY B 101 34.70 10.35 31.83
C GLY B 101 34.49 11.83 31.61
N LEU B 102 35.01 12.69 32.50
CA LEU B 102 34.94 14.14 32.55
C LEU B 102 36.13 14.77 31.81
N PRO B 103 35.87 15.84 31.04
CA PRO B 103 34.54 16.42 30.80
C PRO B 103 33.81 15.65 29.71
N TYR B 104 32.48 15.68 29.74
CA TYR B 104 31.71 15.06 28.66
C TYR B 104 32.01 15.75 27.34
N ILE B 105 32.00 14.95 26.28
CA ILE B 105 32.13 15.42 24.93
C ILE B 105 30.76 15.40 24.28
N ARG B 106 30.66 16.02 23.10
CA ARG B 106 29.39 16.18 22.40
C ARG B 106 29.35 15.24 21.20
N LYS B 107 28.20 14.62 20.98
CA LYS B 107 27.96 13.82 19.78
C LYS B 107 26.59 14.22 19.26
N ASP B 108 26.57 15.09 18.26
CA ASP B 108 25.35 15.76 17.83
C ASP B 108 24.31 14.76 17.32
N GLY B 109 23.11 14.83 17.89
CA GLY B 109 22.01 14.00 17.46
C GLY B 109 21.88 12.67 18.17
N GLU B 110 22.95 12.19 18.78
CA GLU B 110 22.93 10.92 19.50
C GLU B 110 22.52 11.19 20.94
N ARG B 111 21.34 10.75 21.31
CA ARG B 111 20.81 11.02 22.64
C ARG B 111 21.43 10.08 23.66
N ASN B 112 22.04 10.66 24.68
CA ASN B 112 22.64 9.91 25.76
C ASN B 112 21.53 9.41 26.68
N PRO B 113 21.37 8.09 26.83
CA PRO B 113 20.30 7.58 27.71
C PRO B 113 20.45 7.96 29.16
N GLU B 114 21.58 8.56 29.59
CA GLU B 114 21.66 9.16 30.92
C GLU B 114 20.64 10.27 31.13
N VAL B 115 20.08 10.84 30.05
CA VAL B 115 19.03 11.85 30.22
C VAL B 115 17.90 11.33 31.08
N TYR B 116 17.57 10.04 30.95
CA TYR B 116 16.45 9.45 31.69
C TYR B 116 16.72 9.28 33.18
N GLU B 117 17.95 9.51 33.66
CA GLU B 117 18.14 9.45 35.11
C GLU B 117 17.78 10.76 35.79
N TYR B 118 17.35 11.78 35.03
CA TYR B 118 16.90 13.04 35.58
C TYR B 118 15.39 13.06 35.48
N PRO B 119 14.66 12.78 36.56
CA PRO B 119 13.23 12.47 36.42
C PRO B 119 12.41 13.60 35.80
N GLU B 120 12.78 14.87 36.02
CA GLU B 120 11.99 15.99 35.47
C GLU B 120 11.92 15.95 33.96
N ARG B 121 12.91 15.34 33.29
CA ARG B 121 12.88 15.37 31.84
C ARG B 121 11.59 14.78 31.32
N GLU B 122 11.28 13.56 31.73
CA GLU B 122 10.05 12.92 31.30
C GLU B 122 8.85 13.35 32.12
N ASN B 123 9.06 13.76 33.38
CA ASN B 123 7.94 14.14 34.22
C ASN B 123 7.30 15.45 33.78
N ALA B 124 8.10 16.41 33.30
CA ALA B 124 7.53 17.67 32.81
C ALA B 124 6.72 17.47 31.54
N ASN B 125 7.11 16.48 30.71
CA ASN B 125 6.26 16.04 29.60
C ASN B 125 4.94 15.48 30.11
N ARG B 126 5.02 14.55 31.07
CA ARG B 126 3.81 13.92 31.57
C ARG B 126 2.89 14.95 32.23
N PHE B 127 3.46 15.79 33.09
CA PHE B 127 2.74 16.96 33.55
C PHE B 127 2.16 17.78 32.40
N GLY B 128 2.99 18.24 31.48
CA GLY B 128 2.52 19.16 30.47
C GLY B 128 1.35 18.61 29.67
N ASP B 129 1.44 17.34 29.26
CA ASP B 129 0.33 16.68 28.56
C ASP B 129 -0.93 16.59 29.42
N ALA B 130 -0.80 16.19 30.70
CA ALA B 130 -1.96 16.01 31.56
C ALA B 130 -2.70 17.32 31.83
N ALA B 131 -1.99 18.42 32.09
CA ALA B 131 -2.74 19.64 32.41
C ALA B 131 -3.22 20.36 31.15
N TYR B 132 -2.50 20.23 30.03
CA TYR B 132 -2.98 20.74 28.75
C TYR B 132 -4.27 20.04 28.35
N CYS B 133 -4.24 18.71 28.30
CA CYS B 133 -5.44 17.92 27.99
C CYS B 133 -6.60 18.29 28.92
N LEU B 134 -6.43 18.11 30.22
CA LEU B 134 -7.51 18.42 31.15
C LEU B 134 -8.01 19.85 30.99
N GLY B 135 -7.12 20.78 30.65
CA GLY B 135 -7.54 22.18 30.60
C GLY B 135 -8.35 22.51 29.37
N VAL B 136 -8.05 21.87 28.23
CA VAL B 136 -8.79 22.07 27.00
C VAL B 136 -10.14 21.35 27.06
N LEU B 137 -10.19 20.18 27.70
CA LEU B 137 -11.46 19.49 27.90
C LEU B 137 -12.42 20.26 28.78
N TYR B 138 -11.91 21.00 29.77
CA TYR B 138 -12.80 21.82 30.59
C TYR B 138 -13.29 23.04 29.84
N TYR B 139 -12.44 23.63 29.00
CA TYR B 139 -12.90 24.73 28.16
C TYR B 139 -13.99 24.27 27.20
N ILE B 140 -13.81 23.11 26.56
CA ILE B 140 -14.78 22.65 25.57
C ILE B 140 -16.09 22.24 26.25
N THR B 141 -15.99 21.45 27.32
CA THR B 141 -17.18 20.80 27.88
C THR B 141 -17.77 21.54 29.09
N GLY B 142 -17.00 22.38 29.78
CA GLY B 142 -17.50 22.99 31.00
C GLY B 142 -17.69 22.06 32.20
N LYS B 143 -17.32 20.79 32.08
CA LYS B 143 -17.42 19.88 33.22
C LYS B 143 -16.35 20.21 34.26
N GLU B 144 -16.81 20.44 35.51
CA GLU B 144 -15.96 20.82 36.62
C GLU B 144 -14.93 19.76 36.97
N VAL B 145 -15.18 18.50 36.56
CA VAL B 145 -14.26 17.44 36.90
C VAL B 145 -12.93 17.71 36.23
N TYR B 146 -12.96 18.30 35.04
CA TYR B 146 -11.74 18.58 34.29
C TYR B 146 -11.00 19.81 34.82
N ALA B 147 -11.69 20.82 35.34
CA ALA B 147 -10.93 21.90 35.97
C ALA B 147 -10.29 21.42 37.27
N LYS B 148 -11.09 20.73 38.11
CA LYS B 148 -10.61 20.29 39.42
C LYS B 148 -9.33 19.47 39.33
N ALA B 149 -9.26 18.56 38.34
CA ALA B 149 -8.07 17.73 38.13
C ALA B 149 -6.92 18.52 37.51
N CYS B 150 -7.21 19.37 36.52
CA CYS B 150 -6.18 20.23 35.95
C CYS B 150 -5.52 21.06 37.05
N ALA B 151 -6.34 21.57 37.98
CA ALA B 151 -5.87 22.37 39.09
C ALA B 151 -4.93 21.58 40.02
N ASN B 152 -5.27 20.34 40.34
CA ASN B 152 -4.37 19.59 41.20
C ASN B 152 -2.98 19.51 40.58
N HIS B 153 -2.91 19.30 39.26
CA HIS B 153 -1.62 19.18 38.58
C HIS B 153 -0.84 20.50 38.59
N LEU B 154 -1.54 21.62 38.38
CA LEU B 154 -0.90 22.93 38.30
C LEU B 154 -0.33 23.35 39.65
N ARG B 155 -1.14 23.22 40.69
CA ARG B 155 -0.71 23.58 42.04
C ARG B 155 0.52 22.81 42.45
N THR B 156 0.55 21.50 42.15
CA THR B 156 1.66 20.67 42.60
C THR B 156 2.93 21.00 41.84
N TRP B 157 2.86 21.16 40.52
CA TRP B 157 4.06 21.42 39.73
C TRP B 157 4.62 22.83 39.96
N PHE B 158 3.76 23.84 40.04
CA PHE B 158 4.17 25.24 39.98
C PHE B 158 4.27 25.91 41.35
N THR B 159 3.18 25.95 42.13
CA THR B 159 3.11 26.87 43.25
C THR B 159 3.22 26.23 44.63
N ASP B 160 3.11 24.91 44.75
CA ASP B 160 3.13 24.30 46.08
C ASP B 160 4.38 24.71 46.85
N PRO B 161 4.24 25.09 48.13
CA PRO B 161 5.39 25.63 48.87
C PRO B 161 6.50 24.65 49.09
N LYS B 162 6.23 23.35 48.98
CA LYS B 162 7.22 22.28 49.12
C LYS B 162 7.54 21.61 47.80
N LEU B 163 6.52 21.38 46.97
CA LEU B 163 6.64 20.55 45.79
C LEU B 163 6.77 21.36 44.50
N GLY B 164 6.45 22.66 44.52
CA GLY B 164 6.49 23.45 43.29
C GLY B 164 7.91 23.79 42.84
N MET B 165 8.10 23.88 41.53
CA MET B 165 9.44 24.17 41.02
C MET B 165 9.76 25.65 41.19
N ASN B 166 10.98 25.92 41.67
CA ASN B 166 11.52 27.28 41.69
C ASN B 166 11.40 27.89 40.30
N PRO B 167 11.01 29.15 40.18
CA PRO B 167 10.85 29.76 38.83
C PRO B 167 12.17 30.20 38.22
N ASN B 168 12.99 29.23 37.79
CA ASN B 168 14.22 29.48 37.04
C ASN B 168 14.54 28.22 36.24
N MET B 169 15.49 28.35 35.32
CA MET B 169 16.03 27.19 34.65
C MET B 169 17.56 27.14 34.76
N THR B 170 18.10 27.42 35.96
CA THR B 170 19.54 27.52 36.13
C THR B 170 20.24 26.21 35.76
N TYR B 171 19.68 25.08 36.16
CA TYR B 171 20.35 23.81 35.94
C TYR B 171 19.72 22.97 34.83
N ALA B 172 19.04 23.60 33.89
CA ALA B 172 18.48 22.88 32.75
C ALA B 172 19.58 22.54 31.75
N GLN B 173 19.58 21.29 31.29
CA GLN B 173 20.61 20.75 30.40
C GLN B 173 22.01 21.13 30.88
N ALA B 174 22.29 20.85 32.16
CA ALA B 174 23.64 20.93 32.68
C ALA B 174 24.51 19.79 32.10
N VAL B 175 25.80 20.06 31.96
CA VAL B 175 26.74 19.14 31.33
C VAL B 175 27.87 18.85 32.32
N PRO B 176 28.08 17.59 32.72
CA PRO B 176 29.18 17.30 33.65
C PRO B 176 30.56 17.63 33.06
N GLY B 177 31.38 18.30 33.85
CA GLY B 177 32.69 18.71 33.43
C GLY B 177 32.73 20.08 32.80
N MET B 178 31.59 20.62 32.36
CA MET B 178 31.61 21.89 31.64
C MET B 178 31.84 23.03 32.62
N LYS B 179 32.70 23.98 32.22
CA LYS B 179 33.10 25.02 33.16
C LYS B 179 32.28 26.29 33.02
N LYS B 180 31.79 26.59 31.84
CA LYS B 180 31.00 27.80 31.64
C LYS B 180 29.51 27.51 31.84
N MET B 181 28.81 28.53 32.30
CA MET B 181 27.36 28.49 32.41
C MET B 181 26.72 28.63 31.03
N ARG B 182 25.72 27.79 30.73
CA ARG B 182 25.04 27.81 29.43
C ARG B 182 23.54 28.06 29.61
N GLY B 183 22.94 28.65 28.58
CA GLY B 183 21.50 28.89 28.59
C GLY B 183 20.74 27.97 27.66
N SER B 184 21.45 27.07 26.99
CA SER B 184 20.82 26.17 26.03
C SER B 184 19.70 25.36 26.64
N GLY B 185 19.76 25.08 27.94
CA GLY B 185 18.75 24.22 28.54
C GLY B 185 17.38 24.85 28.64
N PHE B 186 17.29 26.17 28.46
CA PHE B 186 16.01 26.87 28.61
C PHE B 186 14.90 26.29 27.73
N ILE B 187 15.26 25.82 26.54
CA ILE B 187 14.31 25.24 25.60
C ILE B 187 13.43 24.19 26.27
N ASP B 188 13.90 23.58 27.38
CA ASP B 188 13.10 22.60 28.11
C ASP B 188 11.78 23.19 28.61
N SER B 189 11.71 24.51 28.75
CA SER B 189 10.56 25.14 29.39
C SER B 189 9.26 24.98 28.61
N ARG B 190 9.35 24.73 27.30
CA ARG B 190 8.16 24.58 26.47
C ARG B 190 7.22 23.49 26.97
N ARG B 191 7.71 22.48 27.71
CA ARG B 191 6.82 21.42 28.15
C ARG B 191 5.87 21.90 29.26
N PHE B 192 6.36 22.65 30.24
CA PHE B 192 5.43 23.16 31.23
C PHE B 192 4.90 24.56 30.91
N SER B 193 5.52 25.31 29.98
CA SER B 193 4.98 26.64 29.71
C SER B 193 3.64 26.58 28.99
N ARG B 194 3.38 25.54 28.17
CA ARG B 194 2.06 25.38 27.59
C ARG B 194 1.03 25.07 28.67
N ALA B 195 1.41 24.31 29.70
CA ALA B 195 0.48 24.10 30.81
C ALA B 195 0.21 25.40 31.53
N LEU B 196 1.23 26.26 31.66
CA LEU B 196 0.98 27.57 32.25
C LEU B 196 -0.08 28.32 31.45
N GLY B 197 0.03 28.29 30.13
CA GLY B 197 -0.90 29.05 29.32
C GLY B 197 -2.34 28.58 29.45
N VAL B 198 -2.55 27.27 29.44
CA VAL B 198 -3.89 26.69 29.53
C VAL B 198 -4.49 26.81 30.91
N ALA B 199 -3.68 27.08 31.94
CA ALA B 199 -4.27 27.47 33.22
C ALA B 199 -5.24 28.64 33.07
N LYS B 200 -5.08 29.45 32.01
CA LYS B 200 -6.03 30.51 31.79
C LYS B 200 -7.44 29.96 31.52
N LEU B 201 -7.55 28.74 30.96
CA LEU B 201 -8.83 28.13 30.58
C LEU B 201 -9.65 27.59 31.75
N ILE B 202 -9.06 27.40 32.93
CA ILE B 202 -9.89 27.04 34.07
C ILE B 202 -10.27 28.24 34.91
N GLU B 203 -9.75 29.43 34.60
CA GLU B 203 -10.14 30.61 35.35
C GLU B 203 -11.67 30.76 35.32
N GLY B 204 -12.27 30.98 36.48
CA GLY B 204 -13.70 31.06 36.64
C GLY B 204 -14.36 29.80 37.16
N SER B 205 -13.70 28.65 37.04
CA SER B 205 -14.19 27.41 37.63
C SER B 205 -14.13 27.48 39.15
N LYS B 206 -14.84 26.56 39.80
CA LYS B 206 -14.88 26.52 41.27
C LYS B 206 -13.60 25.94 41.85
N SER B 207 -12.90 25.11 41.09
CA SER B 207 -11.67 24.56 41.67
C SER B 207 -10.55 25.57 41.69
N TRP B 208 -10.54 26.52 40.75
CA TRP B 208 -9.43 27.47 40.61
C TRP B 208 -9.81 28.74 41.37
N THR B 209 -9.51 28.74 42.67
CA THR B 209 -9.82 29.85 43.58
C THR B 209 -9.00 31.09 43.22
N PRO B 210 -9.45 32.28 43.66
CA PRO B 210 -8.64 33.50 43.44
C PRO B 210 -7.23 33.39 44.00
N SER B 211 -7.07 32.71 45.13
CA SER B 211 -5.75 32.58 45.73
C SER B 211 -4.84 31.70 44.87
N ASP B 212 -5.38 30.64 44.28
CA ASP B 212 -4.58 29.82 43.36
C ASP B 212 -4.09 30.64 42.17
N LYS B 213 -4.96 31.49 41.63
CA LYS B 213 -4.55 32.38 40.53
C LYS B 213 -3.47 33.37 40.96
N LYS B 214 -3.58 33.94 42.17
CA LYS B 214 -2.58 34.89 42.65
C LYS B 214 -1.20 34.22 42.79
N LYS B 215 -1.14 33.06 43.45
CA LYS B 215 0.12 32.32 43.55
C LYS B 215 0.71 32.04 42.17
N LEU B 216 -0.11 31.61 41.21
CA LEU B 216 0.44 31.28 39.89
C LEU B 216 0.87 32.54 39.12
N ASP B 217 0.06 33.61 39.16
CA ASP B 217 0.49 34.88 38.56
C ASP B 217 1.84 35.32 39.14
N ASP B 218 2.02 35.12 40.45
CA ASP B 218 3.29 35.48 41.06
C ASP B 218 4.42 34.59 40.56
N TRP B 219 4.16 33.27 40.47
CA TRP B 219 5.18 32.37 39.92
C TRP B 219 5.51 32.78 38.49
N ALA B 220 4.48 33.00 37.68
CA ALA B 220 4.71 33.37 36.29
C ALA B 220 5.45 34.71 36.19
N THR B 221 5.12 35.67 37.05
CA THR B 221 5.87 36.93 37.08
C THR B 221 7.35 36.67 37.34
N ALA B 222 7.67 35.85 38.35
CA ALA B 222 9.07 35.57 38.69
C ALA B 222 9.79 34.80 37.57
N PHE B 223 9.14 33.80 36.97
CA PHE B 223 9.78 33.07 35.88
C PHE B 223 10.09 34.01 34.72
N CYS B 224 9.14 34.91 34.40
CA CYS B 224 9.37 35.89 33.35
C CYS B 224 10.54 36.80 33.69
N TYR B 225 10.65 37.21 34.97
CA TYR B 225 11.78 38.04 35.37
C TYR B 225 13.09 37.31 35.16
N TRP B 226 13.14 36.02 35.54
CA TRP B 226 14.35 35.23 35.35
C TRP B 226 14.67 35.03 33.87
N MET B 227 13.66 34.72 33.06
CA MET B 227 13.80 34.65 31.60
C MET B 227 14.47 35.87 31.03
N GLU B 228 14.13 37.05 31.53
CA GLU B 228 14.49 38.28 30.84
C GLU B 228 15.77 38.90 31.37
N ASN B 229 16.07 38.69 32.64
CA ASN B 229 17.18 39.36 33.30
C ASN B 229 18.32 38.44 33.70
N SER B 230 18.07 37.14 33.88
CA SER B 230 19.19 36.24 34.14
C SER B 230 20.16 36.28 32.96
N THR B 231 21.45 36.03 33.25
CA THR B 231 22.46 35.92 32.20
C THR B 231 22.20 34.75 31.26
N GLN B 232 21.67 33.64 31.78
CA GLN B 232 21.31 32.50 30.93
C GLN B 232 20.13 32.85 30.02
N GLY B 233 19.16 33.61 30.51
CA GLY B 233 18.01 33.97 29.69
C GLY B 233 18.34 35.00 28.63
N GLN B 234 19.07 36.06 29.02
CA GLN B 234 19.61 37.01 28.04
C GLN B 234 20.38 36.27 26.97
N ARG B 235 21.24 35.32 27.38
CA ARG B 235 22.03 34.53 26.45
C ARG B 235 21.13 33.83 25.45
N GLU B 236 20.06 33.21 25.94
CA GLU B 236 19.23 32.36 25.08
C GLU B 236 18.32 33.20 24.18
N SER B 237 17.92 34.38 24.64
CA SER B 237 17.19 35.32 23.80
C SER B 237 18.00 35.78 22.61
N HIS B 238 19.32 35.57 22.64
CA HIS B 238 20.20 36.06 21.59
C HIS B 238 20.58 35.00 20.58
N ALA B 239 20.22 33.73 20.83
CA ALA B 239 20.71 32.63 20.01
C ALA B 239 20.28 32.78 18.54
N ALA B 240 21.16 32.36 17.64
CA ALA B 240 20.98 32.56 16.19
C ALA B 240 20.33 31.39 15.48
N ASN B 241 19.89 30.37 16.22
CA ASN B 241 19.25 29.21 15.62
C ASN B 241 17.88 28.96 16.26
N ASN B 242 17.41 27.72 16.20
CA ASN B 242 16.08 27.41 16.71
C ASN B 242 15.94 27.69 18.21
N HIS B 243 17.04 27.83 18.96
CA HIS B 243 16.91 28.10 20.39
C HIS B 243 16.31 29.47 20.62
N GLY B 244 16.69 30.45 19.80
CA GLY B 244 16.15 31.78 19.93
C GLY B 244 14.69 31.86 19.54
N LEU B 245 14.24 31.01 18.61
CA LEU B 245 12.82 30.97 18.27
C LEU B 245 12.00 30.31 19.38
N TRP B 246 12.48 29.21 19.96
CA TRP B 246 11.77 28.62 21.08
C TRP B 246 11.84 29.51 22.32
N TYR B 247 12.93 30.26 22.48
CA TYR B 247 12.96 31.23 23.58
C TYR B 247 11.77 32.17 23.50
N GLU B 248 11.48 32.69 22.31
CA GLU B 248 10.40 33.68 22.21
C GLU B 248 9.02 33.03 22.28
N ALA B 249 8.85 31.84 21.69
CA ALA B 249 7.58 31.13 21.82
C ALA B 249 7.25 30.86 23.29
N ILE B 250 8.26 30.50 24.07
CA ILE B 250 8.07 30.33 25.51
C ILE B 250 7.75 31.67 26.15
N HIS B 251 8.51 32.70 25.76
CA HIS B 251 8.27 34.05 26.23
C HIS B 251 6.81 34.45 26.01
N LEU B 252 6.31 34.26 24.79
CA LEU B 252 4.93 34.66 24.52
C LEU B 252 3.95 33.88 25.41
N MET B 253 4.18 32.57 25.61
CA MET B 253 3.28 31.82 26.47
C MET B 253 3.23 32.44 27.87
N VAL B 254 4.38 32.75 28.44
CA VAL B 254 4.42 33.41 29.75
C VAL B 254 3.70 34.75 29.68
N LEU B 255 4.06 35.58 28.69
CA LEU B 255 3.47 36.91 28.58
C LEU B 255 1.97 36.87 28.29
N ALA B 256 1.50 35.86 27.54
CA ALA B 256 0.06 35.75 27.26
C ALA B 256 -0.70 35.32 28.50
N TYR B 257 -0.15 34.33 29.23
CA TYR B 257 -0.72 33.92 30.52
C TYR B 257 -0.94 35.11 31.45
N LEU B 258 -0.02 36.08 31.41
CA LEU B 258 -0.07 37.29 32.23
C LEU B 258 -0.79 38.44 31.54
N ASP B 259 -1.45 38.20 30.40
CA ASP B 259 -2.27 39.20 29.74
C ASP B 259 -1.48 40.43 29.29
N ARG B 260 -0.16 40.31 29.15
CA ARG B 260 0.70 41.43 28.75
C ARG B 260 0.76 41.54 27.21
N THR B 261 -0.38 41.94 26.62
CA THR B 261 -0.47 41.91 25.16
C THR B 261 0.39 42.98 24.49
N ASP B 262 0.71 44.07 25.17
CA ASP B 262 1.60 45.04 24.54
C ASP B 262 3.00 44.47 24.37
N ARG B 263 3.48 43.71 25.37
CA ARG B 263 4.77 43.05 25.24
C ARG B 263 4.74 42.00 24.14
N ILE B 264 3.60 41.34 23.95
CA ILE B 264 3.50 40.30 22.92
C ILE B 264 3.75 40.92 21.55
N ARG B 265 3.11 42.06 21.30
CA ARG B 265 3.32 42.81 20.07
C ARG B 265 4.76 43.29 19.98
N GLU B 266 5.32 43.78 21.09
CA GLU B 266 6.72 44.22 21.06
C GLU B 266 7.66 43.06 20.82
N VAL B 267 7.46 41.93 21.51
CA VAL B 267 8.29 40.76 21.24
C VAL B 267 8.14 40.29 19.79
N ALA B 268 6.90 40.28 19.27
CA ALA B 268 6.69 39.83 17.90
C ALA B 268 7.37 40.75 16.89
N GLU B 269 7.27 42.06 17.07
CA GLU B 269 7.79 42.98 16.06
C GLU B 269 9.29 43.22 16.19
N GLN B 270 9.84 43.21 17.41
CA GLN B 270 11.24 43.54 17.61
C GLN B 270 12.13 42.33 17.88
N SER B 271 11.58 41.15 18.04
CA SER B 271 12.46 40.04 18.39
C SER B 271 12.25 38.81 17.49
N ILE B 272 11.01 38.33 17.37
CA ILE B 272 10.75 37.12 16.58
C ILE B 272 11.00 37.36 15.10
N LEU B 273 10.42 38.43 14.54
CA LEU B 273 10.57 38.65 13.10
C LEU B 273 12.02 38.94 12.70
N PRO B 274 12.77 39.83 13.36
CA PRO B 274 14.20 39.95 13.01
C PRO B 274 14.97 38.67 13.19
N LYS B 275 14.69 37.88 14.24
CA LYS B 275 15.37 36.59 14.41
C LYS B 275 15.01 35.65 13.27
N MET B 276 13.71 35.60 12.92
CA MET B 276 13.27 34.72 11.84
C MET B 276 13.94 35.10 10.52
N GLY B 277 14.09 36.39 10.24
CA GLY B 277 14.66 36.80 8.98
C GLY B 277 16.15 36.59 8.89
N ALA B 278 16.83 36.61 10.02
CA ALA B 278 18.27 36.39 10.01
C ALA B 278 18.63 34.92 9.81
N GLN B 279 17.70 33.99 10.04
CA GLN B 279 17.94 32.57 9.89
C GLN B 279 17.49 32.00 8.54
N ILE B 280 16.77 32.76 7.73
CA ILE B 280 16.26 32.25 6.45
C ILE B 280 17.21 32.67 5.34
N ALA B 281 17.77 31.69 4.64
CA ALA B 281 18.63 31.96 3.50
C ALA B 281 17.79 32.40 2.30
N ASP B 282 18.48 32.77 1.22
CA ASP B 282 17.80 33.24 0.01
C ASP B 282 16.88 32.16 -0.57
N ASP B 283 17.31 30.89 -0.53
CA ASP B 283 16.52 29.80 -1.08
C ASP B 283 15.48 29.24 -0.11
N GLY B 284 15.29 29.88 1.05
CA GLY B 284 14.34 29.43 2.05
C GLY B 284 14.89 28.47 3.07
N SER B 285 16.12 28.00 2.89
CA SER B 285 16.68 27.06 3.84
C SER B 285 17.06 27.77 5.14
N LEU B 286 17.26 26.96 6.19
CA LEU B 286 17.68 27.45 7.50
C LEU B 286 19.10 26.97 7.77
N PRO B 287 20.14 27.70 7.30
CA PRO B 287 21.52 27.17 7.38
C PRO B 287 21.99 26.77 8.77
N GLN B 288 21.46 27.38 9.84
CA GLN B 288 21.84 26.95 11.18
C GLN B 288 21.44 25.51 11.42
N GLU B 289 20.29 25.09 10.89
CA GLU B 289 19.84 23.72 11.10
C GLU B 289 20.44 22.76 10.09
N LEU B 290 20.80 23.24 8.89
CA LEU B 290 21.33 22.35 7.86
C LEU B 290 22.66 21.72 8.27
N LYS B 291 23.45 22.40 9.11
CA LYS B 291 24.74 21.85 9.52
C LYS B 291 24.63 20.83 10.64
N ARG B 292 23.42 20.51 11.10
CA ARG B 292 23.25 19.55 12.16
C ARG B 292 23.15 18.13 11.60
N THR B 293 23.44 17.15 12.46
CA THR B 293 23.32 15.76 12.07
C THR B 293 21.86 15.32 11.96
N LEU B 294 20.92 16.12 12.50
CA LEU B 294 19.49 15.88 12.34
C LEU B 294 18.87 17.09 11.66
N SER B 295 19.34 17.38 10.45
CA SER B 295 19.06 18.65 9.82
C SER B 295 17.57 18.78 9.46
N LEU B 296 16.93 17.69 9.07
CA LEU B 296 15.52 17.83 8.72
C LEU B 296 14.65 17.90 9.97
N HIS B 297 15.02 17.19 11.04
CA HIS B 297 14.30 17.34 12.31
C HIS B 297 14.41 18.78 12.83
N PHE B 298 15.59 19.39 12.74
CA PHE B 298 15.78 20.70 13.33
C PHE B 298 15.28 21.83 12.43
N SER B 299 15.33 21.65 11.10
CA SER B 299 14.59 22.56 10.24
C SER B 299 13.12 22.63 10.65
N THR B 300 12.50 21.46 10.85
CA THR B 300 11.11 21.43 11.28
C THR B 300 10.94 21.92 12.72
N PHE B 301 11.93 21.70 13.57
CA PHE B 301 11.86 22.20 14.94
C PHE B 301 11.81 23.73 14.96
N ALA B 302 12.62 24.38 14.12
CA ALA B 302 12.63 25.83 14.07
C ALA B 302 11.24 26.37 13.74
N LEU B 303 10.62 25.83 12.69
CA LEU B 303 9.30 26.29 12.28
C LEU B 303 8.26 26.03 13.36
N GLU B 304 8.41 24.91 14.09
CA GLU B 304 7.44 24.57 15.14
C GLU B 304 7.38 25.64 16.22
N ALA B 305 8.54 26.24 16.52
CA ALA B 305 8.59 27.37 17.43
C ALA B 305 7.78 28.53 16.87
N LEU B 306 8.15 28.98 15.66
CA LEU B 306 7.38 30.00 14.96
C LEU B 306 5.90 29.67 14.97
N MET B 307 5.55 28.40 14.69
CA MET B 307 4.15 28.00 14.65
C MET B 307 3.47 28.19 16.02
N GLU B 308 4.11 27.74 17.10
CA GLU B 308 3.48 27.95 18.40
C GLU B 308 3.51 29.42 18.82
N ALA B 309 4.53 30.15 18.40
CA ALA B 309 4.53 31.60 18.59
C ALA B 309 3.36 32.24 17.85
N ASN B 310 3.15 31.86 16.58
CA ASN B 310 2.09 32.47 15.78
C ASN B 310 0.70 32.21 16.34
N GLN B 311 0.49 31.07 17.01
CA GLN B 311 -0.81 30.78 17.58
C GLN B 311 -1.18 31.81 18.65
N ILE B 312 -0.18 32.42 19.29
CA ILE B 312 -0.44 33.50 20.24
C ILE B 312 -0.46 34.87 19.53
N THR B 313 0.47 35.13 18.61
CA THR B 313 0.50 36.44 17.99
C THR B 313 -0.76 36.68 17.17
N SER B 314 -1.25 35.66 16.48
CA SER B 314 -2.39 35.84 15.59
C SER B 314 -3.71 35.95 16.35
N GLN B 315 -3.73 35.66 17.65
CA GLN B 315 -4.90 35.96 18.46
C GLN B 315 -5.04 37.44 18.77
N ILE B 316 -3.97 38.22 18.62
CA ILE B 316 -4.00 39.68 18.76
C ILE B 316 -3.64 40.40 17.45
N GLY B 317 -3.81 39.74 16.30
CA GLY B 317 -3.76 40.40 15.02
C GLY B 317 -2.45 40.37 14.28
N ILE B 318 -1.44 39.65 14.78
CA ILE B 318 -0.13 39.58 14.14
C ILE B 318 0.08 38.19 13.58
N ASN B 319 0.30 38.11 12.26
CA ASN B 319 0.46 36.84 11.56
C ASN B 319 1.94 36.67 11.25
N LEU B 320 2.61 35.73 11.93
CA LEU B 320 4.05 35.59 11.75
C LEU B 320 4.45 34.82 10.49
N TRP B 321 3.52 34.03 9.91
CA TRP B 321 3.84 33.29 8.69
C TRP B 321 3.91 34.20 7.46
N SER B 322 3.21 35.34 7.47
CA SER B 322 3.14 36.23 6.32
C SER B 322 3.74 37.62 6.54
N THR B 323 4.09 37.99 7.77
CA THR B 323 4.71 39.30 8.00
C THR B 323 6.19 39.27 7.63
N PRO B 324 6.64 40.09 6.70
CA PRO B 324 8.06 40.05 6.29
C PRO B 324 8.95 40.72 7.32
N ALA B 325 10.17 40.20 7.43
CA ALA B 325 11.08 40.85 8.35
C ALA B 325 11.63 42.13 7.72
N SER B 326 12.32 42.92 8.56
CA SER B 326 13.04 44.09 8.11
C SER B 326 13.83 43.81 6.85
N ASN B 327 14.56 42.70 6.83
CA ASN B 327 15.44 42.39 5.71
C ASN B 327 14.69 41.83 4.48
N GLY B 328 13.36 41.76 4.50
CA GLY B 328 12.61 41.29 3.38
C GLY B 328 12.30 39.80 3.39
N LYS B 329 12.86 39.04 4.33
CA LYS B 329 12.58 37.62 4.42
C LYS B 329 11.27 37.41 5.17
N VAL B 330 10.54 36.39 4.76
CA VAL B 330 9.24 36.07 5.34
C VAL B 330 9.19 34.57 5.63
N ALA B 331 8.50 34.20 6.71
CA ALA B 331 8.54 32.82 7.19
C ALA B 331 7.98 31.81 6.20
N SER B 332 7.11 32.25 5.28
CA SER B 332 6.59 31.36 4.25
C SER B 332 7.69 30.83 3.36
N GLN B 333 8.78 31.60 3.17
CA GLN B 333 9.87 31.09 2.34
C GLN B 333 10.48 29.84 2.94
N ALA B 334 10.47 29.73 4.27
CA ALA B 334 11.01 28.54 4.90
C ALA B 334 10.10 27.33 4.70
N VAL B 335 8.77 27.53 4.74
CA VAL B 335 7.86 26.40 4.46
C VAL B 335 8.01 25.94 3.03
N ASP B 336 8.21 26.87 2.10
CA ASP B 336 8.39 26.50 0.71
C ASP B 336 9.60 25.59 0.54
N TYR B 337 10.73 25.97 1.13
CA TYR B 337 11.93 25.17 0.90
C TYR B 337 11.74 23.74 1.38
N LEU B 338 11.01 23.57 2.48
CA LEU B 338 10.86 22.27 3.12
C LEU B 338 9.67 21.48 2.62
N TYR B 339 8.70 22.11 1.95
CA TYR B 339 7.49 21.38 1.56
C TYR B 339 7.75 20.10 0.78
N PRO B 340 8.59 20.11 -0.28
CA PRO B 340 8.79 18.86 -1.05
C PRO B 340 9.27 17.70 -0.19
N PHE B 341 10.17 17.99 0.76
CA PHE B 341 10.70 16.97 1.64
C PHE B 341 9.72 16.55 2.72
N TYR B 342 8.56 17.20 2.84
CA TYR B 342 7.50 16.63 3.66
C TYR B 342 6.68 15.64 2.84
N LEU B 343 6.50 15.92 1.54
CA LEU B 343 5.92 14.92 0.66
C LEU B 343 6.79 13.67 0.62
N ASN B 344 8.08 13.84 0.35
CA ASN B 344 9.02 12.74 0.16
C ASN B 344 10.24 12.94 1.07
N PRO B 345 10.13 12.57 2.35
CA PRO B 345 11.27 12.79 3.27
C PRO B 345 12.56 12.10 2.84
N GLU B 346 12.47 11.03 2.04
CA GLU B 346 13.68 10.37 1.57
C GLU B 346 14.48 11.25 0.61
N ASP B 347 13.85 12.25 0.01
CA ASP B 347 14.61 13.12 -0.87
C ASP B 347 15.49 14.10 -0.12
N TRP B 348 15.43 14.12 1.22
CA TRP B 348 16.26 15.03 1.99
C TRP B 348 17.74 14.73 1.75
N LYS B 349 18.50 15.77 1.40
CA LYS B 349 19.88 15.64 0.96
C LYS B 349 20.89 16.11 2.00
N PHE B 350 20.51 16.19 3.27
CA PHE B 350 21.38 16.66 4.34
C PHE B 350 21.37 15.65 5.46
N LYS B 351 22.32 15.76 6.39
CA LYS B 351 22.48 14.71 7.40
C LYS B 351 21.20 14.54 8.20
N GLN B 352 20.79 13.28 8.38
CA GLN B 352 19.56 12.96 9.11
C GLN B 352 19.74 11.54 9.66
N ILE B 353 20.45 11.45 10.80
CA ILE B 353 20.98 10.19 11.31
C ILE B 353 19.95 9.39 12.09
N LYS B 354 18.68 9.77 11.96
CA LYS B 354 17.54 9.04 12.45
C LYS B 354 16.41 9.27 11.47
N PRO B 355 15.38 8.43 11.50
CA PRO B 355 14.20 8.71 10.66
C PRO B 355 13.49 9.99 11.08
N PHE B 356 12.98 10.72 10.09
CA PHE B 356 12.13 11.90 10.32
C PHE B 356 10.65 11.53 10.28
N ASP B 357 9.93 11.90 11.35
CA ASP B 357 8.49 11.61 11.48
C ASP B 357 7.68 12.51 10.55
N GLN B 358 7.12 11.93 9.48
CA GLN B 358 6.35 12.74 8.55
C GLN B 358 5.08 13.31 9.18
N SER B 359 4.53 12.67 10.21
CA SER B 359 3.29 13.17 10.82
C SER B 359 3.44 14.56 11.42
N ARG B 360 4.68 14.99 11.70
CA ARG B 360 4.89 16.33 12.21
C ARG B 360 4.51 17.38 11.17
N ALA B 361 4.60 17.01 9.89
CA ALA B 361 4.22 17.92 8.82
C ALA B 361 2.72 18.20 8.78
N ALA B 362 1.89 17.34 9.38
CA ALA B 362 0.45 17.53 9.30
C ALA B 362 0.03 18.84 9.95
N ILE B 363 0.27 18.98 11.26
CA ILE B 363 -0.14 20.20 11.96
C ILE B 363 0.62 21.41 11.42
N LEU B 364 1.87 21.21 10.99
CA LEU B 364 2.70 22.34 10.57
C LEU B 364 2.15 22.96 9.29
N LEU B 365 1.93 22.14 8.25
CA LEU B 365 1.35 22.65 7.02
C LEU B 365 -0.09 23.11 7.19
N TYR B 366 -0.83 22.60 8.18
CA TYR B 366 -2.18 23.15 8.38
C TYR B 366 -2.14 24.52 9.04
N GLU B 367 -1.28 24.67 10.06
CA GLU B 367 -1.07 25.97 10.69
C GLU B 367 -0.60 27.01 9.67
N ALA B 368 0.49 26.72 8.97
CA ALA B 368 0.99 27.65 7.96
C ALA B 368 0.06 27.73 6.77
N GLY B 369 -0.63 26.64 6.44
CA GLY B 369 -1.52 26.67 5.30
C GLY B 369 -2.66 27.64 5.49
N THR B 370 -3.31 27.58 6.65
CA THR B 370 -4.38 28.53 6.92
C THR B 370 -3.85 29.94 7.05
N ALA B 371 -2.74 30.14 7.77
CA ALA B 371 -2.21 31.49 7.94
C ALA B 371 -1.90 32.16 6.61
N LEU B 372 -1.50 31.38 5.60
CA LEU B 372 -1.08 31.91 4.31
C LEU B 372 -2.13 31.77 3.22
N GLY B 373 -3.31 31.25 3.54
CA GLY B 373 -4.31 30.98 2.52
C GLY B 373 -3.83 30.08 1.40
N ASN B 374 -2.83 29.24 1.66
CA ASN B 374 -2.32 28.33 0.66
C ASN B 374 -3.12 27.04 0.73
N GLN B 375 -3.84 26.71 -0.35
CA GLN B 375 -4.69 25.52 -0.30
C GLN B 375 -3.89 24.26 -0.54
N LYS B 376 -2.77 24.34 -1.26
CA LYS B 376 -1.91 23.19 -1.44
C LYS B 376 -1.40 22.68 -0.10
N TYR B 377 -1.14 23.60 0.85
CA TYR B 377 -0.61 23.22 2.15
C TYR B 377 -1.67 22.54 3.00
N VAL B 378 -2.87 23.11 3.09
CA VAL B 378 -3.93 22.51 3.90
C VAL B 378 -4.33 21.14 3.38
N ASP B 379 -4.33 20.97 2.06
CA ASP B 379 -4.69 19.68 1.47
C ASP B 379 -3.65 18.61 1.77
N THR B 380 -2.36 18.96 1.69
CA THR B 380 -1.31 18.01 2.08
C THR B 380 -1.37 17.71 3.58
N ALA B 381 -1.76 18.70 4.39
CA ALA B 381 -1.91 18.46 5.82
C ALA B 381 -2.94 17.36 6.09
N LYS B 382 -4.09 17.43 5.41
CA LYS B 382 -5.13 16.44 5.59
C LYS B 382 -4.80 15.09 4.95
N ARG B 383 -4.08 15.10 3.83
CA ARG B 383 -3.68 13.85 3.16
C ARG B 383 -2.73 13.04 4.05
N ILE B 384 -1.83 13.73 4.76
CA ILE B 384 -0.94 13.05 5.69
C ILE B 384 -1.71 12.64 6.94
N GLY B 385 -2.44 13.58 7.52
CA GLY B 385 -3.39 13.28 8.56
C GLY B 385 -2.77 12.97 9.92
N LEU B 386 -3.65 12.92 10.92
CA LEU B 386 -3.37 12.36 12.22
C LEU B 386 -4.40 11.24 12.47
N LYS B 387 -4.03 10.28 13.29
CA LYS B 387 -4.93 9.18 13.58
C LYS B 387 -6.14 9.69 14.36
N TYR B 388 -7.34 9.27 13.94
CA TYR B 388 -8.57 9.74 14.56
C TYR B 388 -8.61 9.44 16.06
N SER B 389 -7.97 8.36 16.49
CA SER B 389 -8.16 7.89 17.84
C SER B 389 -6.96 8.16 18.74
N THR B 390 -5.89 8.76 18.22
CA THR B 390 -4.62 8.92 18.94
C THR B 390 -4.83 9.54 20.31
N SER B 391 -3.90 9.29 21.24
CA SER B 391 -3.98 9.91 22.55
C SER B 391 -3.00 11.08 22.71
N ASP B 392 -2.30 11.47 21.64
CA ASP B 392 -1.35 12.57 21.69
C ASP B 392 -2.08 13.89 21.90
N VAL B 393 -1.90 14.48 23.07
CA VAL B 393 -2.71 15.62 23.46
C VAL B 393 -2.48 16.84 22.55
N GLU B 394 -1.32 16.96 21.92
CA GLU B 394 -1.16 18.16 21.09
C GLU B 394 -2.06 18.14 19.85
N THR B 395 -2.65 16.99 19.51
CA THR B 395 -3.58 16.88 18.39
C THR B 395 -5.05 17.04 18.80
N ILE B 396 -5.35 17.30 20.08
CA ILE B 396 -6.75 17.43 20.50
C ILE B 396 -7.52 18.47 19.70
N PRO B 397 -7.00 19.67 19.41
CA PRO B 397 -7.80 20.62 18.62
C PRO B 397 -7.97 20.27 17.15
N TYR B 398 -7.30 19.23 16.65
CA TYR B 398 -7.23 19.03 15.21
C TYR B 398 -8.15 17.90 14.72
N LEU B 399 -9.42 17.91 15.16
CA LEU B 399 -10.44 17.11 14.50
C LEU B 399 -10.39 17.27 12.97
N VAL B 400 -10.09 18.48 12.47
CA VAL B 400 -10.04 18.70 11.03
C VAL B 400 -9.00 17.85 10.33
N LEU B 401 -7.97 17.40 11.04
CA LEU B 401 -6.92 16.57 10.46
C LEU B 401 -7.22 15.08 10.55
N LYS B 402 -8.22 14.67 11.33
CA LYS B 402 -8.36 13.26 11.64
C LYS B 402 -9.42 12.54 10.81
N SER C 23 -41.99 5.33 8.63
CA SER C 23 -41.58 4.01 8.12
C SER C 23 -41.69 3.98 6.60
N ALA C 24 -40.64 3.47 5.95
CA ALA C 24 -40.54 3.55 4.51
C ALA C 24 -41.57 2.64 3.87
N PRO C 25 -42.13 3.03 2.73
CA PRO C 25 -42.97 2.10 1.96
C PRO C 25 -42.21 0.83 1.61
N LEU C 26 -42.97 -0.25 1.45
CA LEU C 26 -42.42 -1.53 1.04
C LEU C 26 -41.82 -1.41 -0.35
N GLY C 27 -40.51 -1.76 -0.46
CA GLY C 27 -39.75 -1.53 -1.68
C GLY C 27 -38.41 -2.24 -1.75
N PRO C 28 -37.73 -2.14 -2.90
CA PRO C 28 -36.47 -2.91 -3.12
C PRO C 28 -35.23 -2.15 -2.66
N PHE C 29 -35.09 -2.04 -1.33
CA PHE C 29 -34.02 -1.29 -0.70
C PHE C 29 -33.92 -1.71 0.75
N ASN C 30 -32.75 -1.51 1.32
CA ASN C 30 -32.59 -1.67 2.76
C ASN C 30 -33.37 -0.56 3.43
N ALA C 31 -34.58 -0.88 3.91
CA ALA C 31 -35.49 0.15 4.41
C ALA C 31 -34.98 0.78 5.71
N THR C 32 -34.26 0.02 6.52
CA THR C 32 -33.65 0.58 7.73
C THR C 32 -32.69 1.70 7.37
N LEU C 33 -31.77 1.45 6.43
CA LEU C 33 -30.80 2.46 6.04
C LEU C 33 -31.47 3.66 5.36
N LEU C 34 -32.50 3.42 4.56
CA LEU C 34 -33.19 4.55 3.94
C LEU C 34 -33.87 5.42 5.00
N GLU C 35 -34.60 4.79 5.94
CA GLU C 35 -35.31 5.55 6.98
C GLU C 35 -34.34 6.36 7.83
N GLN C 36 -33.20 5.76 8.17
CA GLN C 36 -32.20 6.44 8.98
C GLN C 36 -31.60 7.62 8.23
N LEU C 37 -31.43 7.50 6.91
CA LEU C 37 -30.98 8.64 6.13
C LEU C 37 -32.03 9.74 6.10
N LYS C 38 -33.31 9.40 5.91
CA LYS C 38 -34.34 10.43 5.82
C LYS C 38 -34.47 11.19 7.12
N ASN C 39 -34.50 10.47 8.24
CA ASN C 39 -34.66 11.12 9.54
C ASN C 39 -33.46 11.99 9.88
N ASP C 40 -32.23 11.45 9.75
CA ASP C 40 -31.03 12.23 10.05
C ASP C 40 -30.96 13.49 9.20
N TYR C 41 -31.31 13.37 7.92
CA TYR C 41 -31.35 14.54 7.05
C TYR C 41 -32.40 15.54 7.53
N GLN C 42 -33.56 15.06 7.96
CA GLN C 42 -34.60 15.98 8.41
C GLN C 42 -34.26 16.61 9.75
N LYS C 43 -33.54 15.89 10.62
CA LYS C 43 -33.02 16.51 11.83
C LYS C 43 -31.84 17.44 11.54
N GLY C 44 -31.39 17.49 10.29
CA GLY C 44 -30.29 18.37 9.91
C GLY C 44 -28.94 17.91 10.38
N GLU C 45 -28.80 16.61 10.66
CA GLU C 45 -27.50 16.04 10.97
C GLU C 45 -26.52 16.35 9.84
N LYS C 46 -25.36 16.92 10.20
CA LYS C 46 -24.48 17.51 9.19
C LYS C 46 -23.81 16.47 8.29
N GLU C 47 -23.39 15.33 8.87
CA GLU C 47 -22.72 14.29 8.08
C GLU C 47 -23.64 13.71 7.00
N VAL C 48 -24.88 13.39 7.36
CA VAL C 48 -25.87 12.94 6.40
C VAL C 48 -26.21 14.06 5.40
N THR C 49 -26.40 15.30 5.90
CA THR C 49 -26.72 16.43 5.03
C THR C 49 -25.65 16.68 3.98
N ARG C 50 -24.36 16.55 4.37
CA ARG C 50 -23.29 16.69 3.38
C ARG C 50 -23.29 15.52 2.40
N TYR C 51 -23.54 14.30 2.87
CA TYR C 51 -23.61 13.16 1.95
C TYR C 51 -24.77 13.29 0.96
N ILE C 52 -25.93 13.75 1.42
CA ILE C 52 -27.07 13.88 0.52
C ILE C 52 -26.85 15.03 -0.46
N GLU C 53 -26.11 16.07 -0.04
CA GLU C 53 -25.78 17.16 -0.96
C GLU C 53 -24.86 16.67 -2.07
N LEU C 54 -23.96 15.74 -1.74
CA LEU C 54 -23.18 15.07 -2.79
C LEU C 54 -24.09 14.28 -3.73
N GLN C 55 -24.94 13.40 -3.17
CA GLN C 55 -25.83 12.60 -4.01
C GLN C 55 -26.75 13.47 -4.87
N GLU C 56 -27.08 14.68 -4.42
CA GLU C 56 -27.90 15.57 -5.24
C GLU C 56 -27.12 16.14 -6.42
N LYS C 57 -25.81 16.39 -6.22
CA LYS C 57 -24.97 16.79 -7.35
C LYS C 57 -24.82 15.67 -8.35
N VAL C 58 -24.64 14.44 -7.86
CA VAL C 58 -24.54 13.28 -8.74
C VAL C 58 -25.84 13.02 -9.50
N ALA C 59 -26.99 13.33 -8.89
CA ALA C 59 -28.29 13.06 -9.50
C ALA C 59 -28.73 14.11 -10.52
N GLU C 60 -27.93 15.14 -10.76
CA GLU C 60 -28.37 16.20 -11.67
C GLU C 60 -28.27 15.78 -13.14
N LYS C 61 -27.33 14.89 -13.46
CA LYS C 61 -27.29 14.35 -14.82
C LYS C 61 -28.57 13.58 -15.16
N TYR C 62 -29.24 13.00 -14.15
CA TYR C 62 -30.45 12.27 -14.45
C TYR C 62 -31.64 13.19 -14.67
N ILE C 63 -31.59 14.41 -14.13
CA ILE C 63 -32.66 15.36 -14.36
C ILE C 63 -32.61 15.87 -15.79
N LYS C 64 -31.40 16.08 -16.34
CA LYS C 64 -31.28 16.51 -17.73
C LYS C 64 -31.49 15.35 -18.71
N MET C 65 -31.20 14.12 -18.29
CA MET C 65 -31.15 12.99 -19.21
C MET C 65 -32.51 12.72 -19.85
N THR C 66 -32.49 12.45 -21.15
CA THR C 66 -33.73 12.21 -21.88
C THR C 66 -34.27 10.82 -21.53
N PRO C 67 -35.56 10.68 -21.23
CA PRO C 67 -36.11 9.35 -20.94
C PRO C 67 -35.93 8.39 -22.12
N LEU C 68 -35.56 7.15 -21.80
CA LEU C 68 -35.27 6.11 -22.76
C LEU C 68 -36.47 5.21 -23.01
N SER C 69 -36.50 4.62 -24.19
CA SER C 69 -37.60 3.73 -24.58
C SER C 69 -37.03 2.44 -25.13
N VAL C 70 -37.70 1.34 -24.80
CA VAL C 70 -37.39 0.03 -25.38
C VAL C 70 -37.57 0.08 -26.90
N THR C 71 -38.26 1.10 -27.41
CA THR C 71 -38.52 1.21 -28.84
C THR C 71 -37.34 1.75 -29.63
N ALA C 72 -36.28 2.22 -28.96
CA ALA C 72 -35.16 2.86 -29.65
C ALA C 72 -34.22 1.83 -30.27
N LYS C 73 -34.76 1.07 -31.23
CA LYS C 73 -33.99 0.02 -31.87
C LYS C 73 -34.37 -0.04 -33.35
N LYS C 74 -33.43 -0.52 -34.16
CA LYS C 74 -33.65 -0.69 -35.59
C LYS C 74 -34.08 -2.12 -35.94
N LYS C 75 -33.32 -3.13 -35.50
CA LYS C 75 -33.64 -4.53 -35.77
C LYS C 75 -34.80 -4.98 -34.88
N LEU C 76 -35.93 -5.29 -35.50
CA LEU C 76 -37.11 -5.65 -34.73
C LEU C 76 -37.09 -7.10 -34.27
N PRO C 77 -37.86 -7.43 -33.24
CA PRO C 77 -38.04 -8.83 -32.85
C PRO C 77 -39.02 -9.54 -33.76
N PRO C 78 -39.06 -10.88 -33.70
CA PRO C 78 -39.95 -11.67 -34.57
C PRO C 78 -41.42 -11.28 -34.56
N SER C 79 -41.86 -10.58 -33.51
CA SER C 79 -43.21 -10.03 -33.43
C SER C 79 -43.40 -8.78 -34.29
N LYS C 80 -42.31 -8.28 -34.88
CA LYS C 80 -42.30 -7.00 -35.61
C LYS C 80 -42.61 -5.82 -34.70
N ASP C 81 -42.49 -5.99 -33.38
CA ASP C 81 -42.95 -4.99 -32.42
C ASP C 81 -41.76 -4.36 -31.70
N PRO C 82 -41.54 -3.05 -31.86
CA PRO C 82 -40.44 -2.41 -31.14
C PRO C 82 -40.68 -2.28 -29.64
N ARG C 83 -41.90 -2.45 -29.16
CA ARG C 83 -42.18 -2.39 -27.74
C ARG C 83 -41.94 -3.72 -27.03
N ASP C 84 -41.46 -4.73 -27.74
CA ASP C 84 -41.02 -5.99 -27.15
C ASP C 84 -39.54 -5.86 -26.83
N TYR C 85 -39.17 -6.17 -25.59
CA TYR C 85 -37.78 -6.18 -25.19
C TYR C 85 -37.03 -7.34 -25.85
N MET C 86 -35.82 -7.08 -26.31
CA MET C 86 -35.02 -8.12 -26.93
C MET C 86 -33.56 -7.85 -26.67
N THR C 87 -32.84 -8.87 -26.19
CA THR C 87 -31.40 -8.84 -26.12
C THR C 87 -30.88 -10.18 -26.60
N LEU C 88 -29.56 -10.29 -26.67
CA LEU C 88 -28.86 -11.52 -26.99
C LEU C 88 -28.35 -12.16 -25.71
N SER C 89 -28.38 -13.49 -25.68
CA SER C 89 -27.82 -14.20 -24.55
C SER C 89 -26.30 -14.04 -24.60
N PRO C 90 -25.66 -13.56 -23.53
CA PRO C 90 -24.31 -12.98 -23.68
C PRO C 90 -23.22 -13.99 -23.95
N PHE C 91 -23.40 -15.27 -23.62
CA PHE C 91 -22.34 -16.25 -23.80
C PHE C 91 -22.47 -17.04 -25.10
N TRP C 92 -23.31 -16.58 -26.03
CA TRP C 92 -23.54 -17.26 -27.30
C TRP C 92 -22.89 -16.47 -28.43
N TRP C 93 -22.25 -17.19 -29.35
CA TRP C 93 -21.36 -16.64 -30.37
C TRP C 93 -21.66 -17.26 -31.72
N PRO C 94 -21.39 -16.54 -32.83
CA PRO C 94 -21.53 -17.15 -34.16
C PRO C 94 -20.58 -18.34 -34.32
N ASP C 95 -21.02 -19.30 -35.13
CA ASP C 95 -20.19 -20.48 -35.42
C ASP C 95 -19.42 -20.16 -36.69
N SER C 96 -18.13 -19.88 -36.54
CA SER C 96 -17.32 -19.47 -37.68
C SER C 96 -17.25 -20.58 -38.73
N THR C 97 -17.37 -21.85 -38.31
CA THR C 97 -17.30 -22.98 -39.22
C THR C 97 -18.56 -23.17 -40.04
N LYS C 98 -19.59 -22.35 -39.83
CA LYS C 98 -20.82 -22.39 -40.60
C LYS C 98 -20.91 -21.14 -41.46
N ILE C 99 -21.55 -21.26 -42.62
CA ILE C 99 -21.43 -20.21 -43.62
C ILE C 99 -22.15 -18.94 -43.15
N ASP C 100 -23.23 -19.09 -42.40
CA ASP C 100 -23.99 -17.96 -41.88
C ASP C 100 -23.76 -17.74 -40.39
N GLY C 101 -22.81 -18.46 -39.80
CA GLY C 101 -22.59 -18.38 -38.38
C GLY C 101 -23.64 -19.06 -37.51
N LEU C 102 -24.72 -19.62 -38.10
CA LEU C 102 -25.82 -20.23 -37.37
C LEU C 102 -25.68 -21.75 -37.32
N PRO C 103 -26.20 -22.40 -36.26
CA PRO C 103 -26.78 -21.81 -35.05
C PRO C 103 -25.65 -21.33 -34.16
N TYR C 104 -25.86 -20.32 -33.31
CA TYR C 104 -24.82 -19.88 -32.40
C TYR C 104 -24.42 -21.00 -31.45
N ILE C 105 -23.17 -20.91 -30.97
CA ILE C 105 -22.57 -21.83 -30.02
C ILE C 105 -22.22 -21.06 -28.76
N ARG C 106 -22.08 -21.77 -27.66
CA ARG C 106 -22.00 -21.18 -26.34
C ARG C 106 -20.57 -21.23 -25.81
N LYS C 107 -20.08 -20.10 -25.30
CA LYS C 107 -18.78 -20.01 -24.65
C LYS C 107 -19.01 -19.40 -23.27
N ASP C 108 -19.18 -20.27 -22.27
CA ASP C 108 -19.54 -19.82 -20.93
C ASP C 108 -18.50 -18.86 -20.38
N GLY C 109 -18.97 -17.69 -19.95
CA GLY C 109 -18.11 -16.70 -19.35
C GLY C 109 -17.60 -15.66 -20.32
N GLU C 110 -17.66 -15.91 -21.62
CA GLU C 110 -17.14 -15.00 -22.62
C GLU C 110 -18.30 -14.21 -23.20
N ARG C 111 -18.31 -12.91 -22.92
CA ARG C 111 -19.34 -12.01 -23.42
C ARG C 111 -19.07 -11.67 -24.89
N ASN C 112 -20.06 -11.94 -25.73
CA ASN C 112 -20.06 -11.64 -27.15
C ASN C 112 -20.39 -10.16 -27.31
N PRO C 113 -19.46 -9.32 -27.79
CA PRO C 113 -19.74 -7.89 -27.94
C PRO C 113 -20.99 -7.60 -28.77
N GLU C 114 -21.50 -8.57 -29.51
CA GLU C 114 -22.78 -8.36 -30.20
C GLU C 114 -23.91 -7.97 -29.25
N VAL C 115 -23.78 -8.30 -27.95
CA VAL C 115 -24.85 -7.95 -27.02
C VAL C 115 -25.14 -6.46 -27.07
N TYR C 116 -24.15 -5.64 -27.43
CA TYR C 116 -24.32 -4.19 -27.43
C TYR C 116 -25.10 -3.68 -28.63
N GLU C 117 -25.34 -4.51 -29.65
CA GLU C 117 -26.16 -4.09 -30.79
C GLU C 117 -27.63 -4.07 -30.45
N TYR C 118 -28.01 -4.57 -29.27
CA TYR C 118 -29.38 -4.52 -28.80
C TYR C 118 -29.47 -3.41 -27.78
N PRO C 119 -30.09 -2.26 -28.12
CA PRO C 119 -29.97 -1.07 -27.25
C PRO C 119 -30.56 -1.24 -25.85
N GLU C 120 -31.60 -2.06 -25.68
CA GLU C 120 -32.22 -2.22 -24.37
C GLU C 120 -31.25 -2.74 -23.33
N ARG C 121 -30.24 -3.50 -23.74
CA ARG C 121 -29.35 -4.11 -22.75
C ARG C 121 -28.71 -3.04 -21.89
N GLU C 122 -28.20 -2.00 -22.51
CA GLU C 122 -27.60 -0.89 -21.79
C GLU C 122 -28.61 0.17 -21.38
N ASN C 123 -29.70 0.34 -22.14
CA ASN C 123 -30.66 1.37 -21.79
C ASN C 123 -31.54 0.98 -20.61
N ALA C 124 -31.78 -0.32 -20.38
CA ALA C 124 -32.51 -0.73 -19.18
C ALA C 124 -31.69 -0.40 -17.94
N ASN C 125 -30.39 -0.64 -18.03
CA ASN C 125 -29.44 -0.25 -17.00
C ASN C 125 -29.50 1.26 -16.75
N ARG C 126 -29.36 2.06 -17.82
CA ARG C 126 -29.35 3.50 -17.64
C ARG C 126 -30.67 3.99 -17.10
N PHE C 127 -31.77 3.42 -17.58
CA PHE C 127 -33.07 3.75 -17.00
C PHE C 127 -33.14 3.37 -15.53
N GLY C 128 -32.77 2.12 -15.21
CA GLY C 128 -32.90 1.65 -13.83
C GLY C 128 -32.10 2.47 -12.84
N ASP C 129 -30.86 2.79 -13.19
CA ASP C 129 -30.05 3.72 -12.39
C ASP C 129 -30.78 5.05 -12.20
N ALA C 130 -31.26 5.65 -13.29
CA ALA C 130 -31.88 6.96 -13.22
C ALA C 130 -33.11 6.96 -12.32
N ALA C 131 -34.05 6.04 -12.55
CA ALA C 131 -35.25 6.03 -11.72
C ALA C 131 -34.92 5.72 -10.27
N TYR C 132 -33.97 4.81 -10.03
CA TYR C 132 -33.66 4.41 -8.66
C TYR C 132 -33.12 5.59 -7.88
N CYS C 133 -32.12 6.28 -8.44
CA CYS C 133 -31.50 7.41 -7.76
C CYS C 133 -32.48 8.55 -7.52
N LEU C 134 -33.21 8.94 -8.57
CA LEU C 134 -34.20 10.01 -8.46
C LEU C 134 -35.25 9.68 -7.41
N GLY C 135 -35.81 8.46 -7.45
CA GLY C 135 -36.86 8.12 -6.51
C GLY C 135 -36.37 8.08 -5.07
N VAL C 136 -35.15 7.56 -4.86
CA VAL C 136 -34.63 7.49 -3.49
C VAL C 136 -34.32 8.88 -2.97
N LEU C 137 -33.76 9.74 -3.84
CA LEU C 137 -33.51 11.12 -3.42
C LEU C 137 -34.81 11.85 -3.10
N TYR C 138 -35.88 11.59 -3.86
CA TYR C 138 -37.16 12.19 -3.50
C TYR C 138 -37.60 11.74 -2.12
N TYR C 139 -37.39 10.47 -1.79
CA TYR C 139 -37.85 9.97 -0.51
C TYR C 139 -37.10 10.62 0.64
N ILE C 140 -35.80 10.84 0.47
CA ILE C 140 -35.00 11.42 1.55
C ILE C 140 -35.30 12.91 1.69
N THR C 141 -35.32 13.63 0.58
CA THR C 141 -35.33 15.09 0.63
C THR C 141 -36.74 15.67 0.54
N GLY C 142 -37.67 14.96 -0.08
CA GLY C 142 -38.99 15.51 -0.31
C GLY C 142 -39.05 16.52 -1.43
N LYS C 143 -37.92 16.81 -2.09
CA LYS C 143 -37.88 17.82 -3.13
C LYS C 143 -38.62 17.34 -4.37
N GLU C 144 -39.60 18.14 -4.82
CA GLU C 144 -40.50 17.72 -5.89
C GLU C 144 -39.79 17.54 -7.23
N VAL C 145 -38.62 18.17 -7.43
CA VAL C 145 -37.93 18.07 -8.71
C VAL C 145 -37.45 16.64 -8.98
N TYR C 146 -37.25 15.82 -7.93
CA TYR C 146 -36.84 14.44 -8.14
C TYR C 146 -38.04 13.56 -8.49
N ALA C 147 -39.20 13.82 -7.89
CA ALA C 147 -40.40 13.09 -8.29
C ALA C 147 -40.79 13.38 -9.73
N LYS C 148 -40.63 14.65 -10.15
CA LYS C 148 -41.01 15.04 -11.52
C LYS C 148 -40.11 14.36 -12.54
N ALA C 149 -38.81 14.29 -12.26
CA ALA C 149 -37.90 13.61 -13.15
C ALA C 149 -38.06 12.10 -13.06
N CYS C 150 -38.17 11.57 -11.85
CA CYS C 150 -38.37 10.12 -11.70
C CYS C 150 -39.60 9.66 -12.48
N ALA C 151 -40.69 10.43 -12.40
CA ALA C 151 -41.91 10.08 -13.12
C ALA C 151 -41.71 10.11 -14.64
N ASN C 152 -40.99 11.12 -15.16
CA ASN C 152 -40.77 11.16 -16.61
C ASN C 152 -40.10 9.88 -17.11
N HIS C 153 -39.10 9.38 -16.38
CA HIS C 153 -38.45 8.14 -16.77
C HIS C 153 -39.39 6.95 -16.66
N LEU C 154 -40.16 6.85 -15.56
CA LEU C 154 -41.10 5.75 -15.36
C LEU C 154 -42.21 5.74 -16.42
N ARG C 155 -42.77 6.91 -16.72
CA ARG C 155 -43.81 7.01 -17.75
C ARG C 155 -43.32 6.48 -19.08
N THR C 156 -42.13 6.91 -19.51
CA THR C 156 -41.64 6.55 -20.83
C THR C 156 -41.26 5.07 -20.90
N TRP C 157 -40.59 4.56 -19.86
CA TRP C 157 -40.14 3.17 -19.95
C TRP C 157 -41.31 2.18 -19.90
N PHE C 158 -42.32 2.45 -19.07
CA PHE C 158 -43.30 1.43 -18.70
C PHE C 158 -44.66 1.60 -19.39
N THR C 159 -45.32 2.76 -19.22
CA THR C 159 -46.74 2.87 -19.52
C THR C 159 -47.08 3.65 -20.77
N ASP C 160 -46.18 4.49 -21.29
CA ASP C 160 -46.50 5.30 -22.46
C ASP C 160 -47.02 4.43 -23.61
N PRO C 161 -48.18 4.76 -24.19
CA PRO C 161 -48.79 3.85 -25.19
C PRO C 161 -47.95 3.58 -26.43
N LYS C 162 -47.00 4.46 -26.75
CA LYS C 162 -46.11 4.28 -27.89
C LYS C 162 -44.70 3.88 -27.50
N LEU C 163 -44.15 4.53 -26.48
CA LEU C 163 -42.78 4.27 -26.04
C LEU C 163 -42.70 3.22 -24.96
N GLY C 164 -43.82 2.89 -24.33
CA GLY C 164 -43.80 1.98 -23.21
C GLY C 164 -43.49 0.57 -23.64
N MET C 165 -42.68 -0.11 -22.83
CA MET C 165 -42.36 -1.50 -23.06
C MET C 165 -43.59 -2.39 -22.84
N ASN C 166 -43.70 -3.45 -23.65
CA ASN C 166 -44.75 -4.43 -23.44
C ASN C 166 -44.50 -5.23 -22.15
N PRO C 167 -45.52 -5.58 -21.40
CA PRO C 167 -45.21 -6.36 -20.18
C PRO C 167 -44.96 -7.85 -20.46
N ASN C 168 -43.77 -8.16 -20.97
CA ASN C 168 -43.32 -9.53 -21.19
C ASN C 168 -41.81 -9.54 -21.43
N MET C 169 -41.20 -10.73 -21.30
CA MET C 169 -39.80 -10.96 -21.66
C MET C 169 -39.65 -12.08 -22.68
N THR C 170 -40.59 -12.19 -23.62
CA THR C 170 -40.57 -13.24 -24.62
C THR C 170 -39.23 -13.31 -25.35
N TYR C 171 -38.69 -12.16 -25.77
CA TYR C 171 -37.47 -12.15 -26.58
C TYR C 171 -36.24 -11.73 -25.80
N ALA C 172 -36.26 -11.95 -24.49
CA ALA C 172 -35.09 -11.67 -23.67
C ALA C 172 -34.03 -12.74 -23.91
N GLN C 173 -32.79 -12.30 -24.11
CA GLN C 173 -31.65 -13.19 -24.34
C GLN C 173 -32.01 -14.28 -25.34
N ALA C 174 -32.60 -13.85 -26.46
CA ALA C 174 -32.81 -14.72 -27.61
C ALA C 174 -31.46 -15.09 -28.23
N VAL C 175 -31.41 -16.26 -28.87
CA VAL C 175 -30.17 -16.81 -29.40
C VAL C 175 -30.38 -17.17 -30.86
N PRO C 176 -29.66 -16.56 -31.80
CA PRO C 176 -29.85 -16.89 -33.22
C PRO C 176 -29.51 -18.35 -33.54
N GLY C 177 -30.38 -19.00 -34.30
CA GLY C 177 -30.19 -20.39 -34.63
C GLY C 177 -30.83 -21.38 -33.67
N MET C 178 -31.21 -20.95 -32.48
CA MET C 178 -31.81 -21.85 -31.52
C MET C 178 -33.25 -22.16 -31.90
N LYS C 179 -33.62 -23.44 -31.83
CA LYS C 179 -34.95 -23.88 -32.24
C LYS C 179 -35.96 -23.90 -31.11
N LYS C 180 -35.50 -23.94 -29.86
CA LYS C 180 -36.38 -24.00 -28.70
C LYS C 180 -36.53 -22.62 -28.05
N MET C 181 -37.70 -22.43 -27.44
CA MET C 181 -38.01 -21.25 -26.62
C MET C 181 -37.41 -21.41 -25.23
N ARG C 182 -36.83 -20.34 -24.68
CA ARG C 182 -36.14 -20.39 -23.40
C ARG C 182 -36.60 -19.25 -22.47
N GLY C 183 -36.45 -19.49 -21.17
CA GLY C 183 -36.81 -18.52 -20.15
C GLY C 183 -35.63 -17.84 -19.48
N SER C 184 -34.41 -18.19 -19.90
CA SER C 184 -33.21 -17.68 -19.22
C SER C 184 -33.09 -16.16 -19.29
N GLY C 185 -33.65 -15.52 -20.31
CA GLY C 185 -33.47 -14.08 -20.42
C GLY C 185 -34.27 -13.28 -19.43
N PHE C 186 -35.21 -13.93 -18.70
CA PHE C 186 -36.03 -13.24 -17.73
C PHE C 186 -35.20 -12.53 -16.65
N ILE C 187 -33.97 -12.99 -16.41
CA ILE C 187 -33.10 -12.38 -15.42
C ILE C 187 -32.79 -10.93 -15.76
N ASP C 188 -32.92 -10.56 -17.04
CA ASP C 188 -32.72 -9.17 -17.43
C ASP C 188 -33.65 -8.24 -16.69
N SER C 189 -34.82 -8.74 -16.27
CA SER C 189 -35.85 -7.88 -15.68
C SER C 189 -35.35 -7.11 -14.47
N ARG C 190 -34.40 -7.69 -13.71
CA ARG C 190 -33.94 -7.06 -12.49
C ARG C 190 -33.46 -5.62 -12.68
N ARG C 191 -33.09 -5.22 -13.89
CA ARG C 191 -32.68 -3.84 -14.09
C ARG C 191 -33.89 -2.88 -14.00
N PHE C 192 -35.02 -3.22 -14.61
CA PHE C 192 -36.17 -2.34 -14.48
C PHE C 192 -37.14 -2.73 -13.37
N SER C 193 -37.06 -3.97 -12.86
CA SER C 193 -37.98 -4.34 -11.79
C SER C 193 -37.70 -3.56 -10.52
N ARG C 194 -36.44 -3.17 -10.28
CA ARG C 194 -36.15 -2.32 -9.14
C ARG C 194 -36.73 -0.93 -9.35
N ALA C 195 -36.72 -0.42 -10.58
CA ALA C 195 -37.30 0.90 -10.80
C ALA C 195 -38.81 0.87 -10.63
N LEU C 196 -39.46 -0.20 -11.07
CA LEU C 196 -40.88 -0.39 -10.75
C LEU C 196 -41.10 -0.25 -9.24
N GLY C 197 -40.33 -0.97 -8.45
CA GLY C 197 -40.43 -0.86 -6.99
C GLY C 197 -40.21 0.55 -6.45
N VAL C 198 -39.24 1.28 -7.00
CA VAL C 198 -38.95 2.62 -6.46
C VAL C 198 -40.10 3.58 -6.74
N ALA C 199 -40.91 3.31 -7.78
CA ALA C 199 -42.03 4.21 -8.03
C ALA C 199 -42.95 4.35 -6.83
N LYS C 200 -42.97 3.38 -5.90
CA LYS C 200 -43.75 3.56 -4.68
C LYS C 200 -43.28 4.77 -3.89
N LEU C 201 -41.98 5.08 -3.94
CA LEU C 201 -41.43 6.18 -3.14
C LEU C 201 -41.95 7.54 -3.58
N ILE C 202 -42.33 7.69 -4.86
CA ILE C 202 -42.84 8.97 -5.37
C ILE C 202 -44.35 9.06 -5.35
N GLU C 203 -45.04 8.00 -4.92
CA GLU C 203 -46.48 8.12 -4.69
C GLU C 203 -46.75 9.14 -3.60
N GLY C 204 -47.74 10.01 -3.83
CA GLY C 204 -48.03 11.12 -2.96
C GLY C 204 -47.54 12.46 -3.46
N SER C 205 -46.51 12.47 -4.32
CA SER C 205 -45.96 13.67 -4.92
C SER C 205 -46.95 14.32 -5.89
N LYS C 206 -46.70 15.59 -6.19
CA LYS C 206 -47.51 16.32 -7.16
C LYS C 206 -47.31 15.83 -8.58
N SER C 207 -46.15 15.22 -8.88
CA SER C 207 -45.82 14.84 -10.25
C SER C 207 -46.33 13.45 -10.64
N TRP C 208 -46.48 12.53 -9.70
CA TRP C 208 -46.97 11.18 -9.96
C TRP C 208 -48.46 11.16 -9.61
N THR C 209 -49.30 11.22 -10.63
CA THR C 209 -50.73 11.42 -10.45
C THR C 209 -51.43 10.11 -10.12
N PRO C 210 -52.68 10.18 -9.64
CA PRO C 210 -53.46 8.93 -9.52
C PRO C 210 -53.60 8.19 -10.84
N SER C 211 -53.55 8.90 -11.97
CA SER C 211 -53.60 8.26 -13.28
C SER C 211 -52.28 7.60 -13.65
N ASP C 212 -51.16 8.24 -13.35
CA ASP C 212 -49.88 7.59 -13.50
C ASP C 212 -49.82 6.31 -12.69
N LYS C 213 -50.30 6.35 -11.45
CA LYS C 213 -50.27 5.19 -10.58
C LYS C 213 -51.15 4.05 -11.10
N LYS C 214 -52.36 4.36 -11.60
CA LYS C 214 -53.24 3.32 -12.12
C LYS C 214 -52.65 2.65 -13.35
N LYS C 215 -52.12 3.44 -14.30
CA LYS C 215 -51.52 2.83 -15.47
C LYS C 215 -50.35 1.93 -15.10
N LEU C 216 -49.52 2.37 -14.14
CA LEU C 216 -48.35 1.55 -13.79
C LEU C 216 -48.77 0.29 -13.02
N ASP C 217 -49.77 0.39 -12.14
CA ASP C 217 -50.31 -0.80 -11.48
C ASP C 217 -50.86 -1.80 -12.49
N ASP C 218 -51.50 -1.31 -13.56
CA ASP C 218 -52.05 -2.19 -14.57
C ASP C 218 -50.95 -2.91 -15.34
N TRP C 219 -49.86 -2.20 -15.62
CA TRP C 219 -48.72 -2.83 -16.27
C TRP C 219 -48.11 -3.89 -15.39
N ALA C 220 -47.81 -3.53 -14.14
CA ALA C 220 -47.18 -4.47 -13.22
C ALA C 220 -48.03 -5.73 -13.08
N THR C 221 -49.36 -5.58 -13.01
CA THR C 221 -50.25 -6.73 -12.96
C THR C 221 -50.14 -7.59 -14.22
N ALA C 222 -50.10 -6.95 -15.39
CA ALA C 222 -49.89 -7.67 -16.62
C ALA C 222 -48.52 -8.34 -16.63
N PHE C 223 -47.48 -7.65 -16.11
CA PHE C 223 -46.15 -8.27 -16.12
C PHE C 223 -46.10 -9.45 -15.15
N CYS C 224 -46.72 -9.30 -13.97
CA CYS C 224 -46.78 -10.38 -13.00
C CYS C 224 -47.59 -11.56 -13.52
N TYR C 225 -48.64 -11.30 -14.29
CA TYR C 225 -49.35 -12.42 -14.92
C TYR C 225 -48.44 -13.14 -15.90
N TRP C 226 -47.64 -12.38 -16.67
CA TRP C 226 -46.75 -13.01 -17.64
C TRP C 226 -45.67 -13.85 -16.94
N MET C 227 -45.07 -13.33 -15.85
CA MET C 227 -44.11 -14.10 -15.06
C MET C 227 -44.66 -15.44 -14.65
N GLU C 228 -45.90 -15.47 -14.19
CA GLU C 228 -46.46 -16.65 -13.54
C GLU C 228 -47.07 -17.64 -14.52
N ASN C 229 -47.67 -17.19 -15.62
CA ASN C 229 -48.41 -18.11 -16.46
C ASN C 229 -47.79 -18.38 -17.82
N SER C 230 -46.96 -17.48 -18.37
CA SER C 230 -46.32 -17.81 -19.62
C SER C 230 -45.44 -19.05 -19.42
N THR C 231 -45.12 -19.75 -20.53
CA THR C 231 -44.28 -20.94 -20.47
C THR C 231 -42.84 -20.58 -20.14
N GLN C 232 -42.37 -19.44 -20.62
CA GLN C 232 -41.00 -19.06 -20.30
C GLN C 232 -40.86 -18.70 -18.82
N GLY C 233 -41.91 -18.10 -18.24
CA GLY C 233 -41.85 -17.72 -16.83
C GLY C 233 -41.93 -18.94 -15.91
N GLN C 234 -42.87 -19.86 -16.18
CA GLN C 234 -42.91 -21.14 -15.48
C GLN C 234 -41.58 -21.85 -15.50
N ARG C 235 -41.00 -21.98 -16.71
CA ARG C 235 -39.66 -22.55 -16.86
C ARG C 235 -38.68 -21.86 -15.93
N GLU C 236 -38.66 -20.52 -15.95
CA GLU C 236 -37.66 -19.80 -15.16
C GLU C 236 -37.94 -19.92 -13.68
N SER C 237 -39.21 -20.02 -13.30
CA SER C 237 -39.56 -20.19 -11.88
C SER C 237 -39.12 -21.53 -11.34
N HIS C 238 -38.84 -22.52 -12.19
CA HIS C 238 -38.37 -23.82 -11.73
C HIS C 238 -36.86 -23.98 -11.89
N ALA C 239 -36.16 -22.93 -12.32
CA ALA C 239 -34.72 -23.07 -12.54
C ALA C 239 -34.01 -23.40 -11.22
N ALA C 240 -32.92 -24.17 -11.33
CA ALA C 240 -32.27 -24.79 -10.18
C ALA C 240 -30.98 -24.08 -9.76
N ASN C 241 -30.59 -23.01 -10.44
CA ASN C 241 -29.40 -22.23 -10.09
C ASN C 241 -29.78 -20.78 -9.79
N ASN C 242 -28.83 -19.86 -9.97
CA ASN C 242 -29.11 -18.48 -9.59
C ASN C 242 -30.25 -17.86 -10.39
N HIS C 243 -30.72 -18.51 -11.46
CA HIS C 243 -31.87 -18.01 -12.21
C HIS C 243 -33.15 -18.12 -11.39
N GLY C 244 -33.34 -19.24 -10.67
CA GLY C 244 -34.50 -19.37 -9.80
C GLY C 244 -34.49 -18.36 -8.66
N LEU C 245 -33.34 -18.09 -8.08
CA LEU C 245 -33.26 -17.08 -7.04
C LEU C 245 -33.60 -15.68 -7.58
N TRP C 246 -32.99 -15.27 -8.70
CA TRP C 246 -33.29 -13.96 -9.27
C TRP C 246 -34.72 -13.86 -9.80
N TYR C 247 -35.25 -14.98 -10.32
CA TYR C 247 -36.65 -14.99 -10.69
C TYR C 247 -37.51 -14.54 -9.52
N GLU C 248 -37.32 -15.15 -8.35
CA GLU C 248 -38.21 -14.83 -7.22
C GLU C 248 -37.92 -13.45 -6.65
N ALA C 249 -36.65 -13.03 -6.61
CA ALA C 249 -36.33 -11.65 -6.23
C ALA C 249 -37.10 -10.66 -7.09
N ILE C 250 -37.17 -10.92 -8.40
CA ILE C 250 -37.97 -10.08 -9.28
C ILE C 250 -39.43 -10.24 -8.95
N HIS C 251 -39.86 -11.49 -8.72
CA HIS C 251 -41.24 -11.71 -8.33
C HIS C 251 -41.59 -10.86 -7.12
N LEU C 252 -40.72 -10.86 -6.11
CA LEU C 252 -40.96 -10.10 -4.89
C LEU C 252 -41.00 -8.59 -5.11
N MET C 253 -40.24 -8.07 -6.08
CA MET C 253 -40.30 -6.63 -6.35
C MET C 253 -41.60 -6.26 -7.07
N VAL C 254 -42.03 -7.08 -8.02
CA VAL C 254 -43.33 -6.85 -8.65
C VAL C 254 -44.44 -6.94 -7.60
N LEU C 255 -44.41 -7.98 -6.76
CA LEU C 255 -45.47 -8.19 -5.78
C LEU C 255 -45.43 -7.12 -4.68
N ALA C 256 -44.23 -6.69 -4.28
CA ALA C 256 -44.15 -5.58 -3.33
C ALA C 256 -44.78 -4.33 -3.91
N TYR C 257 -44.42 -4.00 -5.16
CA TYR C 257 -44.99 -2.84 -5.81
C TYR C 257 -46.52 -2.87 -5.76
N LEU C 258 -47.12 -4.03 -6.04
CA LEU C 258 -48.57 -4.19 -6.01
C LEU C 258 -49.14 -4.41 -4.61
N ASP C 259 -48.34 -4.27 -3.53
CA ASP C 259 -48.79 -4.53 -2.17
C ASP C 259 -49.39 -5.94 -2.00
N ARG C 260 -48.92 -6.93 -2.76
CA ARG C 260 -49.39 -8.29 -2.51
C ARG C 260 -48.51 -8.96 -1.44
N THR C 261 -48.65 -8.46 -0.20
CA THR C 261 -47.82 -8.95 0.92
C THR C 261 -48.12 -10.40 1.33
N ASP C 262 -49.37 -10.83 1.22
CA ASP C 262 -49.67 -12.25 1.39
C ASP C 262 -48.89 -13.09 0.40
N ARG C 263 -48.94 -12.75 -0.89
CA ARG C 263 -48.16 -13.52 -1.87
C ARG C 263 -46.69 -13.48 -1.53
N ILE C 264 -46.21 -12.33 -1.02
CA ILE C 264 -44.80 -12.21 -0.65
C ILE C 264 -44.43 -13.29 0.36
N ARG C 265 -45.31 -13.56 1.35
CA ARG C 265 -44.96 -14.57 2.34
C ARG C 265 -45.00 -15.97 1.73
N GLU C 266 -45.99 -16.26 0.90
CA GLU C 266 -46.06 -17.58 0.27
C GLU C 266 -44.85 -17.82 -0.62
N VAL C 267 -44.45 -16.84 -1.44
CA VAL C 267 -43.26 -17.00 -2.29
C VAL C 267 -42.03 -17.28 -1.42
N ALA C 268 -41.87 -16.53 -0.32
CA ALA C 268 -40.71 -16.72 0.54
C ALA C 268 -40.74 -18.09 1.19
N GLU C 269 -41.88 -18.45 1.80
CA GLU C 269 -41.92 -19.69 2.57
C GLU C 269 -42.08 -20.92 1.70
N GLN C 270 -42.75 -20.80 0.54
CA GLN C 270 -43.02 -21.96 -0.30
C GLN C 270 -42.09 -22.07 -1.50
N SER C 271 -41.37 -21.01 -1.87
CA SER C 271 -40.55 -21.06 -3.06
C SER C 271 -39.09 -20.68 -2.83
N ILE C 272 -38.80 -19.50 -2.28
CA ILE C 272 -37.40 -19.07 -2.15
C ILE C 272 -36.63 -19.99 -1.21
N LEU C 273 -37.19 -20.28 -0.05
CA LEU C 273 -36.42 -21.10 0.88
C LEU C 273 -36.24 -22.54 0.37
N PRO C 274 -37.23 -23.17 -0.27
CA PRO C 274 -36.93 -24.44 -0.96
C PRO C 274 -35.85 -24.34 -2.02
N LYS C 275 -35.94 -23.36 -2.93
CA LYS C 275 -34.90 -23.19 -3.95
C LYS C 275 -33.53 -22.98 -3.31
N MET C 276 -33.48 -22.20 -2.23
CA MET C 276 -32.21 -21.95 -1.56
C MET C 276 -31.65 -23.22 -0.91
N GLY C 277 -32.53 -24.07 -0.34
CA GLY C 277 -32.07 -25.25 0.37
C GLY C 277 -31.58 -26.35 -0.53
N ALA C 278 -32.14 -26.45 -1.74
CA ALA C 278 -31.65 -27.44 -2.70
C ALA C 278 -30.33 -27.03 -3.36
N GLN C 279 -29.95 -25.76 -3.27
CA GLN C 279 -28.73 -25.29 -3.91
C GLN C 279 -27.52 -25.31 -3.01
N ILE C 280 -27.71 -25.29 -1.69
CA ILE C 280 -26.59 -25.24 -0.76
C ILE C 280 -26.15 -26.67 -0.44
N ALA C 281 -24.90 -26.99 -0.75
CA ALA C 281 -24.34 -28.30 -0.45
C ALA C 281 -23.95 -28.37 1.02
N ASP C 282 -23.42 -29.52 1.42
CA ASP C 282 -23.14 -29.75 2.85
C ASP C 282 -22.03 -28.83 3.38
N ASP C 283 -21.04 -28.49 2.56
CA ASP C 283 -20.01 -27.57 3.03
C ASP C 283 -20.39 -26.10 2.87
N GLY C 284 -21.62 -25.80 2.42
CA GLY C 284 -22.02 -24.42 2.17
C GLY C 284 -21.78 -23.93 0.75
N SER C 285 -21.03 -24.65 -0.07
CA SER C 285 -20.80 -24.23 -1.44
C SER C 285 -22.07 -24.39 -2.27
N LEU C 286 -22.07 -23.76 -3.45
CA LEU C 286 -23.22 -23.73 -4.34
C LEU C 286 -22.89 -24.51 -5.61
N PRO C 287 -23.14 -25.83 -5.63
CA PRO C 287 -22.62 -26.68 -6.73
C PRO C 287 -23.04 -26.27 -8.14
N GLN C 288 -24.23 -25.71 -8.32
CA GLN C 288 -24.66 -25.29 -9.64
C GLN C 288 -23.78 -24.18 -10.20
N GLU C 289 -23.24 -23.31 -9.34
CA GLU C 289 -22.38 -22.21 -9.76
C GLU C 289 -20.91 -22.57 -9.82
N LEU C 290 -20.49 -23.64 -9.13
CA LEU C 290 -19.09 -24.04 -9.16
C LEU C 290 -18.71 -24.62 -10.50
N LYS C 291 -19.67 -25.20 -11.23
CA LYS C 291 -19.36 -25.77 -12.54
C LYS C 291 -19.36 -24.71 -13.64
N ARG C 292 -19.38 -23.42 -13.31
CA ARG C 292 -19.27 -22.37 -14.31
C ARG C 292 -17.83 -21.87 -14.39
N THR C 293 -17.48 -21.35 -15.56
CA THR C 293 -16.16 -20.73 -15.74
C THR C 293 -16.03 -19.39 -15.02
N LEU C 294 -17.12 -18.88 -14.44
CA LEU C 294 -17.08 -17.69 -13.58
C LEU C 294 -17.67 -18.02 -12.22
N SER C 295 -17.04 -18.98 -11.50
CA SER C 295 -17.68 -19.65 -10.37
C SER C 295 -17.78 -18.76 -9.12
N LEU C 296 -16.75 -17.95 -8.82
CA LEU C 296 -16.86 -17.08 -7.65
C LEU C 296 -17.78 -15.90 -7.92
N HIS C 297 -17.87 -15.48 -9.18
CA HIS C 297 -18.83 -14.45 -9.55
C HIS C 297 -20.27 -14.96 -9.46
N PHE C 298 -20.51 -16.20 -9.90
CA PHE C 298 -21.88 -16.73 -9.89
C PHE C 298 -22.29 -17.24 -8.52
N SER C 299 -21.35 -17.74 -7.71
CA SER C 299 -21.64 -17.90 -6.28
C SER C 299 -22.09 -16.56 -5.70
N THR C 300 -21.31 -15.51 -5.93
CA THR C 300 -21.71 -14.18 -5.49
C THR C 300 -23.03 -13.73 -6.11
N PHE C 301 -23.31 -14.16 -7.34
CA PHE C 301 -24.54 -13.72 -7.98
C PHE C 301 -25.77 -14.38 -7.35
N ALA C 302 -25.68 -15.66 -7.00
CA ALA C 302 -26.79 -16.30 -6.30
C ALA C 302 -27.13 -15.56 -5.02
N LEU C 303 -26.11 -15.28 -4.20
CA LEU C 303 -26.31 -14.59 -2.93
C LEU C 303 -26.95 -13.20 -3.13
N GLU C 304 -26.51 -12.47 -4.17
CA GLU C 304 -27.03 -11.13 -4.43
C GLU C 304 -28.54 -11.16 -4.64
N ALA C 305 -29.08 -12.23 -5.26
CA ALA C 305 -30.53 -12.34 -5.40
C ALA C 305 -31.21 -12.51 -4.05
N LEU C 306 -30.73 -13.47 -3.26
CA LEU C 306 -31.26 -13.67 -1.92
C LEU C 306 -31.18 -12.39 -1.09
N MET C 307 -30.09 -11.64 -1.24
CA MET C 307 -29.96 -10.38 -0.52
C MET C 307 -31.03 -9.37 -0.95
N GLU C 308 -31.29 -9.27 -2.26
CA GLU C 308 -32.31 -8.32 -2.71
C GLU C 308 -33.70 -8.83 -2.39
N ALA C 309 -33.89 -10.16 -2.39
CA ALA C 309 -35.15 -10.71 -1.92
C ALA C 309 -35.36 -10.41 -0.43
N ASN C 310 -34.33 -10.65 0.39
CA ASN C 310 -34.47 -10.47 1.83
C ASN C 310 -34.75 -9.02 2.21
N GLN C 311 -34.28 -8.05 1.42
CA GLN C 311 -34.61 -6.66 1.68
C GLN C 311 -36.12 -6.46 1.67
N ILE C 312 -36.85 -7.20 0.84
CA ILE C 312 -38.31 -7.08 0.79
C ILE C 312 -38.98 -7.95 1.84
N THR C 313 -38.53 -9.21 2.02
CA THR C 313 -39.23 -10.10 2.95
C THR C 313 -39.02 -9.67 4.40
N SER C 314 -37.84 -9.14 4.74
CA SER C 314 -37.60 -8.71 6.12
C SER C 314 -38.35 -7.43 6.46
N GLN C 315 -38.78 -6.67 5.44
CA GLN C 315 -39.69 -5.55 5.68
C GLN C 315 -41.08 -6.02 6.12
N ILE C 316 -41.40 -7.31 5.97
CA ILE C 316 -42.63 -7.87 6.52
C ILE C 316 -42.33 -9.00 7.52
N GLY C 317 -41.10 -9.06 8.04
CA GLY C 317 -40.78 -9.91 9.17
C GLY C 317 -40.17 -11.26 8.86
N ILE C 318 -39.76 -11.52 7.61
CA ILE C 318 -39.13 -12.80 7.25
C ILE C 318 -37.66 -12.54 6.92
N ASN C 319 -36.77 -13.20 7.69
CA ASN C 319 -35.32 -13.11 7.49
C ASN C 319 -34.89 -14.36 6.71
N LEU C 320 -34.58 -14.18 5.41
CA LEU C 320 -34.11 -15.28 4.57
C LEU C 320 -32.68 -15.72 4.87
N TRP C 321 -31.89 -14.89 5.55
CA TRP C 321 -30.53 -15.25 5.90
C TRP C 321 -30.49 -16.27 7.05
N SER C 322 -31.44 -16.20 8.00
CA SER C 322 -31.43 -17.07 9.18
C SER C 322 -32.59 -18.07 9.28
N THR C 323 -33.59 -17.99 8.38
CA THR C 323 -34.69 -18.96 8.35
C THR C 323 -34.28 -20.25 7.64
N PRO C 324 -34.14 -21.35 8.35
CA PRO C 324 -33.73 -22.61 7.71
C PRO C 324 -34.81 -23.14 6.77
N ALA C 325 -34.36 -23.94 5.79
CA ALA C 325 -35.24 -24.54 4.78
C ALA C 325 -35.87 -25.82 5.35
N SER C 326 -36.69 -26.48 4.51
CA SER C 326 -37.33 -27.75 4.88
C SER C 326 -36.32 -28.88 5.05
N ASN C 327 -35.18 -28.81 4.35
CA ASN C 327 -34.10 -29.78 4.46
C ASN C 327 -32.99 -29.34 5.44
N GLY C 328 -33.23 -28.29 6.23
CA GLY C 328 -32.28 -27.85 7.23
C GLY C 328 -31.22 -26.88 6.74
N LYS C 329 -31.09 -26.68 5.43
CA LYS C 329 -30.11 -25.72 4.93
C LYS C 329 -30.57 -24.30 5.24
N VAL C 330 -29.60 -23.40 5.37
CA VAL C 330 -29.87 -22.01 5.65
C VAL C 330 -28.79 -21.20 4.94
N ALA C 331 -29.20 -20.05 4.38
CA ALA C 331 -28.35 -19.27 3.49
C ALA C 331 -27.05 -18.81 4.12
N SER C 332 -27.00 -18.69 5.45
CA SER C 332 -25.79 -18.29 6.15
C SER C 332 -24.67 -19.31 5.99
N GLN C 333 -25.00 -20.58 5.78
CA GLN C 333 -23.95 -21.53 5.42
C GLN C 333 -23.30 -21.16 4.11
N ALA C 334 -24.04 -20.50 3.20
CA ALA C 334 -23.46 -20.11 1.92
C ALA C 334 -22.53 -18.90 2.05
N VAL C 335 -22.83 -17.97 2.96
CA VAL C 335 -21.89 -16.88 3.23
C VAL C 335 -20.67 -17.39 3.98
N ASP C 336 -20.88 -18.36 4.89
CA ASP C 336 -19.75 -18.91 5.63
C ASP C 336 -18.72 -19.56 4.71
N TYR C 337 -19.18 -20.29 3.69
CA TYR C 337 -18.23 -20.94 2.80
C TYR C 337 -17.46 -19.94 1.95
N LEU C 338 -18.09 -18.82 1.58
CA LEU C 338 -17.50 -17.83 0.67
C LEU C 338 -16.76 -16.71 1.40
N TYR C 339 -16.89 -16.59 2.72
CA TYR C 339 -16.26 -15.47 3.41
C TYR C 339 -14.74 -15.44 3.27
N PRO C 340 -13.98 -16.54 3.45
CA PRO C 340 -12.51 -16.44 3.30
C PRO C 340 -12.08 -16.04 1.91
N PHE C 341 -12.85 -16.45 0.89
CA PHE C 341 -12.52 -16.06 -0.46
C PHE C 341 -13.02 -14.66 -0.82
N TYR C 342 -13.73 -13.98 0.09
CA TYR C 342 -13.91 -12.54 -0.07
C TYR C 342 -12.80 -11.80 0.65
N LEU C 343 -12.31 -12.33 1.77
CA LEU C 343 -11.08 -11.83 2.36
C LEU C 343 -9.93 -11.91 1.36
N ASN C 344 -9.75 -13.09 0.77
CA ASN C 344 -8.61 -13.38 -0.11
C ASN C 344 -9.18 -14.04 -1.35
N PRO C 345 -9.61 -13.24 -2.32
CA PRO C 345 -10.19 -13.80 -3.56
C PRO C 345 -9.24 -14.67 -4.35
N GLU C 346 -7.92 -14.51 -4.18
CA GLU C 346 -6.98 -15.34 -4.93
C GLU C 346 -6.94 -16.77 -4.43
N ASP C 347 -7.41 -17.03 -3.21
CA ASP C 347 -7.45 -18.39 -2.69
C ASP C 347 -8.51 -19.25 -3.39
N TRP C 348 -9.44 -18.65 -4.12
CA TRP C 348 -10.51 -19.39 -4.78
C TRP C 348 -9.95 -20.46 -5.71
N LYS C 349 -10.35 -21.71 -5.48
CA LYS C 349 -9.75 -22.88 -6.13
C LYS C 349 -10.59 -23.41 -7.29
N PHE C 350 -11.47 -22.58 -7.85
CA PHE C 350 -12.35 -23.01 -8.93
C PHE C 350 -12.21 -22.05 -10.11
N LYS C 351 -12.65 -22.52 -11.27
CA LYS C 351 -12.48 -21.79 -12.53
C LYS C 351 -13.10 -20.40 -12.43
N GLN C 352 -12.30 -19.37 -12.75
CA GLN C 352 -12.76 -18.00 -12.67
C GLN C 352 -11.96 -17.19 -13.69
N ILE C 353 -12.48 -17.16 -14.93
CA ILE C 353 -11.68 -16.75 -16.09
C ILE C 353 -11.66 -15.23 -16.30
N LYS C 354 -12.12 -14.48 -15.31
CA LYS C 354 -11.98 -13.03 -15.23
C LYS C 354 -11.73 -12.67 -13.78
N PRO C 355 -11.22 -11.48 -13.50
CA PRO C 355 -11.05 -11.05 -12.10
C PRO C 355 -12.40 -10.81 -11.41
N PHE C 356 -12.49 -11.26 -10.15
CA PHE C 356 -13.68 -11.05 -9.33
C PHE C 356 -13.60 -9.72 -8.57
N ASP C 357 -14.63 -8.90 -8.73
CA ASP C 357 -14.77 -7.60 -8.07
C ASP C 357 -14.98 -7.80 -6.56
N GLN C 358 -13.94 -7.55 -5.77
CA GLN C 358 -14.07 -7.72 -4.32
C GLN C 358 -15.01 -6.68 -3.71
N SER C 359 -15.10 -5.50 -4.32
CA SER C 359 -16.01 -4.48 -3.80
C SER C 359 -17.45 -4.99 -3.67
N ARG C 360 -17.83 -6.02 -4.44
CA ARG C 360 -19.16 -6.62 -4.29
C ARG C 360 -19.35 -7.29 -2.94
N ALA C 361 -18.27 -7.65 -2.26
CA ALA C 361 -18.45 -8.27 -0.96
C ALA C 361 -18.84 -7.25 0.12
N ALA C 362 -18.63 -5.96 -0.12
CA ALA C 362 -18.94 -4.95 0.89
C ALA C 362 -20.44 -4.90 1.21
N ILE C 363 -21.27 -4.60 0.21
CA ILE C 363 -22.72 -4.51 0.43
C ILE C 363 -23.29 -5.85 0.83
N LEU C 364 -22.84 -6.92 0.20
CA LEU C 364 -23.35 -8.25 0.54
C LEU C 364 -23.08 -8.58 2.01
N LEU C 365 -21.82 -8.48 2.45
CA LEU C 365 -21.51 -8.87 3.82
C LEU C 365 -22.23 -7.99 4.84
N TYR C 366 -22.53 -6.73 4.49
CA TYR C 366 -23.31 -5.91 5.41
C TYR C 366 -24.73 -6.44 5.56
N GLU C 367 -25.41 -6.69 4.43
CA GLU C 367 -26.78 -7.22 4.46
C GLU C 367 -26.86 -8.54 5.22
N ALA C 368 -25.96 -9.48 4.89
CA ALA C 368 -25.90 -10.74 5.61
C ALA C 368 -25.40 -10.57 7.05
N GLY C 369 -24.44 -9.67 7.27
CA GLY C 369 -23.95 -9.49 8.63
C GLY C 369 -25.01 -8.96 9.56
N THR C 370 -25.72 -7.90 9.12
CA THR C 370 -26.72 -7.26 9.96
C THR C 370 -27.93 -8.15 10.19
N ALA C 371 -28.34 -8.91 9.17
CA ALA C 371 -29.46 -9.83 9.30
C ALA C 371 -29.17 -10.98 10.27
N LEU C 372 -27.89 -11.37 10.39
CA LEU C 372 -27.46 -12.48 11.23
C LEU C 372 -26.85 -12.03 12.56
N GLY C 373 -26.82 -10.73 12.85
CA GLY C 373 -26.14 -10.26 14.04
C GLY C 373 -24.68 -10.60 14.11
N ASN C 374 -24.05 -10.94 12.98
CA ASN C 374 -22.65 -11.29 12.94
C ASN C 374 -21.83 -10.02 12.80
N GLN C 375 -20.97 -9.77 13.78
CA GLN C 375 -20.17 -8.55 13.81
C GLN C 375 -18.89 -8.68 12.99
N LYS C 376 -18.36 -9.90 12.86
CA LYS C 376 -17.21 -10.10 12.00
C LYS C 376 -17.54 -9.77 10.56
N TYR C 377 -18.69 -10.27 10.08
CA TYR C 377 -19.11 -9.98 8.71
C TYR C 377 -19.28 -8.48 8.49
N VAL C 378 -19.88 -7.79 9.47
CA VAL C 378 -20.13 -6.35 9.33
C VAL C 378 -18.82 -5.59 9.36
N ASP C 379 -17.84 -6.06 10.15
CA ASP C 379 -16.54 -5.40 10.22
C ASP C 379 -15.74 -5.57 8.92
N THR C 380 -15.78 -6.76 8.33
CA THR C 380 -15.16 -6.98 7.03
C THR C 380 -15.81 -6.11 5.95
N ALA C 381 -17.13 -5.97 5.99
CA ALA C 381 -17.84 -5.11 5.03
C ALA C 381 -17.28 -3.70 5.05
N LYS C 382 -17.06 -3.15 6.26
CA LYS C 382 -16.58 -1.78 6.35
C LYS C 382 -15.10 -1.68 6.02
N ARG C 383 -14.32 -2.73 6.32
CA ARG C 383 -12.90 -2.74 5.96
C ARG C 383 -12.72 -2.74 4.45
N ILE C 384 -13.58 -3.46 3.73
CA ILE C 384 -13.58 -3.38 2.27
C ILE C 384 -14.17 -2.05 1.80
N GLY C 385 -15.28 -1.64 2.42
CA GLY C 385 -15.88 -0.34 2.19
C GLY C 385 -16.27 -0.03 0.75
N LEU C 386 -16.97 1.08 0.56
CA LEU C 386 -17.26 1.62 -0.75
C LEU C 386 -16.77 3.05 -0.79
N LYS C 387 -16.32 3.51 -1.96
CA LYS C 387 -15.75 4.84 -2.05
C LYS C 387 -16.79 5.90 -1.70
N TYR C 388 -16.41 6.83 -0.81
CA TYR C 388 -17.32 7.85 -0.32
C TYR C 388 -17.99 8.64 -1.45
N SER C 389 -17.31 8.85 -2.57
CA SER C 389 -17.81 9.77 -3.59
C SER C 389 -18.36 9.06 -4.82
N THR C 390 -18.42 7.73 -4.83
CA THR C 390 -18.85 7.00 -6.02
C THR C 390 -20.28 7.37 -6.43
N SER C 391 -20.54 7.25 -7.73
CA SER C 391 -21.84 7.57 -8.30
C SER C 391 -22.69 6.34 -8.59
N ASP C 392 -22.28 5.16 -8.08
CA ASP C 392 -23.04 3.91 -8.21
C ASP C 392 -24.33 3.99 -7.41
N VAL C 393 -25.47 4.06 -8.11
CA VAL C 393 -26.73 4.39 -7.45
C VAL C 393 -27.12 3.34 -6.41
N GLU C 394 -26.66 2.10 -6.56
CA GLU C 394 -26.97 1.06 -5.59
C GLU C 394 -26.35 1.32 -4.23
N THR C 395 -25.27 2.12 -4.15
CA THR C 395 -24.61 2.43 -2.89
C THR C 395 -25.18 3.64 -2.17
N ILE C 396 -26.16 4.35 -2.76
CA ILE C 396 -26.78 5.51 -2.09
C ILE C 396 -27.16 5.23 -0.64
N PRO C 397 -27.83 4.11 -0.29
CA PRO C 397 -28.22 3.89 1.11
C PRO C 397 -27.08 3.55 2.06
N TYR C 398 -25.87 3.30 1.55
CA TYR C 398 -24.77 2.78 2.36
C TYR C 398 -23.74 3.87 2.69
N LEU C 399 -24.20 4.95 3.31
CA LEU C 399 -23.26 5.83 3.99
C LEU C 399 -22.45 5.04 5.02
N VAL C 400 -23.06 4.03 5.62
CA VAL C 400 -22.42 3.23 6.66
C VAL C 400 -21.18 2.51 6.14
N LEU C 401 -21.12 2.24 4.83
CA LEU C 401 -19.98 1.55 4.24
C LEU C 401 -18.96 2.52 3.64
N LYS C 402 -19.23 3.82 3.69
CA LYS C 402 -18.33 4.81 3.13
C LYS C 402 -17.62 5.54 4.27
N SER D 23 4.67 -15.18 -59.63
CA SER D 23 5.22 -14.57 -58.42
C SER D 23 4.38 -13.34 -58.03
N ALA D 24 3.91 -13.33 -56.78
CA ALA D 24 2.88 -12.39 -56.34
C ALA D 24 3.41 -10.96 -56.26
N PRO D 25 2.53 -9.96 -56.39
CA PRO D 25 2.91 -8.59 -56.05
C PRO D 25 3.26 -8.47 -54.58
N LEU D 26 4.04 -7.43 -54.24
CA LEU D 26 4.40 -7.20 -52.83
C LEU D 26 3.16 -6.83 -52.02
N GLY D 27 2.94 -7.53 -50.92
CA GLY D 27 1.72 -7.35 -50.16
C GLY D 27 1.73 -7.96 -48.77
N PRO D 28 0.62 -7.75 -48.04
CA PRO D 28 0.52 -8.20 -46.63
C PRO D 28 -0.05 -9.61 -46.53
N PHE D 29 0.76 -10.58 -46.95
CA PHE D 29 0.39 -11.98 -46.93
C PHE D 29 1.65 -12.83 -47.02
N ASN D 30 1.48 -14.13 -46.77
CA ASN D 30 2.50 -15.13 -47.04
C ASN D 30 2.50 -15.37 -48.54
N ALA D 31 3.49 -14.81 -49.23
CA ALA D 31 3.51 -14.90 -50.68
C ALA D 31 3.71 -16.32 -51.16
N THR D 32 4.35 -17.17 -50.37
CA THR D 32 4.60 -18.54 -50.83
C THR D 32 3.32 -19.33 -50.88
N LEU D 33 2.49 -19.23 -49.84
CA LEU D 33 1.23 -19.97 -49.80
C LEU D 33 0.21 -19.44 -50.83
N LEU D 34 0.24 -18.14 -51.14
CA LEU D 34 -0.76 -17.53 -52.02
C LEU D 34 -0.56 -17.90 -53.50
N GLU D 35 0.67 -17.78 -54.02
CA GLU D 35 0.95 -18.17 -55.39
C GLU D 35 0.72 -19.67 -55.60
N GLN D 36 1.13 -20.47 -54.63
CA GLN D 36 0.95 -21.92 -54.68
C GLN D 36 -0.52 -22.30 -54.77
N LEU D 37 -1.38 -21.63 -53.98
CA LEU D 37 -2.82 -21.89 -54.07
C LEU D 37 -3.37 -21.49 -55.44
N LYS D 38 -2.95 -20.32 -55.95
CA LYS D 38 -3.39 -19.90 -57.28
C LYS D 38 -2.91 -20.88 -58.34
N ASN D 39 -1.70 -21.40 -58.18
CA ASN D 39 -1.12 -22.28 -59.19
C ASN D 39 -1.86 -23.62 -59.24
N ASP D 40 -2.01 -24.27 -58.10
CA ASP D 40 -2.74 -25.54 -58.06
C ASP D 40 -4.19 -25.35 -58.50
N TYR D 41 -4.82 -24.24 -58.10
CA TYR D 41 -6.18 -23.96 -58.58
C TYR D 41 -6.20 -23.83 -60.09
N GLN D 42 -5.18 -23.18 -60.67
CA GLN D 42 -5.10 -23.10 -62.13
C GLN D 42 -4.88 -24.49 -62.74
N LYS D 43 -4.06 -25.32 -62.09
CA LYS D 43 -3.76 -26.64 -62.62
C LYS D 43 -4.95 -27.61 -62.52
N GLY D 44 -6.08 -27.19 -61.93
CA GLY D 44 -7.19 -28.09 -61.74
C GLY D 44 -7.00 -29.11 -60.65
N GLU D 45 -5.90 -29.00 -59.89
CA GLU D 45 -5.63 -29.92 -58.81
C GLU D 45 -6.86 -30.04 -57.91
N LYS D 46 -7.13 -31.26 -57.44
CA LYS D 46 -8.43 -31.61 -56.88
C LYS D 46 -8.62 -31.10 -55.45
N GLU D 47 -7.56 -31.13 -54.63
CA GLU D 47 -7.67 -30.69 -53.24
C GLU D 47 -7.85 -29.18 -53.13
N VAL D 48 -7.10 -28.42 -53.96
CA VAL D 48 -7.18 -26.96 -53.91
C VAL D 48 -8.46 -26.46 -54.54
N THR D 49 -8.89 -27.07 -55.65
CA THR D 49 -10.12 -26.60 -56.29
C THR D 49 -11.31 -26.68 -55.34
N ARG D 50 -11.37 -27.72 -54.51
CA ARG D 50 -12.49 -27.86 -53.59
C ARG D 50 -12.40 -26.88 -52.42
N TYR D 51 -11.19 -26.61 -51.95
CA TYR D 51 -11.00 -25.64 -50.87
C TYR D 51 -11.32 -24.21 -51.32
N ILE D 52 -10.95 -23.85 -52.54
CA ILE D 52 -11.23 -22.50 -53.04
C ILE D 52 -12.71 -22.32 -53.31
N GLU D 53 -13.44 -23.43 -53.58
CA GLU D 53 -14.89 -23.32 -53.75
C GLU D 53 -15.61 -23.08 -52.43
N LEU D 54 -15.06 -23.61 -51.33
CA LEU D 54 -15.57 -23.29 -50.01
C LEU D 54 -15.41 -21.80 -49.70
N GLN D 55 -14.20 -21.27 -49.90
CA GLN D 55 -13.96 -19.85 -49.69
C GLN D 55 -14.85 -18.98 -50.58
N GLU D 56 -15.19 -19.46 -51.78
CA GLU D 56 -16.06 -18.68 -52.66
C GLU D 56 -17.50 -18.66 -52.15
N LYS D 57 -17.92 -19.68 -51.40
CA LYS D 57 -19.23 -19.62 -50.75
C LYS D 57 -19.19 -18.74 -49.50
N VAL D 58 -18.07 -18.78 -48.75
CA VAL D 58 -17.92 -17.88 -47.61
C VAL D 58 -17.93 -16.42 -48.08
N ALA D 59 -17.21 -16.12 -49.16
CA ALA D 59 -17.00 -14.74 -49.61
C ALA D 59 -18.20 -14.15 -50.31
N GLU D 60 -19.32 -14.87 -50.46
CA GLU D 60 -20.48 -14.32 -51.17
C GLU D 60 -21.23 -13.28 -50.34
N LYS D 61 -21.17 -13.39 -49.00
CA LYS D 61 -21.78 -12.37 -48.15
C LYS D 61 -21.12 -10.99 -48.37
N TYR D 62 -19.83 -10.98 -48.71
CA TYR D 62 -19.11 -9.74 -48.96
C TYR D 62 -19.42 -9.15 -50.34
N ILE D 63 -19.87 -9.94 -51.30
CA ILE D 63 -20.21 -9.38 -52.60
C ILE D 63 -21.45 -8.51 -52.47
N LYS D 64 -22.43 -8.97 -51.69
CA LYS D 64 -23.67 -8.24 -51.46
C LYS D 64 -23.52 -7.14 -50.41
N MET D 65 -22.53 -7.26 -49.52
CA MET D 65 -22.41 -6.36 -48.37
C MET D 65 -22.28 -4.92 -48.80
N THR D 66 -23.10 -4.05 -48.22
CA THR D 66 -22.99 -2.62 -48.49
C THR D 66 -21.64 -2.12 -47.99
N PRO D 67 -20.87 -1.39 -48.81
CA PRO D 67 -19.57 -0.88 -48.33
C PRO D 67 -19.74 0.03 -47.13
N LEU D 68 -18.76 -0.03 -46.23
CA LEU D 68 -18.77 0.72 -44.97
C LEU D 68 -17.93 1.99 -45.07
N SER D 69 -18.35 3.01 -44.33
CA SER D 69 -17.64 4.27 -44.30
C SER D 69 -17.34 4.66 -42.85
N VAL D 70 -16.19 5.28 -42.65
CA VAL D 70 -15.83 5.90 -41.38
C VAL D 70 -16.84 6.98 -41.00
N THR D 71 -17.62 7.49 -41.96
CA THR D 71 -18.54 8.60 -41.70
C THR D 71 -19.86 8.18 -41.07
N ALA D 72 -20.13 6.89 -40.91
CA ALA D 72 -21.43 6.47 -40.38
C ALA D 72 -21.42 6.56 -38.84
N LYS D 73 -21.34 7.80 -38.36
CA LYS D 73 -21.20 8.06 -36.93
C LYS D 73 -22.00 9.30 -36.55
N LYS D 74 -22.45 9.33 -35.29
CA LYS D 74 -23.25 10.44 -34.76
C LYS D 74 -22.39 11.45 -34.00
N LYS D 75 -21.64 11.01 -32.99
CA LYS D 75 -20.77 11.88 -32.21
C LYS D 75 -19.46 12.12 -32.96
N LEU D 76 -19.23 13.38 -33.36
CA LEU D 76 -18.10 13.75 -34.21
C LEU D 76 -16.80 13.89 -33.42
N PRO D 77 -15.65 13.88 -34.10
CA PRO D 77 -14.38 14.21 -33.42
C PRO D 77 -14.30 15.71 -33.16
N PRO D 78 -13.31 16.17 -32.39
CA PRO D 78 -13.17 17.62 -32.18
C PRO D 78 -12.86 18.40 -33.46
N SER D 79 -12.50 17.73 -34.55
CA SER D 79 -12.41 18.38 -35.85
C SER D 79 -13.77 18.68 -36.45
N LYS D 80 -14.84 18.13 -35.88
CA LYS D 80 -16.19 18.19 -36.42
C LYS D 80 -16.29 17.54 -37.79
N ASP D 81 -15.35 16.65 -38.12
CA ASP D 81 -15.28 16.06 -39.44
C ASP D 81 -15.62 14.58 -39.39
N PRO D 82 -16.71 14.14 -40.03
CA PRO D 82 -17.07 12.71 -39.95
C PRO D 82 -16.06 11.81 -40.64
N ARG D 83 -15.34 12.30 -41.65
CA ARG D 83 -14.32 11.49 -42.33
C ARG D 83 -13.06 11.27 -41.46
N ASP D 84 -13.04 11.73 -40.21
CA ASP D 84 -11.90 11.53 -39.32
C ASP D 84 -12.14 10.30 -38.46
N TYR D 85 -11.16 9.42 -38.42
CA TYR D 85 -11.30 8.19 -37.64
C TYR D 85 -11.20 8.52 -36.15
N MET D 86 -12.12 7.97 -35.35
CA MET D 86 -12.14 8.20 -33.90
C MET D 86 -12.57 6.94 -33.17
N THR D 87 -11.76 6.48 -32.22
CA THR D 87 -12.16 5.44 -31.30
C THR D 87 -11.73 5.82 -29.90
N LEU D 88 -12.15 5.01 -28.93
CA LEU D 88 -11.76 5.19 -27.54
C LEU D 88 -10.67 4.18 -27.19
N SER D 89 -9.70 4.63 -26.42
CA SER D 89 -8.65 3.75 -25.95
C SER D 89 -9.32 2.69 -25.06
N PRO D 90 -9.14 1.40 -25.35
CA PRO D 90 -10.07 0.40 -24.81
C PRO D 90 -9.97 0.18 -23.29
N PHE D 91 -8.85 0.52 -22.65
CA PHE D 91 -8.67 0.24 -21.23
C PHE D 91 -8.90 1.47 -20.37
N TRP D 92 -9.66 2.46 -20.85
CA TRP D 92 -9.92 3.68 -20.09
C TRP D 92 -11.41 3.81 -19.78
N TRP D 93 -11.73 3.99 -18.51
CA TRP D 93 -13.08 3.93 -17.97
C TRP D 93 -13.46 5.26 -17.30
N PRO D 94 -14.77 5.54 -17.17
CA PRO D 94 -15.17 6.69 -16.35
C PRO D 94 -14.76 6.47 -14.90
N ASP D 95 -14.35 7.55 -14.25
CA ASP D 95 -13.96 7.51 -12.86
C ASP D 95 -15.20 7.81 -12.02
N SER D 96 -15.66 6.80 -11.26
CA SER D 96 -16.93 6.96 -10.56
C SER D 96 -16.85 7.98 -9.42
N THR D 97 -15.66 8.26 -8.90
CA THR D 97 -15.54 9.24 -7.82
C THR D 97 -15.49 10.69 -8.32
N LYS D 98 -15.73 10.93 -9.60
CA LYS D 98 -15.89 12.27 -10.13
C LYS D 98 -17.34 12.45 -10.58
N ILE D 99 -17.83 13.69 -10.48
CA ILE D 99 -19.26 13.92 -10.75
C ILE D 99 -19.60 13.68 -12.23
N ASP D 100 -18.68 13.97 -13.15
CA ASP D 100 -18.89 13.71 -14.57
C ASP D 100 -18.07 12.53 -15.08
N GLY D 101 -17.38 11.81 -14.20
CA GLY D 101 -16.54 10.74 -14.61
C GLY D 101 -15.21 11.15 -15.19
N LEU D 102 -15.01 12.46 -15.50
CA LEU D 102 -13.76 12.94 -16.12
C LEU D 102 -12.75 13.34 -15.04
N PRO D 103 -11.46 13.05 -15.25
CA PRO D 103 -10.88 12.36 -16.41
C PRO D 103 -10.93 10.85 -16.27
N TYR D 104 -10.96 10.14 -17.40
CA TYR D 104 -10.98 8.68 -17.38
C TYR D 104 -9.71 8.16 -16.71
N ILE D 105 -9.82 6.95 -16.19
CA ILE D 105 -8.74 6.27 -15.50
C ILE D 105 -8.47 4.98 -16.24
N ARG D 106 -7.25 4.51 -16.10
CA ARG D 106 -6.79 3.36 -16.86
C ARG D 106 -6.96 2.09 -16.03
N LYS D 107 -7.52 1.06 -16.65
CA LYS D 107 -7.58 -0.28 -16.07
C LYS D 107 -6.94 -1.22 -17.08
N ASP D 108 -5.66 -1.53 -16.90
CA ASP D 108 -4.96 -2.36 -17.86
C ASP D 108 -5.63 -3.72 -17.99
N GLY D 109 -5.98 -4.09 -19.22
CA GLY D 109 -6.53 -5.39 -19.51
C GLY D 109 -8.03 -5.46 -19.53
N GLU D 110 -8.71 -4.51 -18.89
CA GLU D 110 -10.17 -4.52 -18.81
C GLU D 110 -10.72 -3.62 -19.90
N ARG D 111 -11.41 -4.21 -20.86
CA ARG D 111 -11.94 -3.44 -21.97
C ARG D 111 -13.27 -2.81 -21.59
N ASN D 112 -13.34 -1.49 -21.71
CA ASN D 112 -14.53 -0.68 -21.47
C ASN D 112 -15.51 -0.86 -22.64
N PRO D 113 -16.69 -1.45 -22.44
CA PRO D 113 -17.63 -1.62 -23.56
C PRO D 113 -18.08 -0.33 -24.25
N GLU D 114 -17.75 0.84 -23.70
CA GLU D 114 -17.99 2.09 -24.43
C GLU D 114 -17.24 2.16 -25.76
N VAL D 115 -16.20 1.35 -25.96
CA VAL D 115 -15.50 1.34 -27.24
C VAL D 115 -16.48 1.14 -28.40
N TYR D 116 -17.46 0.24 -28.23
CA TYR D 116 -18.43 -0.07 -29.29
C TYR D 116 -19.40 1.07 -29.59
N GLU D 117 -19.39 2.16 -28.82
CA GLU D 117 -20.18 3.32 -29.21
C GLU D 117 -19.53 4.10 -30.34
N TYR D 118 -18.28 3.77 -30.68
CA TYR D 118 -17.56 4.35 -31.81
C TYR D 118 -17.66 3.40 -32.98
N PRO D 119 -18.44 3.72 -34.03
CA PRO D 119 -18.76 2.70 -35.04
C PRO D 119 -17.56 2.21 -35.83
N GLU D 120 -16.49 3.02 -35.98
CA GLU D 120 -15.30 2.62 -36.72
C GLU D 120 -14.58 1.43 -36.10
N ARG D 121 -14.68 1.25 -34.78
CA ARG D 121 -13.91 0.18 -34.17
C ARG D 121 -14.20 -1.16 -34.84
N GLU D 122 -15.47 -1.51 -34.97
CA GLU D 122 -15.83 -2.78 -35.59
C GLU D 122 -16.02 -2.68 -37.10
N ASN D 123 -16.22 -1.47 -37.63
CA ASN D 123 -16.35 -1.34 -39.07
C ASN D 123 -14.99 -1.43 -39.79
N ALA D 124 -13.90 -1.01 -39.15
CA ALA D 124 -12.60 -1.21 -39.79
C ALA D 124 -12.27 -2.70 -39.92
N ASN D 125 -12.71 -3.51 -38.95
CA ASN D 125 -12.61 -4.97 -39.02
C ASN D 125 -13.47 -5.53 -40.13
N ARG D 126 -14.72 -5.09 -40.22
CA ARG D 126 -15.63 -5.64 -41.22
C ARG D 126 -15.19 -5.27 -42.62
N PHE D 127 -14.86 -3.99 -42.85
CA PHE D 127 -14.29 -3.57 -44.12
C PHE D 127 -13.00 -4.33 -44.45
N GLY D 128 -12.06 -4.39 -43.49
CA GLY D 128 -10.79 -5.06 -43.75
C GLY D 128 -10.95 -6.53 -44.11
N ASP D 129 -11.86 -7.24 -43.44
CA ASP D 129 -12.13 -8.64 -43.78
C ASP D 129 -12.76 -8.79 -45.15
N ALA D 130 -13.68 -7.89 -45.52
CA ALA D 130 -14.32 -7.98 -46.83
C ALA D 130 -13.32 -7.75 -47.96
N ALA D 131 -12.59 -6.63 -47.91
CA ALA D 131 -11.63 -6.32 -48.97
C ALA D 131 -10.46 -7.30 -49.02
N TYR D 132 -10.03 -7.84 -47.87
CA TYR D 132 -8.92 -8.79 -47.89
C TYR D 132 -9.35 -10.11 -48.50
N CYS D 133 -10.50 -10.62 -48.08
CA CYS D 133 -10.99 -11.87 -48.65
C CYS D 133 -11.30 -11.71 -50.13
N LEU D 134 -12.01 -10.64 -50.51
CA LEU D 134 -12.36 -10.46 -51.92
C LEU D 134 -11.12 -10.25 -52.79
N GLY D 135 -10.15 -9.50 -52.29
CA GLY D 135 -8.95 -9.25 -53.07
C GLY D 135 -8.14 -10.51 -53.28
N VAL D 136 -7.93 -11.29 -52.22
CA VAL D 136 -7.16 -12.52 -52.31
C VAL D 136 -7.85 -13.50 -53.26
N LEU D 137 -9.13 -13.75 -53.06
CA LEU D 137 -9.82 -14.69 -53.94
C LEU D 137 -9.78 -14.24 -55.40
N TYR D 138 -9.78 -12.93 -55.65
CA TYR D 138 -9.56 -12.48 -57.01
C TYR D 138 -8.19 -12.92 -57.51
N TYR D 139 -7.17 -12.82 -56.65
CA TYR D 139 -5.83 -13.22 -57.08
C TYR D 139 -5.78 -14.70 -57.45
N ILE D 140 -6.54 -15.54 -56.76
CA ILE D 140 -6.46 -16.98 -56.96
C ILE D 140 -7.39 -17.43 -58.08
N THR D 141 -8.64 -17.01 -58.08
CA THR D 141 -9.51 -17.48 -59.14
C THR D 141 -9.36 -16.63 -60.39
N GLY D 142 -9.10 -15.34 -60.23
CA GLY D 142 -9.11 -14.45 -61.38
C GLY D 142 -10.49 -14.04 -61.81
N LYS D 143 -11.53 -14.37 -61.04
CA LYS D 143 -12.89 -13.99 -61.39
C LYS D 143 -13.12 -12.49 -61.18
N GLU D 144 -13.64 -11.82 -62.23
CA GLU D 144 -13.78 -10.36 -62.20
C GLU D 144 -14.74 -9.89 -61.12
N VAL D 145 -15.68 -10.75 -60.69
CA VAL D 145 -16.73 -10.34 -59.76
C VAL D 145 -16.17 -10.12 -58.36
N TYR D 146 -15.03 -10.75 -58.03
CA TYR D 146 -14.38 -10.47 -56.76
C TYR D 146 -13.62 -9.15 -56.83
N ALA D 147 -12.98 -8.85 -57.97
CA ALA D 147 -12.30 -7.56 -58.11
C ALA D 147 -13.31 -6.41 -58.08
N LYS D 148 -14.47 -6.59 -58.71
CA LYS D 148 -15.47 -5.53 -58.76
C LYS D 148 -16.01 -5.21 -57.37
N ALA D 149 -16.23 -6.24 -56.54
CA ALA D 149 -16.70 -5.97 -55.19
C ALA D 149 -15.59 -5.42 -54.31
N CYS D 150 -14.38 -5.98 -54.40
CA CYS D 150 -13.26 -5.45 -53.62
C CYS D 150 -13.02 -3.98 -53.93
N ALA D 151 -13.16 -3.59 -55.20
CA ALA D 151 -12.98 -2.20 -55.58
C ALA D 151 -14.03 -1.31 -54.94
N ASN D 152 -15.26 -1.81 -54.83
CA ASN D 152 -16.33 -1.03 -54.21
C ASN D 152 -16.03 -0.71 -52.75
N HIS D 153 -15.62 -1.70 -51.97
CA HIS D 153 -15.21 -1.44 -50.59
C HIS D 153 -14.00 -0.52 -50.53
N LEU D 154 -13.01 -0.73 -51.40
CA LEU D 154 -11.80 0.09 -51.36
C LEU D 154 -12.13 1.56 -51.59
N ARG D 155 -12.96 1.86 -52.61
CA ARG D 155 -13.33 3.24 -52.94
C ARG D 155 -14.04 3.95 -51.78
N THR D 156 -15.01 3.28 -51.17
CA THR D 156 -15.84 3.91 -50.15
C THR D 156 -15.04 4.21 -48.89
N TRP D 157 -14.25 3.24 -48.42
CA TRP D 157 -13.51 3.44 -47.18
C TRP D 157 -12.41 4.48 -47.34
N PHE D 158 -11.69 4.45 -48.46
CA PHE D 158 -10.47 5.22 -48.60
C PHE D 158 -10.67 6.53 -49.36
N THR D 159 -11.12 6.46 -50.64
CA THR D 159 -10.95 7.55 -51.60
C THR D 159 -12.23 8.31 -51.96
N ASP D 160 -13.42 7.80 -51.64
CA ASP D 160 -14.64 8.52 -51.97
C ASP D 160 -14.56 9.93 -51.39
N PRO D 161 -14.93 10.96 -52.17
CA PRO D 161 -14.76 12.35 -51.69
C PRO D 161 -15.72 12.74 -50.56
N LYS D 162 -16.86 12.07 -50.43
CA LYS D 162 -17.74 12.26 -49.29
C LYS D 162 -17.59 11.19 -48.20
N LEU D 163 -17.42 9.92 -48.56
CA LEU D 163 -17.46 8.84 -47.58
C LEU D 163 -16.08 8.34 -47.15
N GLY D 164 -15.02 8.65 -47.90
CA GLY D 164 -13.71 8.11 -47.59
C GLY D 164 -13.11 8.76 -46.37
N MET D 165 -12.22 8.02 -45.68
CA MET D 165 -11.62 8.52 -44.44
C MET D 165 -10.42 9.41 -44.75
N ASN D 166 -10.29 10.50 -44.00
CA ASN D 166 -9.11 11.34 -44.10
C ASN D 166 -7.86 10.50 -43.82
N PRO D 167 -6.74 10.76 -44.52
CA PRO D 167 -5.55 9.91 -44.32
C PRO D 167 -4.78 10.28 -43.08
N ASN D 168 -5.38 10.05 -41.90
CA ASN D 168 -4.71 10.36 -40.64
C ASN D 168 -5.29 9.50 -39.52
N MET D 169 -4.63 9.52 -38.37
CA MET D 169 -5.19 8.83 -37.21
C MET D 169 -5.17 9.74 -35.98
N THR D 170 -5.43 11.04 -36.19
CA THR D 170 -5.37 12.02 -35.11
C THR D 170 -6.20 11.57 -33.90
N TYR D 171 -7.41 11.08 -34.16
CA TYR D 171 -8.36 10.79 -33.09
C TYR D 171 -8.50 9.29 -32.80
N ALA D 172 -7.55 8.48 -33.24
CA ALA D 172 -7.57 7.07 -32.90
C ALA D 172 -7.24 6.86 -31.43
N GLN D 173 -8.10 6.09 -30.74
CA GLN D 173 -8.00 5.80 -29.31
C GLN D 173 -7.84 7.07 -28.47
N ALA D 174 -8.77 8.00 -28.65
CA ALA D 174 -8.91 9.10 -27.73
C ALA D 174 -9.34 8.58 -26.36
N VAL D 175 -9.13 9.42 -25.35
CA VAL D 175 -9.59 9.09 -24.00
C VAL D 175 -10.12 10.37 -23.39
N PRO D 176 -11.42 10.43 -23.06
CA PRO D 176 -11.99 11.67 -22.50
C PRO D 176 -11.24 12.13 -21.25
N GLY D 177 -11.12 13.46 -21.13
CA GLY D 177 -10.38 14.07 -20.05
C GLY D 177 -8.88 14.19 -20.25
N MET D 178 -8.28 13.42 -21.17
CA MET D 178 -6.83 13.46 -21.33
C MET D 178 -6.37 14.76 -22.00
N LYS D 179 -5.35 15.41 -21.41
CA LYS D 179 -4.86 16.71 -21.88
C LYS D 179 -3.73 16.59 -22.90
N LYS D 180 -3.00 15.49 -22.89
CA LYS D 180 -1.95 15.30 -23.88
C LYS D 180 -2.52 14.66 -25.14
N MET D 181 -1.77 14.81 -26.23
CA MET D 181 -2.01 14.12 -27.48
C MET D 181 -1.22 12.81 -27.48
N ARG D 182 -1.87 11.71 -27.91
CA ARG D 182 -1.20 10.41 -27.86
C ARG D 182 -1.25 9.72 -29.20
N GLY D 183 -0.33 8.77 -29.37
CA GLY D 183 -0.13 8.14 -30.66
C GLY D 183 -0.42 6.67 -30.60
N SER D 184 -0.86 6.20 -29.44
CA SER D 184 -1.14 4.79 -29.20
C SER D 184 -2.25 4.26 -30.11
N GLY D 185 -3.23 5.08 -30.46
CA GLY D 185 -4.34 4.64 -31.30
C GLY D 185 -3.98 4.25 -32.72
N PHE D 186 -2.76 4.56 -33.15
CA PHE D 186 -2.35 4.22 -34.50
C PHE D 186 -2.46 2.71 -34.77
N ILE D 187 -2.28 1.86 -33.75
CA ILE D 187 -2.41 0.41 -33.94
C ILE D 187 -3.71 0.03 -34.62
N ASP D 188 -4.75 0.87 -34.51
CA ASP D 188 -6.01 0.58 -35.20
C ASP D 188 -5.85 0.53 -36.72
N SER D 189 -4.76 1.11 -37.25
CA SER D 189 -4.53 1.16 -38.69
C SER D 189 -4.43 -0.22 -39.29
N ARG D 190 -4.01 -1.22 -38.50
CA ARG D 190 -3.70 -2.55 -39.02
C ARG D 190 -4.92 -3.22 -39.61
N ARG D 191 -6.11 -2.82 -39.17
CA ARG D 191 -7.33 -3.43 -39.64
C ARG D 191 -7.62 -3.01 -41.08
N PHE D 192 -7.46 -1.73 -41.40
CA PHE D 192 -7.68 -1.35 -42.79
C PHE D 192 -6.40 -1.31 -43.62
N SER D 193 -5.21 -1.30 -43.02
CA SER D 193 -4.02 -1.21 -43.84
C SER D 193 -3.61 -2.55 -44.45
N ARG D 194 -4.15 -3.69 -43.97
CA ARG D 194 -4.03 -4.93 -44.73
C ARG D 194 -4.86 -4.88 -46.00
N ALA D 195 -6.00 -4.19 -45.96
CA ALA D 195 -6.82 -4.06 -47.15
C ALA D 195 -6.21 -3.06 -48.11
N LEU D 196 -5.46 -2.08 -47.60
CA LEU D 196 -4.76 -1.15 -48.49
C LEU D 196 -3.78 -1.87 -49.38
N GLY D 197 -3.01 -2.80 -48.81
CA GLY D 197 -1.99 -3.48 -49.58
C GLY D 197 -2.57 -4.51 -50.54
N VAL D 198 -3.66 -5.15 -50.14
CA VAL D 198 -4.31 -6.13 -50.99
C VAL D 198 -4.95 -5.47 -52.22
N ALA D 199 -5.19 -4.15 -52.17
CA ALA D 199 -5.62 -3.44 -53.37
C ALA D 199 -4.67 -3.67 -54.53
N LYS D 200 -3.42 -4.00 -54.22
CA LYS D 200 -2.43 -4.31 -55.26
C LYS D 200 -2.86 -5.49 -56.12
N LEU D 201 -3.50 -6.50 -55.51
CA LEU D 201 -3.83 -7.73 -56.24
C LEU D 201 -4.90 -7.53 -57.31
N ILE D 202 -5.71 -6.48 -57.21
CA ILE D 202 -6.78 -6.27 -58.18
C ILE D 202 -6.38 -5.29 -59.27
N GLU D 203 -5.22 -4.66 -59.16
CA GLU D 203 -4.69 -3.87 -60.27
C GLU D 203 -4.58 -4.75 -61.50
N GLY D 204 -4.96 -4.21 -62.64
CA GLY D 204 -4.99 -4.97 -63.87
C GLY D 204 -6.32 -5.57 -64.20
N SER D 205 -7.19 -5.78 -63.21
CA SER D 205 -8.57 -6.15 -63.48
C SER D 205 -9.26 -5.06 -64.30
N LYS D 206 -10.48 -5.36 -64.74
CA LYS D 206 -11.22 -4.34 -65.46
C LYS D 206 -11.91 -3.37 -64.52
N SER D 207 -12.12 -3.75 -63.25
CA SER D 207 -12.86 -2.92 -62.29
C SER D 207 -12.00 -1.85 -61.62
N TRP D 208 -10.70 -2.08 -61.44
CA TRP D 208 -9.81 -1.13 -60.76
C TRP D 208 -9.11 -0.26 -61.81
N THR D 209 -9.77 0.83 -62.20
CA THR D 209 -9.31 1.67 -63.29
C THR D 209 -8.04 2.42 -62.91
N PRO D 210 -7.29 2.95 -63.90
CA PRO D 210 -6.10 3.75 -63.54
C PRO D 210 -6.44 4.99 -62.74
N SER D 211 -7.69 5.47 -62.84
CA SER D 211 -8.17 6.57 -62.02
C SER D 211 -8.37 6.16 -60.56
N ASP D 212 -9.01 4.99 -60.31
CA ASP D 212 -9.13 4.52 -58.93
C ASP D 212 -7.76 4.32 -58.31
N LYS D 213 -6.80 3.80 -59.09
CA LYS D 213 -5.45 3.57 -58.57
C LYS D 213 -4.75 4.90 -58.27
N LYS D 214 -4.97 5.90 -59.11
CA LYS D 214 -4.34 7.20 -58.88
C LYS D 214 -4.83 7.81 -57.57
N LYS D 215 -6.13 7.62 -57.26
CA LYS D 215 -6.71 8.17 -56.04
C LYS D 215 -6.25 7.44 -54.79
N LEU D 216 -6.11 6.12 -54.86
CA LEU D 216 -5.63 5.34 -53.72
C LEU D 216 -4.13 5.47 -53.51
N ASP D 217 -3.36 5.64 -54.60
CA ASP D 217 -1.96 5.99 -54.50
C ASP D 217 -1.77 7.32 -53.80
N ASP D 218 -2.53 8.33 -54.21
CA ASP D 218 -2.45 9.63 -53.54
C ASP D 218 -2.81 9.52 -52.08
N TRP D 219 -3.83 8.71 -51.77
CA TRP D 219 -4.27 8.55 -50.38
C TRP D 219 -3.20 7.86 -49.55
N ALA D 220 -2.67 6.74 -50.05
CA ALA D 220 -1.61 6.03 -49.33
C ALA D 220 -0.36 6.89 -49.17
N THR D 221 -0.14 7.81 -50.11
CA THR D 221 0.96 8.76 -50.02
C THR D 221 0.72 9.79 -48.91
N ALA D 222 -0.49 10.35 -48.84
CA ALA D 222 -0.79 11.31 -47.77
C ALA D 222 -0.81 10.62 -46.41
N PHE D 223 -1.31 9.38 -46.35
CA PHE D 223 -1.29 8.65 -45.09
C PHE D 223 0.14 8.32 -44.66
N CYS D 224 0.96 7.88 -45.60
CA CYS D 224 2.38 7.66 -45.30
C CYS D 224 3.07 8.94 -44.86
N TYR D 225 2.69 10.09 -45.43
CA TYR D 225 3.26 11.33 -44.95
C TYR D 225 2.87 11.58 -43.51
N TRP D 226 1.58 11.44 -43.20
CA TRP D 226 1.11 11.62 -41.83
C TRP D 226 1.82 10.67 -40.87
N MET D 227 1.94 9.39 -41.27
CA MET D 227 2.65 8.37 -40.49
C MET D 227 4.01 8.86 -40.03
N GLU D 228 4.80 9.42 -40.95
CA GLU D 228 6.20 9.69 -40.69
C GLU D 228 6.45 11.08 -40.14
N ASN D 229 5.57 12.04 -40.37
CA ASN D 229 5.87 13.42 -40.04
C ASN D 229 5.01 14.04 -38.95
N SER D 230 3.79 13.54 -38.70
CA SER D 230 3.00 14.08 -37.62
C SER D 230 3.68 13.75 -36.29
N THR D 231 3.38 14.55 -35.26
CA THR D 231 3.97 14.30 -33.95
C THR D 231 3.55 12.95 -33.37
N GLN D 232 2.31 12.53 -33.63
CA GLN D 232 1.84 11.25 -33.13
C GLN D 232 2.55 10.09 -33.81
N GLY D 233 2.74 10.16 -35.13
CA GLY D 233 3.43 9.09 -35.83
C GLY D 233 4.90 8.97 -35.50
N GLN D 234 5.58 10.11 -35.28
CA GLN D 234 6.94 10.08 -34.78
C GLN D 234 6.99 9.42 -33.40
N ARG D 235 6.16 9.92 -32.47
CA ARG D 235 6.14 9.36 -31.13
C ARG D 235 5.81 7.88 -31.15
N GLU D 236 4.83 7.48 -31.97
CA GLU D 236 4.48 6.07 -32.06
C GLU D 236 5.59 5.25 -32.69
N SER D 237 6.35 5.86 -33.61
CA SER D 237 7.43 5.11 -34.25
C SER D 237 8.58 4.79 -33.30
N HIS D 238 8.70 5.52 -32.20
CA HIS D 238 9.73 5.26 -31.18
C HIS D 238 9.16 4.60 -29.93
N ALA D 239 7.94 4.07 -29.98
CA ALA D 239 7.37 3.36 -28.84
C ALA D 239 8.19 2.11 -28.52
N ALA D 240 8.34 1.81 -27.23
CA ALA D 240 9.28 0.79 -26.76
C ALA D 240 8.68 -0.60 -26.63
N ASN D 241 7.37 -0.75 -26.79
CA ASN D 241 6.72 -2.04 -26.67
C ASN D 241 6.16 -2.47 -28.03
N ASN D 242 5.11 -3.28 -28.03
CA ASN D 242 4.54 -3.76 -29.30
C ASN D 242 3.98 -2.64 -30.16
N HIS D 243 3.79 -1.44 -29.60
CA HIS D 243 3.36 -0.31 -30.41
C HIS D 243 4.38 0.01 -31.48
N GLY D 244 5.67 0.01 -31.11
CA GLY D 244 6.72 0.29 -32.07
C GLY D 244 6.79 -0.77 -33.17
N LEU D 245 6.55 -2.04 -32.82
CA LEU D 245 6.62 -3.08 -33.84
C LEU D 245 5.41 -2.99 -34.78
N TRP D 246 4.20 -2.86 -34.22
CA TRP D 246 3.01 -2.78 -35.06
C TRP D 246 3.05 -1.57 -35.97
N TYR D 247 3.64 -0.47 -35.51
CA TYR D 247 3.82 0.69 -36.37
C TYR D 247 4.63 0.32 -37.60
N GLU D 248 5.73 -0.40 -37.41
CA GLU D 248 6.52 -0.73 -38.58
C GLU D 248 5.89 -1.83 -39.42
N ALA D 249 5.06 -2.71 -38.83
CA ALA D 249 4.28 -3.62 -39.65
C ALA D 249 3.28 -2.87 -40.55
N ILE D 250 2.62 -1.84 -40.00
CA ILE D 250 1.66 -1.06 -40.78
C ILE D 250 2.40 -0.18 -41.79
N HIS D 251 3.56 0.36 -41.39
CA HIS D 251 4.41 1.13 -42.28
C HIS D 251 4.77 0.32 -43.52
N LEU D 252 5.23 -0.92 -43.31
CA LEU D 252 5.65 -1.74 -44.43
C LEU D 252 4.50 -2.02 -45.38
N MET D 253 3.29 -2.24 -44.83
CA MET D 253 2.12 -2.41 -45.68
C MET D 253 1.89 -1.18 -46.54
N VAL D 254 2.05 0.02 -45.95
CA VAL D 254 1.87 1.24 -46.71
C VAL D 254 2.98 1.36 -47.76
N LEU D 255 4.22 1.08 -47.35
CA LEU D 255 5.36 1.20 -48.25
C LEU D 255 5.29 0.15 -49.36
N ALA D 256 4.81 -1.06 -49.05
CA ALA D 256 4.67 -2.08 -50.09
C ALA D 256 3.58 -1.74 -51.09
N TYR D 257 2.55 -0.99 -50.67
CA TYR D 257 1.54 -0.57 -51.63
C TYR D 257 2.11 0.47 -52.60
N LEU D 258 2.87 1.44 -52.08
CA LEU D 258 3.61 2.44 -52.85
C LEU D 258 4.82 1.87 -53.56
N ASP D 259 5.08 0.57 -53.44
CA ASP D 259 6.19 -0.13 -54.08
C ASP D 259 7.55 0.44 -53.68
N ARG D 260 7.65 1.05 -52.51
CA ARG D 260 8.93 1.61 -52.05
C ARG D 260 9.77 0.48 -51.45
N THR D 261 10.37 -0.33 -52.33
CA THR D 261 11.19 -1.44 -51.87
C THR D 261 12.43 -0.95 -51.12
N ASP D 262 12.96 0.20 -51.51
CA ASP D 262 14.09 0.77 -50.77
C ASP D 262 13.69 1.13 -49.34
N ARG D 263 12.51 1.72 -49.15
CA ARG D 263 12.10 2.08 -47.79
C ARG D 263 11.81 0.84 -46.95
N ILE D 264 11.35 -0.25 -47.57
CA ILE D 264 11.12 -1.49 -46.83
C ILE D 264 12.43 -2.01 -46.26
N ARG D 265 13.47 -2.04 -47.09
CA ARG D 265 14.77 -2.51 -46.62
C ARG D 265 15.30 -1.61 -45.52
N GLU D 266 15.23 -0.29 -45.71
CA GLU D 266 15.69 0.64 -44.69
C GLU D 266 14.94 0.42 -43.37
N VAL D 267 13.61 0.30 -43.43
CA VAL D 267 12.82 0.15 -42.21
C VAL D 267 13.17 -1.16 -41.50
N ALA D 268 13.37 -2.23 -42.27
CA ALA D 268 13.62 -3.54 -41.68
C ALA D 268 14.94 -3.55 -40.91
N GLU D 269 16.00 -3.00 -41.50
CA GLU D 269 17.31 -3.05 -40.87
C GLU D 269 17.60 -1.85 -39.95
N GLN D 270 16.95 -0.69 -40.17
CA GLN D 270 17.19 0.48 -39.34
C GLN D 270 16.19 0.67 -38.20
N SER D 271 15.16 -0.18 -38.10
CA SER D 271 14.12 0.09 -37.10
C SER D 271 13.54 -1.17 -36.48
N ILE D 272 13.01 -2.08 -37.30
CA ILE D 272 12.38 -3.29 -36.76
C ILE D 272 13.42 -4.17 -36.06
N LEU D 273 14.62 -4.28 -36.64
CA LEU D 273 15.63 -5.14 -36.04
C LEU D 273 16.28 -4.50 -34.82
N PRO D 274 16.60 -3.19 -34.82
CA PRO D 274 16.99 -2.56 -33.54
C PRO D 274 15.91 -2.66 -32.47
N LYS D 275 14.64 -2.44 -32.85
CA LYS D 275 13.53 -2.55 -31.89
C LYS D 275 13.45 -3.95 -31.28
N MET D 276 13.59 -5.00 -32.11
CA MET D 276 13.62 -6.36 -31.57
C MET D 276 14.84 -6.56 -30.68
N GLY D 277 15.95 -5.91 -31.00
CA GLY D 277 17.14 -6.07 -30.18
C GLY D 277 16.99 -5.52 -28.78
N ALA D 278 16.17 -4.48 -28.62
CA ALA D 278 15.97 -3.85 -27.32
C ALA D 278 14.81 -4.43 -26.53
N GLN D 279 13.99 -5.30 -27.14
CA GLN D 279 12.79 -5.81 -26.51
C GLN D 279 12.84 -7.28 -26.20
N ILE D 280 13.81 -8.02 -26.72
CA ILE D 280 14.05 -9.40 -26.33
C ILE D 280 15.08 -9.40 -25.20
N ALA D 281 14.72 -10.01 -24.06
CA ALA D 281 15.64 -10.12 -22.94
C ALA D 281 16.51 -11.36 -23.10
N ASP D 282 17.46 -11.53 -22.18
CA ASP D 282 18.45 -12.60 -22.29
C ASP D 282 17.80 -13.98 -22.31
N ASP D 283 16.68 -14.16 -21.59
CA ASP D 283 16.01 -15.45 -21.49
C ASP D 283 14.98 -15.68 -22.58
N GLY D 284 14.87 -14.77 -23.54
CA GLY D 284 13.91 -14.90 -24.62
C GLY D 284 12.57 -14.26 -24.36
N SER D 285 12.42 -13.56 -23.25
CA SER D 285 11.18 -12.91 -22.90
C SER D 285 11.18 -11.47 -23.41
N LEU D 286 9.97 -10.91 -23.55
CA LEU D 286 9.82 -9.51 -23.87
C LEU D 286 9.42 -8.77 -22.61
N PRO D 287 10.38 -8.29 -21.82
CA PRO D 287 10.08 -7.65 -20.52
C PRO D 287 9.00 -6.57 -20.57
N GLN D 288 8.79 -5.97 -21.74
CA GLN D 288 7.80 -4.91 -21.86
C GLN D 288 6.38 -5.47 -21.89
N GLU D 289 6.20 -6.71 -22.35
CA GLU D 289 4.88 -7.32 -22.31
C GLU D 289 4.60 -8.01 -20.98
N LEU D 290 5.65 -8.40 -20.25
CA LEU D 290 5.45 -9.19 -19.03
C LEU D 290 4.87 -8.38 -17.89
N LYS D 291 4.98 -7.05 -17.91
CA LYS D 291 4.38 -6.23 -16.87
C LYS D 291 2.92 -5.90 -17.17
N ARG D 292 2.38 -6.36 -18.28
CA ARG D 292 0.97 -6.11 -18.57
C ARG D 292 0.09 -7.14 -17.86
N THR D 293 -1.15 -6.74 -17.59
CA THR D 293 -2.09 -7.67 -16.96
C THR D 293 -2.52 -8.78 -17.92
N LEU D 294 -2.30 -8.61 -19.22
CA LEU D 294 -2.53 -9.68 -20.19
C LEU D 294 -1.20 -10.13 -20.79
N SER D 295 -0.22 -10.46 -19.93
CA SER D 295 1.17 -10.51 -20.38
C SER D 295 1.40 -11.58 -21.45
N LEU D 296 0.70 -12.71 -21.36
CA LEU D 296 0.90 -13.76 -22.36
C LEU D 296 0.29 -13.39 -23.70
N HIS D 297 -0.82 -12.62 -23.68
CA HIS D 297 -1.48 -12.21 -24.92
C HIS D 297 -0.67 -11.14 -25.65
N PHE D 298 -0.08 -10.21 -24.92
CA PHE D 298 0.63 -9.12 -25.55
C PHE D 298 1.99 -9.54 -26.08
N SER D 299 2.68 -10.47 -25.40
CA SER D 299 3.87 -11.08 -25.99
C SER D 299 3.55 -11.73 -27.33
N THR D 300 2.40 -12.40 -27.43
CA THR D 300 1.99 -12.99 -28.70
C THR D 300 1.62 -11.91 -29.72
N PHE D 301 1.06 -10.80 -29.26
CA PHE D 301 0.72 -9.71 -30.16
C PHE D 301 1.98 -9.09 -30.74
N ALA D 302 2.99 -8.89 -29.89
CA ALA D 302 4.27 -8.36 -30.37
C ALA D 302 4.91 -9.27 -31.40
N LEU D 303 4.80 -10.59 -31.23
CA LEU D 303 5.32 -11.50 -32.26
C LEU D 303 4.40 -11.55 -33.47
N GLU D 304 3.11 -11.29 -33.29
CA GLU D 304 2.23 -11.17 -34.46
C GLU D 304 2.59 -9.94 -35.30
N ALA D 305 3.10 -8.89 -34.65
CA ALA D 305 3.54 -7.71 -35.39
C ALA D 305 4.74 -8.05 -36.25
N LEU D 306 5.70 -8.75 -35.68
CA LEU D 306 6.89 -9.15 -36.42
C LEU D 306 6.55 -10.14 -37.53
N MET D 307 5.57 -11.00 -37.29
CA MET D 307 5.20 -11.99 -38.28
C MET D 307 4.62 -11.34 -39.53
N GLU D 308 3.76 -10.33 -39.36
CA GLU D 308 3.18 -9.66 -40.52
C GLU D 308 4.21 -8.77 -41.21
N ALA D 309 5.15 -8.21 -40.45
CA ALA D 309 6.27 -7.49 -41.06
C ALA D 309 7.10 -8.43 -41.92
N ASN D 310 7.46 -9.59 -41.36
CA ASN D 310 8.31 -10.54 -42.08
C ASN D 310 7.65 -11.06 -43.36
N GLN D 311 6.32 -11.16 -43.40
CA GLN D 311 5.70 -11.59 -44.65
C GLN D 311 6.03 -10.63 -45.79
N ILE D 312 6.31 -9.37 -45.47
CA ILE D 312 6.68 -8.37 -46.48
C ILE D 312 8.19 -8.34 -46.71
N THR D 313 8.98 -8.38 -45.64
CA THR D 313 10.43 -8.27 -45.80
C THR D 313 10.98 -9.50 -46.52
N SER D 314 10.51 -10.68 -46.14
CA SER D 314 10.97 -11.88 -46.82
C SER D 314 10.59 -11.87 -48.30
N GLN D 315 9.64 -11.04 -48.70
CA GLN D 315 9.35 -10.91 -50.12
C GLN D 315 10.45 -10.18 -50.88
N ILE D 316 11.31 -9.42 -50.20
CA ILE D 316 12.51 -8.86 -50.83
C ILE D 316 13.72 -9.45 -50.12
N GLY D 317 13.57 -10.68 -49.64
CA GLY D 317 14.69 -11.46 -49.18
C GLY D 317 15.32 -10.99 -47.89
N ILE D 318 14.50 -10.54 -46.94
CA ILE D 318 14.95 -10.18 -45.60
C ILE D 318 14.15 -10.99 -44.61
N ASN D 319 14.82 -11.89 -43.88
CA ASN D 319 14.18 -12.82 -42.95
C ASN D 319 14.35 -12.27 -41.54
N LEU D 320 13.25 -11.75 -40.97
CA LEU D 320 13.27 -11.09 -39.66
C LEU D 320 13.29 -12.07 -38.49
N TRP D 321 12.87 -13.32 -38.73
CA TRP D 321 12.89 -14.33 -37.67
C TRP D 321 14.31 -14.77 -37.32
N SER D 322 15.25 -14.73 -38.29
CA SER D 322 16.59 -15.25 -38.09
C SER D 322 17.69 -14.19 -38.11
N THR D 323 17.46 -13.02 -38.69
CA THR D 323 18.53 -12.02 -38.81
C THR D 323 18.82 -11.42 -37.44
N PRO D 324 20.00 -11.62 -36.86
CA PRO D 324 20.27 -11.04 -35.55
C PRO D 324 20.20 -9.51 -35.58
N ALA D 325 19.74 -8.92 -34.48
CA ALA D 325 19.98 -7.51 -34.26
C ALA D 325 21.47 -7.31 -34.00
N SER D 326 21.92 -6.05 -34.05
CA SER D 326 23.36 -5.79 -33.99
C SER D 326 23.95 -6.23 -32.65
N ASN D 327 23.13 -6.29 -31.60
CA ASN D 327 23.59 -6.72 -30.28
C ASN D 327 23.51 -8.25 -30.09
N GLY D 328 23.19 -8.99 -31.16
CA GLY D 328 23.25 -10.44 -31.17
C GLY D 328 21.92 -11.16 -30.99
N LYS D 329 20.90 -10.49 -30.43
CA LYS D 329 19.64 -11.15 -30.16
C LYS D 329 18.77 -11.21 -31.41
N VAL D 330 18.02 -12.31 -31.53
CA VAL D 330 17.21 -12.57 -32.71
C VAL D 330 15.82 -13.02 -32.28
N ALA D 331 14.80 -12.60 -33.04
CA ALA D 331 13.41 -12.79 -32.65
C ALA D 331 13.04 -14.24 -32.41
N SER D 332 13.79 -15.18 -32.99
CA SER D 332 13.54 -16.60 -32.77
C SER D 332 13.70 -17.00 -31.32
N GLN D 333 14.62 -16.34 -30.60
CA GLN D 333 14.77 -16.60 -29.17
C GLN D 333 13.49 -16.27 -28.41
N ALA D 334 12.69 -15.32 -28.92
CA ALA D 334 11.40 -15.00 -28.32
C ALA D 334 10.35 -16.05 -28.64
N VAL D 335 10.37 -16.62 -29.84
CA VAL D 335 9.45 -17.73 -30.13
C VAL D 335 9.86 -18.97 -29.34
N ASP D 336 11.15 -19.12 -29.07
CA ASP D 336 11.61 -20.24 -28.23
C ASP D 336 11.00 -20.15 -26.83
N TYR D 337 11.12 -18.98 -26.21
CA TYR D 337 10.69 -18.82 -24.83
C TYR D 337 9.18 -19.05 -24.67
N LEU D 338 8.39 -18.72 -25.69
CA LEU D 338 6.94 -18.87 -25.62
C LEU D 338 6.45 -20.20 -26.13
N TYR D 339 7.29 -20.96 -26.84
CA TYR D 339 6.86 -22.25 -27.37
C TYR D 339 6.34 -23.17 -26.28
N PRO D 340 7.02 -23.35 -25.13
CA PRO D 340 6.43 -24.17 -24.07
C PRO D 340 5.01 -23.76 -23.74
N PHE D 341 4.80 -22.47 -23.50
CA PHE D 341 3.51 -21.96 -23.09
C PHE D 341 2.47 -21.96 -24.20
N TYR D 342 2.86 -22.19 -25.46
CA TYR D 342 1.85 -22.42 -26.48
C TYR D 342 1.33 -23.84 -26.48
N LEU D 343 2.11 -24.79 -25.94
CA LEU D 343 1.61 -26.14 -25.69
C LEU D 343 0.70 -26.16 -24.47
N ASN D 344 1.13 -25.55 -23.36
CA ASN D 344 0.39 -25.55 -22.11
C ASN D 344 0.33 -24.13 -21.56
N PRO D 345 -0.67 -23.34 -21.98
CA PRO D 345 -0.72 -21.92 -21.61
C PRO D 345 -0.86 -21.63 -20.11
N GLU D 346 -1.40 -22.56 -19.31
CA GLU D 346 -1.58 -22.31 -17.88
C GLU D 346 -0.27 -22.32 -17.12
N ASP D 347 0.77 -22.94 -17.67
CA ASP D 347 2.09 -22.88 -17.06
C ASP D 347 2.56 -21.44 -16.89
N TRP D 348 1.92 -20.52 -17.59
CA TRP D 348 2.34 -19.12 -17.65
C TRP D 348 2.44 -18.54 -16.24
N LYS D 349 3.61 -17.97 -15.95
CA LYS D 349 3.98 -17.54 -14.60
C LYS D 349 3.74 -16.05 -14.37
N PHE D 350 3.04 -15.37 -15.29
CA PHE D 350 2.84 -13.93 -15.17
C PHE D 350 1.37 -13.61 -15.35
N LYS D 351 0.98 -12.40 -14.94
CA LYS D 351 -0.43 -12.05 -14.87
C LYS D 351 -1.07 -12.13 -16.25
N GLN D 352 -2.16 -12.91 -16.34
CA GLN D 352 -2.90 -13.09 -17.58
C GLN D 352 -4.38 -13.26 -17.19
N ILE D 353 -5.04 -12.12 -16.97
CA ILE D 353 -6.35 -12.07 -16.32
C ILE D 353 -7.49 -12.47 -17.26
N LYS D 354 -7.18 -13.17 -18.35
CA LYS D 354 -8.17 -13.68 -19.28
C LYS D 354 -7.60 -14.90 -19.97
N PRO D 355 -8.45 -15.84 -20.40
CA PRO D 355 -7.92 -17.01 -21.11
C PRO D 355 -7.32 -16.60 -22.45
N PHE D 356 -6.13 -17.14 -22.73
CA PHE D 356 -5.42 -16.93 -23.99
C PHE D 356 -5.81 -17.99 -25.02
N ASP D 357 -6.21 -17.54 -26.20
CA ASP D 357 -6.61 -18.41 -27.30
C ASP D 357 -5.36 -19.11 -27.85
N GLN D 358 -5.20 -20.39 -27.50
CA GLN D 358 -4.05 -21.16 -27.98
C GLN D 358 -4.03 -21.25 -29.50
N SER D 359 -5.19 -21.06 -30.15
CA SER D 359 -5.26 -21.18 -31.60
C SER D 359 -4.41 -20.13 -32.32
N ARG D 360 -4.07 -19.03 -31.65
CA ARG D 360 -3.22 -18.03 -32.28
C ARG D 360 -1.83 -18.57 -32.59
N ALA D 361 -1.41 -19.64 -31.91
CA ALA D 361 -0.08 -20.19 -32.14
C ALA D 361 0.04 -20.92 -33.46
N ALA D 362 -1.08 -21.29 -34.09
CA ALA D 362 -1.01 -22.08 -35.30
C ALA D 362 -0.38 -21.28 -36.44
N ILE D 363 -0.89 -20.08 -36.69
CA ILE D 363 -0.36 -19.29 -37.79
C ILE D 363 1.01 -18.72 -37.41
N LEU D 364 1.16 -18.31 -36.17
CA LEU D 364 2.44 -17.76 -35.70
C LEU D 364 3.55 -18.80 -35.80
N LEU D 365 3.32 -20.01 -35.27
CA LEU D 365 4.38 -21.03 -35.29
C LEU D 365 4.61 -21.60 -36.68
N TYR D 366 3.60 -21.63 -37.53
CA TYR D 366 3.87 -22.01 -38.91
C TYR D 366 4.79 -21.00 -39.57
N GLU D 367 4.47 -19.71 -39.45
CA GLU D 367 5.31 -18.69 -40.07
C GLU D 367 6.74 -18.76 -39.56
N ALA D 368 6.91 -18.64 -38.23
CA ALA D 368 8.23 -18.71 -37.65
C ALA D 368 8.85 -20.09 -37.86
N GLY D 369 8.02 -21.13 -37.94
CA GLY D 369 8.55 -22.46 -38.17
C GLY D 369 9.19 -22.60 -39.53
N THR D 370 8.47 -22.22 -40.59
CA THR D 370 9.01 -22.32 -41.93
C THR D 370 10.10 -21.29 -42.19
N ALA D 371 10.08 -20.16 -41.46
CA ALA D 371 11.13 -19.17 -41.66
C ALA D 371 12.45 -19.63 -41.07
N LEU D 372 12.41 -20.34 -39.95
CA LEU D 372 13.62 -20.81 -39.29
C LEU D 372 13.96 -22.25 -39.66
N GLY D 373 13.22 -22.84 -40.61
CA GLY D 373 13.36 -24.26 -40.89
C GLY D 373 13.12 -25.18 -39.70
N ASN D 374 12.48 -24.70 -38.65
CA ASN D 374 12.29 -25.50 -37.45
C ASN D 374 11.09 -26.43 -37.66
N GLN D 375 11.36 -27.72 -37.83
CA GLN D 375 10.32 -28.72 -38.07
C GLN D 375 9.49 -29.01 -36.83
N LYS D 376 10.00 -28.74 -35.62
CA LYS D 376 9.18 -28.85 -34.43
C LYS D 376 8.03 -27.85 -34.48
N TYR D 377 8.35 -26.58 -34.78
CA TYR D 377 7.35 -25.52 -34.82
C TYR D 377 6.29 -25.81 -35.88
N VAL D 378 6.69 -26.32 -37.05
CA VAL D 378 5.69 -26.64 -38.08
C VAL D 378 4.83 -27.82 -37.65
N ASP D 379 5.40 -28.76 -36.88
CA ASP D 379 4.62 -29.89 -36.37
C ASP D 379 3.53 -29.43 -35.40
N THR D 380 3.91 -28.65 -34.39
CA THR D 380 2.94 -28.13 -33.43
C THR D 380 1.89 -27.26 -34.11
N ALA D 381 2.30 -26.48 -35.11
CA ALA D 381 1.36 -25.64 -35.84
C ALA D 381 0.23 -26.45 -36.44
N LYS D 382 0.54 -27.59 -37.07
CA LYS D 382 -0.54 -28.40 -37.65
C LYS D 382 -1.30 -29.17 -36.58
N ARG D 383 -0.66 -29.50 -35.46
CA ARG D 383 -1.37 -30.15 -34.38
C ARG D 383 -2.43 -29.23 -33.79
N ILE D 384 -2.10 -27.95 -33.62
CA ILE D 384 -3.09 -26.96 -33.20
C ILE D 384 -4.16 -26.80 -34.27
N GLY D 385 -3.75 -26.39 -35.47
CA GLY D 385 -4.60 -26.44 -36.64
C GLY D 385 -5.59 -25.28 -36.73
N LEU D 386 -6.17 -25.18 -37.91
CA LEU D 386 -7.27 -24.27 -38.19
C LEU D 386 -8.40 -25.09 -38.77
N LYS D 387 -9.63 -24.83 -38.35
CA LYS D 387 -10.74 -25.65 -38.84
C LYS D 387 -10.92 -25.41 -40.33
N TYR D 388 -11.01 -26.51 -41.08
CA TYR D 388 -11.01 -26.44 -42.54
C TYR D 388 -12.08 -25.51 -43.08
N SER D 389 -13.20 -25.39 -42.38
CA SER D 389 -14.36 -24.67 -42.88
C SER D 389 -14.52 -23.27 -42.28
N THR D 390 -13.57 -22.82 -41.46
CA THR D 390 -13.72 -21.54 -40.77
C THR D 390 -13.89 -20.41 -41.77
N SER D 391 -14.48 -19.32 -41.31
CA SER D 391 -14.66 -18.13 -42.13
C SER D 391 -13.74 -16.99 -41.70
N ASP D 392 -12.80 -17.24 -40.79
CA ASP D 392 -11.78 -16.25 -40.47
C ASP D 392 -10.96 -15.95 -41.73
N VAL D 393 -11.01 -14.69 -42.19
CA VAL D 393 -10.36 -14.37 -43.46
C VAL D 393 -8.84 -14.45 -43.33
N GLU D 394 -8.27 -14.18 -42.16
CA GLU D 394 -6.81 -14.24 -42.08
C GLU D 394 -6.26 -15.65 -42.23
N THR D 395 -7.12 -16.67 -42.28
CA THR D 395 -6.70 -18.06 -42.45
C THR D 395 -6.90 -18.55 -43.88
N ILE D 396 -7.29 -17.68 -44.79
CA ILE D 396 -7.43 -18.08 -46.20
C ILE D 396 -6.14 -18.69 -46.75
N PRO D 397 -4.94 -18.13 -46.49
CA PRO D 397 -3.74 -18.73 -47.11
C PRO D 397 -3.37 -20.09 -46.53
N TYR D 398 -3.90 -20.46 -45.37
CA TYR D 398 -3.29 -21.54 -44.60
C TYR D 398 -4.07 -22.85 -44.69
N LEU D 399 -4.37 -23.30 -45.91
CA LEU D 399 -4.83 -24.68 -46.08
C LEU D 399 -3.82 -25.65 -45.47
N VAL D 400 -2.53 -25.34 -45.57
CA VAL D 400 -1.52 -26.22 -45.01
C VAL D 400 -1.74 -26.46 -43.51
N LEU D 401 -2.56 -25.64 -42.84
CA LEU D 401 -2.91 -25.86 -41.44
C LEU D 401 -4.29 -26.48 -41.28
N LYS D 402 -5.02 -26.66 -42.36
CA LYS D 402 -6.40 -27.14 -42.29
C LYS D 402 -6.49 -28.59 -42.74
C1 BEM E . 7.52 -9.40 12.67
C2 BEM E . 7.42 -9.43 14.21
O2 BEM E . 6.35 -10.24 14.68
C3 BEM E . 8.77 -9.80 14.86
O3 BEM E . 8.57 -10.15 16.22
C4 BEM E . 9.61 -10.85 14.10
O4 BEM E . 11.00 -10.64 14.26
C5 BEM E . 9.40 -10.74 12.57
O5 BEM E . 8.03 -10.64 12.23
C6 BEM E . 10.16 -11.82 11.73
O6B BEM E . 10.93 -12.60 12.29
O6A BEM E . 9.92 -11.78 10.49
O1 BEM E . 6.34 -9.10 12.02
C1 BEM E . 11.55 -10.63 15.58
C2 BEM E . 13.07 -10.87 15.43
O2 BEM E . 13.58 -10.15 14.31
C3 BEM E . 13.85 -10.59 16.72
O3 BEM E . 15.21 -10.69 16.40
C4 BEM E . 13.44 -9.26 17.38
O4 BEM E . 13.94 -8.98 18.68
C5 BEM E . 11.92 -9.37 17.53
O5 BEM E . 11.31 -9.42 16.27
C6 BEM E . 11.41 -8.18 18.33
O6B BEM E . 11.82 -7.08 17.99
O6A BEM E . 10.62 -8.51 19.25
C1 BEM E . 15.07 -8.07 18.71
C2 BEM E . 15.56 -7.89 20.15
O2 BEM E . 15.79 -9.15 20.73
C3 BEM E . 16.82 -7.03 20.25
O3 BEM E . 17.27 -7.01 21.59
C4 BEM E . 17.94 -7.51 19.32
O4 BEM E . 18.88 -6.51 19.01
C5 BEM E . 17.38 -7.98 17.97
O5 BEM E . 16.12 -8.62 17.97
C6 BEM E . 18.35 -9.03 17.39
O6B BEM E . 18.12 -9.45 16.26
O6A BEM E . 19.28 -9.36 18.19
C1 BEM E . 19.82 -6.21 20.08
C2 BEM E . 21.06 -5.52 19.50
O2 BEM E . 20.77 -4.41 18.66
C3 BEM E . 22.05 -5.19 20.63
O3 BEM E . 23.21 -4.58 20.10
C4 BEM E . 21.38 -4.41 21.77
O4 BEM E . 22.28 -4.29 22.85
C5 BEM E . 20.05 -5.12 22.18
O5 BEM E . 19.24 -5.36 21.04
C6 BEM E . 19.13 -4.35 23.16
O6B BEM E . 18.63 -4.95 24.12
O6A BEM E . 18.94 -3.14 22.83
C1 BEM F . 30.34 24.09 18.87
C2 BEM F . 29.86 23.73 20.29
O2 BEM F . 30.28 24.71 21.23
C3 BEM F . 28.35 23.48 20.34
O3 BEM F . 27.95 23.45 21.69
C4 BEM F . 27.50 24.43 19.46
O4 BEM F . 26.30 23.84 19.03
C5 BEM F . 28.26 24.78 18.17
O5 BEM F . 29.58 25.20 18.42
C6 BEM F . 27.48 25.81 17.30
O6B BEM F . 27.24 26.94 17.72
O6A BEM F . 27.13 25.31 16.20
O1 BEM F . 31.69 24.37 18.79
C1 BEM F . 25.25 23.80 20.03
C2 BEM F . 23.91 24.11 19.37
O2 BEM F . 23.81 23.42 18.14
C3 BEM F . 22.71 23.80 20.29
O3 BEM F . 21.48 24.01 19.63
C4 BEM F . 22.84 22.41 20.92
O4 BEM F . 21.89 22.16 21.93
C5 BEM F . 24.22 22.39 21.59
O5 BEM F . 25.23 22.52 20.62
C6 BEM F . 24.37 21.10 22.38
O6B BEM F . 24.31 20.02 21.78
O6A BEM F . 24.52 21.33 23.61
C1 BEM F . 20.94 21.15 21.53
C2 BEM F . 20.13 20.78 22.77
O2 BEM F . 19.84 21.98 23.48
C3 BEM F . 18.86 19.98 22.45
O3 BEM F . 18.02 19.95 23.59
C4 BEM F . 18.06 20.52 21.28
O4 BEM F . 17.36 19.47 20.66
C5 BEM F . 18.95 21.12 20.17
O5 BEM F . 20.13 21.75 20.58
C6 BEM F . 18.19 22.24 19.44
O6B BEM F . 18.79 22.87 18.56
O6A BEM F . 17.00 22.43 19.84
C1 BEM F . 16.16 19.04 21.36
C2 BEM F . 15.12 18.64 20.30
O2 BEM F . 15.68 17.70 19.38
C3 BEM F . 13.85 18.13 20.98
O3 BEM F . 12.90 17.77 20.02
C4 BEM F . 14.16 17.07 22.04
O4 BEM F . 12.99 16.78 22.76
C5 BEM F . 15.30 17.56 22.95
O5 BEM F . 16.42 17.94 22.21
C6 BEM F . 15.77 16.53 24.01
O6B BEM F . 16.05 15.38 23.66
O6A BEM F . 15.86 17.02 25.16
C1 BEM G . -25.80 -26.92 -21.44
C2 BEM G . -26.31 -25.71 -22.23
O2 BEM G . -27.45 -26.03 -23.00
C3 BEM G . -26.54 -24.49 -21.32
O3 BEM G . -27.22 -23.50 -22.04
C4 BEM G . -27.17 -24.80 -19.94
O4 BEM G . -26.79 -23.84 -18.98
C5 BEM G . -26.66 -26.15 -19.40
O5 BEM G . -26.71 -27.17 -20.39
C6 BEM G . -27.39 -26.63 -18.12
O6B BEM G . -28.59 -26.91 -18.15
O6A BEM G . -26.64 -26.70 -17.11
O1 BEM G . -25.67 -28.08 -22.18
C1 BEM G . -27.35 -22.51 -19.12
C2 BEM G . -27.36 -21.86 -17.74
O2 BEM G . -26.11 -22.05 -17.10
C3 BEM G . -27.77 -20.37 -17.80
O3 BEM G . -27.76 -19.84 -16.49
C4 BEM G . -26.96 -19.59 -18.86
O4 BEM G . -27.40 -18.27 -19.14
C5 BEM G . -27.13 -20.42 -20.14
O5 BEM G . -26.60 -21.71 -20.00
C6 BEM G . -26.48 -19.67 -21.31
O6B BEM G . -25.29 -19.35 -21.21
O6A BEM G . -27.30 -19.47 -22.24
C1 BEM G . -26.51 -17.22 -18.68
C2 BEM G . -27.21 -15.89 -18.99
O2 BEM G . -28.61 -16.06 -18.83
C3 BEM G . -26.67 -14.67 -18.23
O3 BEM G . -27.51 -13.56 -18.42
C4 BEM G . -26.44 -14.92 -16.73
O4 BEM G . -25.38 -14.12 -16.25
C5 BEM G . -26.03 -16.37 -16.41
O5 BEM G . -26.27 -17.42 -17.33
C6 BEM G . -26.67 -16.89 -15.09
O6B BEM G . -26.50 -18.08 -14.81
O6A BEM G . -27.34 -16.02 -14.44
C1 BEM G . -25.63 -12.70 -16.07
C2 BEM G . -24.72 -12.16 -14.96
O2 BEM G . -23.37 -12.59 -15.05
C3 BEM G . -24.77 -10.63 -14.86
O3 BEM G . -23.84 -10.19 -13.90
C4 BEM G . -24.57 -9.96 -16.20
O4 BEM G . -24.73 -8.57 -16.10
C5 BEM G . -25.55 -10.59 -17.21
O5 BEM G . -25.40 -11.99 -17.27
C6 BEM G . -25.32 -10.00 -18.62
O6B BEM G . -24.15 -9.80 -18.98
O6A BEM G . -26.39 -9.80 -19.26
C1 BEM H . 1.59 4.34 -17.29
C2 BEM H . 0.43 4.77 -18.17
O2 BEM H . 0.49 6.16 -18.47
C3 BEM H . 0.31 3.88 -19.43
O3 BEM H . -0.61 4.49 -20.33
C4 BEM H . 1.63 3.44 -20.08
O4 BEM H . 1.49 2.22 -20.79
C5 BEM H . 2.68 3.20 -18.97
O5 BEM H . 2.76 4.29 -18.09
C6 BEM H . 4.08 2.85 -19.51
O6B BEM H . 5.07 3.48 -19.08
O6A BEM H . 4.10 1.91 -20.36
O1 BEM H . 1.80 5.17 -16.20
C1 BEM H . 0.70 2.29 -22.00
C2 BEM H . 1.10 1.09 -22.87
O2 BEM H . 1.16 -0.08 -22.05
C3 BEM H . 0.21 0.97 -24.12
O3 BEM H . 0.55 -0.17 -24.87
C4 BEM H . -1.28 1.08 -23.77
O4 BEM H . -2.17 1.21 -24.85
C5 BEM H . -1.44 2.36 -22.94
O5 BEM H . -0.69 2.22 -21.76
C6 BEM H . -2.95 2.58 -22.70
O6B BEM H . -3.58 1.69 -22.14
O6A BEM H . -3.38 3.65 -23.15
C1 BEM H . -2.81 -0.04 -25.15
C2 BEM H . -3.92 0.17 -26.18
O2 BEM H . -3.45 0.95 -27.28
C3 BEM H . -4.53 -1.13 -26.68
O3 BEM H . -5.41 -0.86 -27.74
C4 BEM H . -3.49 -2.18 -27.08
O4 BEM H . -4.07 -3.47 -26.99
C5 BEM H . -2.23 -2.18 -26.17
O5 BEM H . -1.82 -0.93 -25.64
C6 BEM H . -0.96 -2.66 -26.89
O6B BEM H . 0.09 -2.64 -26.25
O6A BEM H . -1.11 -3.03 -28.09
C1 BEM H . -4.79 -3.87 -28.17
C2 BEM H . -4.75 -5.41 -28.28
O2 BEM H . -5.14 -6.04 -27.08
C3 BEM H . -5.58 -5.86 -29.47
O3 BEM H . -5.52 -7.26 -29.62
C4 BEM H . -7.00 -5.31 -29.40
O4 BEM H . -7.71 -5.65 -30.57
C5 BEM H . -6.92 -3.79 -29.23
O5 BEM H . -6.14 -3.43 -28.12
C6 BEM H . -8.32 -3.16 -29.08
O6B BEM H . -9.14 -3.72 -28.35
O6A BEM H . -8.48 -2.08 -29.74
S SO4 I . 27.05 -5.97 24.25
O1 SO4 I . 27.80 -6.70 25.33
O2 SO4 I . 25.78 -5.38 24.87
O3 SO4 I . 27.94 -4.87 23.71
O4 SO4 I . 26.73 -6.91 23.12
S SO4 J . 7.76 18.62 22.22
O1 SO4 J . 9.02 17.97 22.73
O2 SO4 J . 6.83 18.82 23.40
O3 SO4 J . 8.09 19.94 21.58
O4 SO4 J . 7.10 17.74 21.19
S SO4 K . 13.90 44.47 22.75
O1 SO4 K . 14.90 45.03 23.73
O2 SO4 K . 12.74 45.41 22.65
O3 SO4 K . 14.59 44.29 21.42
O4 SO4 K . 13.37 43.14 23.23
S SO4 L . -26.98 -5.79 -11.44
O1 SO4 L . -26.20 -6.82 -10.67
O2 SO4 L . -28.04 -5.23 -10.52
O3 SO4 L . -26.04 -4.72 -11.88
O4 SO4 L . -27.63 -6.36 -12.66
S SO4 M . -23.40 -3.37 -57.61
O1 SO4 M . -22.29 -4.29 -57.19
O2 SO4 M . -23.85 -2.54 -56.43
O3 SO4 M . -22.88 -2.43 -58.66
O4 SO4 M . -24.59 -4.14 -58.13
S SO4 N . -6.25 -8.03 -35.38
O1 SO4 N . -5.24 -8.42 -34.32
O2 SO4 N . -7.47 -7.44 -34.73
O3 SO4 N . -5.58 -7.01 -36.25
O4 SO4 N . -6.65 -9.20 -36.23
#